data_2JBY
# 
_entry.id   2JBY 
# 
_audit_conform.dict_name       mmcif_pdbx.dic 
_audit_conform.dict_version    5.397 
_audit_conform.dict_location   http://mmcif.pdb.org/dictionaries/ascii/mmcif_pdbx.dic 
# 
loop_
_database_2.database_id 
_database_2.database_code 
_database_2.pdbx_database_accession 
_database_2.pdbx_DOI 
PDB   2JBY         pdb_00002jby 10.2210/pdb2jby/pdb 
PDBE  EBI-30815    ?            ?                   
WWPDB D_1290030815 ?            ?                   
# 
loop_
_pdbx_audit_revision_history.ordinal 
_pdbx_audit_revision_history.data_content_type 
_pdbx_audit_revision_history.major_revision 
_pdbx_audit_revision_history.minor_revision 
_pdbx_audit_revision_history.revision_date 
1 'Structure model' 1 0 2007-03-27 
2 'Structure model' 1 1 2011-07-13 
3 'Structure model' 1 2 2018-06-13 
4 'Structure model' 1 3 2024-10-16 
# 
_pdbx_audit_revision_details.ordinal             1 
_pdbx_audit_revision_details.revision_ordinal    1 
_pdbx_audit_revision_details.data_content_type   'Structure model' 
_pdbx_audit_revision_details.provider            repository 
_pdbx_audit_revision_details.type                'Initial release' 
_pdbx_audit_revision_details.description         ? 
_pdbx_audit_revision_details.details             ? 
# 
loop_
_pdbx_audit_revision_group.ordinal 
_pdbx_audit_revision_group.revision_ordinal 
_pdbx_audit_revision_group.data_content_type 
_pdbx_audit_revision_group.group 
1  2 'Structure model' Advisory                    
2  2 'Structure model' 'Version format compliance' 
3  3 'Structure model' Advisory                    
4  3 'Structure model' 'Data collection'           
5  3 'Structure model' 'Database references'       
6  4 'Structure model' Advisory                    
7  4 'Structure model' 'Data collection'           
8  4 'Structure model' 'Database references'       
9  4 'Structure model' Other                       
10 4 'Structure model' 'Structure summary'         
# 
loop_
_pdbx_audit_revision_category.ordinal 
_pdbx_audit_revision_category.revision_ordinal 
_pdbx_audit_revision_category.data_content_type 
_pdbx_audit_revision_category.category 
1  3 'Structure model' citation                     
2  3 'Structure model' citation_author              
3  3 'Structure model' diffrn_radiation             
4  3 'Structure model' pdbx_unobs_or_zero_occ_atoms 
5  4 'Structure model' chem_comp_atom               
6  4 'Structure model' chem_comp_bond               
7  4 'Structure model' database_2                   
8  4 'Structure model' pdbx_database_status         
9  4 'Structure model' pdbx_entry_details           
10 4 'Structure model' pdbx_modification_feature    
11 4 'Structure model' pdbx_unobs_or_zero_occ_atoms 
# 
loop_
_pdbx_audit_revision_item.ordinal 
_pdbx_audit_revision_item.revision_ordinal 
_pdbx_audit_revision_item.data_content_type 
_pdbx_audit_revision_item.item 
1 3 'Structure model' '_citation.journal_abbrev'               
2 3 'Structure model' '_citation.page_last'                    
3 3 'Structure model' '_citation.pdbx_database_id_DOI'         
4 3 'Structure model' '_citation.title'                        
5 3 'Structure model' '_citation_author.name'                  
6 3 'Structure model' '_diffrn_radiation.pdbx_diffrn_protocol' 
7 4 'Structure model' '_database_2.pdbx_DOI'                   
8 4 'Structure model' '_database_2.pdbx_database_accession'    
9 4 'Structure model' '_pdbx_database_status.status_code_sf'   
# 
_pdbx_database_status.status_code                     REL 
_pdbx_database_status.entry_id                        2JBY 
_pdbx_database_status.deposit_site                    PDBE 
_pdbx_database_status.process_site                    PDBE 
_pdbx_database_status.SG_entry                        . 
_pdbx_database_status.recvd_initial_deposition_date   2006-12-14 
_pdbx_database_status.pdb_format_compatible           Y 
_pdbx_database_status.status_code_sf                  REL 
_pdbx_database_status.status_code_mr                  ? 
_pdbx_database_status.status_code_cs                  ? 
_pdbx_database_status.methods_development_category    ? 
_pdbx_database_status.status_code_nmr_data            ? 
# 
_pdbx_database_related.db_name        PDB 
_pdbx_database_related.db_id          2JBX 
_pdbx_database_related.content_type   unspecified 
_pdbx_database_related.details        'CRYSTAL STRUCTURE OF THE MYXOMA VIRUS ANTI- APOPTOTIC PROTEIN M11L' 
# 
loop_
_audit_author.name 
_audit_author.pdbx_ordinal 
_audit_author.identifier_ORCID 
'Kvansakul, M.'   1 ? 
'Van Delft, M.F.' 2 ? 
'Lee, E.F.'       3 ? 
'Gulbis, J.M.'    4 ? 
'Fairlie, W.D.'   5 ? 
'Huang, D.C.S.'   6 ? 
'Colman, P.M.'    7 ? 
# 
_citation.id                        primary 
_citation.title                     
'A structural viral mimic of prosurvival Bcl-2: a pivotal role for sequestering proapoptotic Bax and Bak.' 
_citation.journal_abbrev            'Mol. Cell' 
_citation.journal_volume            25 
_citation.page_first                933 
_citation.page_last                 942 
_citation.year                      2007 
_citation.journal_id_ASTM           MOCEFL 
_citation.country                   US 
_citation.journal_id_ISSN           1097-2765 
_citation.journal_id_CSD            2168 
_citation.book_publisher            ? 
_citation.pdbx_database_id_PubMed   17386268 
_citation.pdbx_database_id_DOI      10.1016/j.molcel.2007.02.004 
# 
loop_
_citation_author.citation_id 
_citation_author.name 
_citation_author.ordinal 
_citation_author.identifier_ORCID 
primary 'Kvansakul, M.'   1 ? 
primary 'van Delft, M.F.' 2 ? 
primary 'Lee, E.F.'       3 ? 
primary 'Gulbis, J.M.'    4 ? 
primary 'Fairlie, W.D.'   5 ? 
primary 'Huang, D.C.'     6 ? 
primary 'Colman, P.M.'    7 ? 
# 
loop_
_entity.id 
_entity.type 
_entity.src_method 
_entity.pdbx_description 
_entity.formula_weight 
_entity.pdbx_number_of_molecules 
_entity.pdbx_ec 
_entity.pdbx_mutation 
_entity.pdbx_fragment 
_entity.details 
1 polymer     man 'M11L PROTEIN'                         16599.957 1  ? ? 'RESIDUES 1-132'             ? 
2 polymer     syn 'BCL-2 HOMOLOGOUS ANTAGONIST/KILLER 2' 2882.151  1  ? ? 'BH3 DOMAIN, RESIDUES 67-92' ? 
3 non-polymer syn 'SODIUM ION'                           22.990    1  ? ? ?                            ? 
4 water       nat water                                  18.015    58 ? ? ?                            ? 
# 
loop_
_entity_name_com.entity_id 
_entity_name_com.name 
1 'APOPTOSIS REGULATOR M11L, M11L' 
2 'APOPTOSIS REGULATOR BAK-2, BAK' 
# 
loop_
_entity_poly.entity_id 
_entity_poly.type 
_entity_poly.nstd_linkage 
_entity_poly.nstd_monomer 
_entity_poly.pdbx_seq_one_letter_code 
_entity_poly.pdbx_seq_one_letter_code_can 
_entity_poly.pdbx_strand_id 
_entity_poly.pdbx_target_identifier 
1 'polypeptide(L)' no no 
;MGSHHHHHHSQDPMMSRLKTAVYDYLNDVDITECTEMDLLCQLSNCCDFINETYAKNYDTLYDIMERDILSYNIVNIKNT
LTFALRDASPSVKLATLTLLASVIKKLNKIQHTDAAMFSEVIDGIVAEEQQVIGFIQKKCKYNTT
;
;MGSHHHHHHSQDPMMSRLKTAVYDYLNDVDITECTEMDLLCQLSNCCDFINETYAKNYDTLYDIMERDILSYNIVNIKNT
LTFALRDASPSVKLATLTLLASVIKKLNKIQHTDAAMFSEVIDGIVAEEQQVIGFIQKKCKYNTT
;
A ? 
2 'polypeptide(L)' no no PSSTMGQVGRQLAIIGDDINRRYDSE PSSTMGQVGRQLAIIGDDINRRYDSE B ? 
# 
loop_
_pdbx_entity_nonpoly.entity_id 
_pdbx_entity_nonpoly.name 
_pdbx_entity_nonpoly.comp_id 
3 'SODIUM ION' NA  
4 water        HOH 
# 
loop_
_entity_poly_seq.entity_id 
_entity_poly_seq.num 
_entity_poly_seq.mon_id 
_entity_poly_seq.hetero 
1 1   MET n 
1 2   GLY n 
1 3   SER n 
1 4   HIS n 
1 5   HIS n 
1 6   HIS n 
1 7   HIS n 
1 8   HIS n 
1 9   HIS n 
1 10  SER n 
1 11  GLN n 
1 12  ASP n 
1 13  PRO n 
1 14  MET n 
1 15  MET n 
1 16  SER n 
1 17  ARG n 
1 18  LEU n 
1 19  LYS n 
1 20  THR n 
1 21  ALA n 
1 22  VAL n 
1 23  TYR n 
1 24  ASP n 
1 25  TYR n 
1 26  LEU n 
1 27  ASN n 
1 28  ASP n 
1 29  VAL n 
1 30  ASP n 
1 31  ILE n 
1 32  THR n 
1 33  GLU n 
1 34  CYS n 
1 35  THR n 
1 36  GLU n 
1 37  MET n 
1 38  ASP n 
1 39  LEU n 
1 40  LEU n 
1 41  CYS n 
1 42  GLN n 
1 43  LEU n 
1 44  SER n 
1 45  ASN n 
1 46  CYS n 
1 47  CYS n 
1 48  ASP n 
1 49  PHE n 
1 50  ILE n 
1 51  ASN n 
1 52  GLU n 
1 53  THR n 
1 54  TYR n 
1 55  ALA n 
1 56  LYS n 
1 57  ASN n 
1 58  TYR n 
1 59  ASP n 
1 60  THR n 
1 61  LEU n 
1 62  TYR n 
1 63  ASP n 
1 64  ILE n 
1 65  MET n 
1 66  GLU n 
1 67  ARG n 
1 68  ASP n 
1 69  ILE n 
1 70  LEU n 
1 71  SER n 
1 72  TYR n 
1 73  ASN n 
1 74  ILE n 
1 75  VAL n 
1 76  ASN n 
1 77  ILE n 
1 78  LYS n 
1 79  ASN n 
1 80  THR n 
1 81  LEU n 
1 82  THR n 
1 83  PHE n 
1 84  ALA n 
1 85  LEU n 
1 86  ARG n 
1 87  ASP n 
1 88  ALA n 
1 89  SER n 
1 90  PRO n 
1 91  SER n 
1 92  VAL n 
1 93  LYS n 
1 94  LEU n 
1 95  ALA n 
1 96  THR n 
1 97  LEU n 
1 98  THR n 
1 99  LEU n 
1 100 LEU n 
1 101 ALA n 
1 102 SER n 
1 103 VAL n 
1 104 ILE n 
1 105 LYS n 
1 106 LYS n 
1 107 LEU n 
1 108 ASN n 
1 109 LYS n 
1 110 ILE n 
1 111 GLN n 
1 112 HIS n 
1 113 THR n 
1 114 ASP n 
1 115 ALA n 
1 116 ALA n 
1 117 MET n 
1 118 PHE n 
1 119 SER n 
1 120 GLU n 
1 121 VAL n 
1 122 ILE n 
1 123 ASP n 
1 124 GLY n 
1 125 ILE n 
1 126 VAL n 
1 127 ALA n 
1 128 GLU n 
1 129 GLU n 
1 130 GLN n 
1 131 GLN n 
1 132 VAL n 
1 133 ILE n 
1 134 GLY n 
1 135 PHE n 
1 136 ILE n 
1 137 GLN n 
1 138 LYS n 
1 139 LYS n 
1 140 CYS n 
1 141 LYS n 
1 142 TYR n 
1 143 ASN n 
1 144 THR n 
1 145 THR n 
2 1   PRO n 
2 2   SER n 
2 3   SER n 
2 4   THR n 
2 5   MET n 
2 6   GLY n 
2 7   GLN n 
2 8   VAL n 
2 9   GLY n 
2 10  ARG n 
2 11  GLN n 
2 12  LEU n 
2 13  ALA n 
2 14  ILE n 
2 15  ILE n 
2 16  GLY n 
2 17  ASP n 
2 18  ASP n 
2 19  ILE n 
2 20  ASN n 
2 21  ARG n 
2 22  ARG n 
2 23  TYR n 
2 24  ASP n 
2 25  SER n 
2 26  GLU n 
# 
_entity_src_gen.entity_id                          1 
_entity_src_gen.pdbx_src_id                        1 
_entity_src_gen.pdbx_alt_source_flag               sample 
_entity_src_gen.pdbx_seq_type                      ? 
_entity_src_gen.pdbx_beg_seq_num                   ? 
_entity_src_gen.pdbx_end_seq_num                   ? 
_entity_src_gen.gene_src_common_name               ? 
_entity_src_gen.gene_src_genus                     ? 
_entity_src_gen.pdbx_gene_src_gene                 ? 
_entity_src_gen.gene_src_species                   ? 
_entity_src_gen.gene_src_strain                    LAUSANNE 
_entity_src_gen.gene_src_tissue                    ? 
_entity_src_gen.gene_src_tissue_fraction           ? 
_entity_src_gen.gene_src_details                   ? 
_entity_src_gen.pdbx_gene_src_fragment             ? 
_entity_src_gen.pdbx_gene_src_scientific_name      'MYXOMA VIRUS' 
_entity_src_gen.pdbx_gene_src_ncbi_taxonomy_id     10273 
_entity_src_gen.pdbx_gene_src_variant              ? 
_entity_src_gen.pdbx_gene_src_cell_line            ? 
_entity_src_gen.pdbx_gene_src_atcc                 ? 
_entity_src_gen.pdbx_gene_src_organ                ? 
_entity_src_gen.pdbx_gene_src_organelle            ? 
_entity_src_gen.pdbx_gene_src_cell                 ? 
_entity_src_gen.pdbx_gene_src_cellular_location    ? 
_entity_src_gen.host_org_common_name               ? 
_entity_src_gen.pdbx_host_org_scientific_name      'ESCHERICHIA COLI' 
_entity_src_gen.pdbx_host_org_ncbi_taxonomy_id     511693 
_entity_src_gen.host_org_genus                     ? 
_entity_src_gen.pdbx_host_org_gene                 ? 
_entity_src_gen.pdbx_host_org_organ                ? 
_entity_src_gen.host_org_species                   ? 
_entity_src_gen.pdbx_host_org_tissue               ? 
_entity_src_gen.pdbx_host_org_tissue_fraction      ? 
_entity_src_gen.pdbx_host_org_strain               BL21 
_entity_src_gen.pdbx_host_org_variant              PLYS 
_entity_src_gen.pdbx_host_org_cell_line            ? 
_entity_src_gen.pdbx_host_org_atcc                 ? 
_entity_src_gen.pdbx_host_org_culture_collection   ? 
_entity_src_gen.pdbx_host_org_cell                 ? 
_entity_src_gen.pdbx_host_org_organelle            ? 
_entity_src_gen.pdbx_host_org_cellular_location    ? 
_entity_src_gen.pdbx_host_org_vector_type          PLASMID 
_entity_src_gen.pdbx_host_org_vector               PDUET 
_entity_src_gen.host_org_details                   ? 
_entity_src_gen.expression_system_id               ? 
_entity_src_gen.plasmid_name                       ? 
_entity_src_gen.plasmid_details                    ? 
_entity_src_gen.pdbx_description                   ? 
# 
_pdbx_entity_src_syn.entity_id              2 
_pdbx_entity_src_syn.pdbx_src_id            1 
_pdbx_entity_src_syn.pdbx_alt_source_flag   sample 
_pdbx_entity_src_syn.pdbx_beg_seq_num       ? 
_pdbx_entity_src_syn.pdbx_end_seq_num       ? 
_pdbx_entity_src_syn.organism_scientific    'HOMO SAPIENS' 
_pdbx_entity_src_syn.organism_common_name   HUMAN 
_pdbx_entity_src_syn.ncbi_taxonomy_id       9606 
_pdbx_entity_src_syn.details                ? 
# 
loop_
_chem_comp.id 
_chem_comp.type 
_chem_comp.mon_nstd_flag 
_chem_comp.name 
_chem_comp.pdbx_synonyms 
_chem_comp.formula 
_chem_comp.formula_weight 
ALA 'L-peptide linking' y ALANINE         ? 'C3 H7 N O2'     89.093  
ARG 'L-peptide linking' y ARGININE        ? 'C6 H15 N4 O2 1' 175.209 
ASN 'L-peptide linking' y ASPARAGINE      ? 'C4 H8 N2 O3'    132.118 
ASP 'L-peptide linking' y 'ASPARTIC ACID' ? 'C4 H7 N O4'     133.103 
CYS 'L-peptide linking' y CYSTEINE        ? 'C3 H7 N O2 S'   121.158 
GLN 'L-peptide linking' y GLUTAMINE       ? 'C5 H10 N2 O3'   146.144 
GLU 'L-peptide linking' y 'GLUTAMIC ACID' ? 'C5 H9 N O4'     147.129 
GLY 'peptide linking'   y GLYCINE         ? 'C2 H5 N O2'     75.067  
HIS 'L-peptide linking' y HISTIDINE       ? 'C6 H10 N3 O2 1' 156.162 
HOH non-polymer         . WATER           ? 'H2 O'           18.015  
ILE 'L-peptide linking' y ISOLEUCINE      ? 'C6 H13 N O2'    131.173 
LEU 'L-peptide linking' y LEUCINE         ? 'C6 H13 N O2'    131.173 
LYS 'L-peptide linking' y LYSINE          ? 'C6 H15 N2 O2 1' 147.195 
MET 'L-peptide linking' y METHIONINE      ? 'C5 H11 N O2 S'  149.211 
NA  non-polymer         . 'SODIUM ION'    ? 'Na 1'           22.990  
PHE 'L-peptide linking' y PHENYLALANINE   ? 'C9 H11 N O2'    165.189 
PRO 'L-peptide linking' y PROLINE         ? 'C5 H9 N O2'     115.130 
SER 'L-peptide linking' y SERINE          ? 'C3 H7 N O3'     105.093 
THR 'L-peptide linking' y THREONINE       ? 'C4 H9 N O3'     119.119 
TYR 'L-peptide linking' y TYROSINE        ? 'C9 H11 N O3'    181.189 
VAL 'L-peptide linking' y VALINE          ? 'C5 H11 N O2'    117.146 
# 
loop_
_pdbx_poly_seq_scheme.asym_id 
_pdbx_poly_seq_scheme.entity_id 
_pdbx_poly_seq_scheme.seq_id 
_pdbx_poly_seq_scheme.mon_id 
_pdbx_poly_seq_scheme.ndb_seq_num 
_pdbx_poly_seq_scheme.pdb_seq_num 
_pdbx_poly_seq_scheme.auth_seq_num 
_pdbx_poly_seq_scheme.pdb_mon_id 
_pdbx_poly_seq_scheme.auth_mon_id 
_pdbx_poly_seq_scheme.pdb_strand_id 
_pdbx_poly_seq_scheme.pdb_ins_code 
_pdbx_poly_seq_scheme.hetero 
A 1 1   MET 1   -12 ?   ?   ?   A . n 
A 1 2   GLY 2   -11 ?   ?   ?   A . n 
A 1 3   SER 3   -10 ?   ?   ?   A . n 
A 1 4   HIS 4   -9  ?   ?   ?   A . n 
A 1 5   HIS 5   -8  ?   ?   ?   A . n 
A 1 6   HIS 6   -7  ?   ?   ?   A . n 
A 1 7   HIS 7   -6  ?   ?   ?   A . n 
A 1 8   HIS 8   -5  ?   ?   ?   A . n 
A 1 9   HIS 9   -4  ?   ?   ?   A . n 
A 1 10  SER 10  -3  ?   ?   ?   A . n 
A 1 11  GLN 11  -2  ?   ?   ?   A . n 
A 1 12  ASP 12  -1  ?   ?   ?   A . n 
A 1 13  PRO 13  0   ?   ?   ?   A . n 
A 1 14  MET 14  1   ?   ?   ?   A . n 
A 1 15  MET 15  2   2   MET MET A . n 
A 1 16  SER 16  3   3   SER SER A . n 
A 1 17  ARG 17  4   4   ARG ARG A . n 
A 1 18  LEU 18  5   5   LEU LEU A . n 
A 1 19  LYS 19  6   6   LYS LYS A . n 
A 1 20  THR 20  7   7   THR THR A . n 
A 1 21  ALA 21  8   8   ALA ALA A . n 
A 1 22  VAL 22  9   9   VAL VAL A . n 
A 1 23  TYR 23  10  10  TYR TYR A . n 
A 1 24  ASP 24  11  11  ASP ASP A . n 
A 1 25  TYR 25  12  12  TYR TYR A . n 
A 1 26  LEU 26  13  13  LEU LEU A . n 
A 1 27  ASN 27  14  14  ASN ASN A . n 
A 1 28  ASP 28  15  15  ASP ASP A . n 
A 1 29  VAL 29  16  16  VAL VAL A . n 
A 1 30  ASP 30  17  17  ASP ASP A . n 
A 1 31  ILE 31  18  18  ILE ILE A . n 
A 1 32  THR 32  19  19  THR THR A . n 
A 1 33  GLU 33  20  20  GLU GLU A . n 
A 1 34  CYS 34  21  21  CYS CYS A . n 
A 1 35  THR 35  22  22  THR THR A . n 
A 1 36  GLU 36  23  23  GLU GLU A . n 
A 1 37  MET 37  24  24  MET MET A . n 
A 1 38  ASP 38  25  25  ASP ASP A . n 
A 1 39  LEU 39  26  26  LEU LEU A . n 
A 1 40  LEU 40  27  27  LEU LEU A . n 
A 1 41  CYS 41  28  28  CYS CYS A . n 
A 1 42  GLN 42  29  29  GLN GLN A . n 
A 1 43  LEU 43  30  30  LEU LEU A . n 
A 1 44  SER 44  31  31  SER SER A . n 
A 1 45  ASN 45  32  32  ASN ASN A . n 
A 1 46  CYS 46  33  33  CYS CYS A . n 
A 1 47  CYS 47  34  34  CYS CYS A . n 
A 1 48  ASP 48  35  35  ASP ASP A . n 
A 1 49  PHE 49  36  36  PHE PHE A . n 
A 1 50  ILE 50  37  37  ILE ILE A . n 
A 1 51  ASN 51  38  38  ASN ASN A . n 
A 1 52  GLU 52  39  39  GLU GLU A . n 
A 1 53  THR 53  40  40  THR THR A . n 
A 1 54  TYR 54  41  41  TYR TYR A . n 
A 1 55  ALA 55  42  42  ALA ALA A . n 
A 1 56  LYS 56  43  43  LYS LYS A . n 
A 1 57  ASN 57  44  44  ASN ASN A . n 
A 1 58  TYR 58  45  45  TYR TYR A . n 
A 1 59  ASP 59  46  46  ASP ASP A . n 
A 1 60  THR 60  47  47  THR THR A . n 
A 1 61  LEU 61  48  48  LEU LEU A . n 
A 1 62  TYR 62  49  49  TYR TYR A . n 
A 1 63  ASP 63  50  50  ASP ASP A . n 
A 1 64  ILE 64  51  51  ILE ILE A . n 
A 1 65  MET 65  52  52  MET MET A . n 
A 1 66  GLU 66  53  53  GLU GLU A . n 
A 1 67  ARG 67  54  54  ARG ARG A . n 
A 1 68  ASP 68  55  55  ASP ASP A . n 
A 1 69  ILE 69  56  56  ILE ILE A . n 
A 1 70  LEU 70  57  57  LEU LEU A . n 
A 1 71  SER 71  58  58  SER SER A . n 
A 1 72  TYR 72  59  59  TYR TYR A . n 
A 1 73  ASN 73  60  60  ASN ASN A . n 
A 1 74  ILE 74  61  61  ILE ILE A . n 
A 1 75  VAL 75  62  62  VAL VAL A . n 
A 1 76  ASN 76  63  63  ASN ASN A . n 
A 1 77  ILE 77  64  64  ILE ILE A . n 
A 1 78  LYS 78  65  65  LYS LYS A . n 
A 1 79  ASN 79  66  66  ASN ASN A . n 
A 1 80  THR 80  67  67  THR THR A . n 
A 1 81  LEU 81  68  68  LEU LEU A . n 
A 1 82  THR 82  69  69  THR THR A . n 
A 1 83  PHE 83  70  70  PHE PHE A . n 
A 1 84  ALA 84  71  71  ALA ALA A . n 
A 1 85  LEU 85  72  72  LEU LEU A . n 
A 1 86  ARG 86  73  73  ARG ARG A . n 
A 1 87  ASP 87  74  74  ASP ASP A . n 
A 1 88  ALA 88  75  75  ALA ALA A . n 
A 1 89  SER 89  76  76  SER SER A . n 
A 1 90  PRO 90  77  77  PRO PRO A . n 
A 1 91  SER 91  78  78  SER SER A . n 
A 1 92  VAL 92  79  79  VAL VAL A . n 
A 1 93  LYS 93  80  80  LYS LYS A . n 
A 1 94  LEU 94  81  81  LEU LEU A . n 
A 1 95  ALA 95  82  82  ALA ALA A . n 
A 1 96  THR 96  83  83  THR THR A . n 
A 1 97  LEU 97  84  84  LEU LEU A . n 
A 1 98  THR 98  85  85  THR THR A . n 
A 1 99  LEU 99  86  86  LEU LEU A . n 
A 1 100 LEU 100 87  87  LEU LEU A . n 
A 1 101 ALA 101 88  88  ALA ALA A . n 
A 1 102 SER 102 89  89  SER SER A . n 
A 1 103 VAL 103 90  90  VAL VAL A . n 
A 1 104 ILE 104 91  91  ILE ILE A . n 
A 1 105 LYS 105 92  92  LYS LYS A . n 
A 1 106 LYS 106 93  93  LYS LYS A . n 
A 1 107 LEU 107 94  94  LEU LEU A . n 
A 1 108 ASN 108 95  95  ASN ASN A . n 
A 1 109 LYS 109 96  96  LYS LYS A . n 
A 1 110 ILE 110 97  97  ILE ILE A . n 
A 1 111 GLN 111 98  98  GLN GLN A . n 
A 1 112 HIS 112 99  99  HIS HIS A . n 
A 1 113 THR 113 100 100 THR THR A . n 
A 1 114 ASP 114 101 101 ASP ASP A . n 
A 1 115 ALA 115 102 102 ALA ALA A . n 
A 1 116 ALA 116 103 103 ALA ALA A . n 
A 1 117 MET 117 104 104 MET MET A . n 
A 1 118 PHE 118 105 105 PHE PHE A . n 
A 1 119 SER 119 106 106 SER SER A . n 
A 1 120 GLU 120 107 107 GLU GLU A . n 
A 1 121 VAL 121 108 108 VAL VAL A . n 
A 1 122 ILE 122 109 109 ILE ILE A . n 
A 1 123 ASP 123 110 110 ASP ASP A . n 
A 1 124 GLY 124 111 111 GLY GLY A . n 
A 1 125 ILE 125 112 112 ILE ILE A . n 
A 1 126 VAL 126 113 113 VAL VAL A . n 
A 1 127 ALA 127 114 114 ALA ALA A . n 
A 1 128 GLU 128 115 115 GLU GLU A . n 
A 1 129 GLU 129 116 116 GLU GLU A . n 
A 1 130 GLN 130 117 117 GLN GLN A . n 
A 1 131 GLN 131 118 118 GLN GLN A . n 
A 1 132 VAL 132 119 119 VAL VAL A . n 
A 1 133 ILE 133 120 120 ILE ILE A . n 
A 1 134 GLY 134 121 121 GLY GLY A . n 
A 1 135 PHE 135 122 122 PHE PHE A . n 
A 1 136 ILE 136 123 123 ILE ILE A . n 
A 1 137 GLN 137 124 124 GLN GLN A . n 
A 1 138 LYS 138 125 125 LYS LYS A . n 
A 1 139 LYS 139 126 126 LYS LYS A . n 
A 1 140 CYS 140 127 127 CYS CYS A . n 
A 1 141 LYS 141 128 128 LYS LYS A . n 
A 1 142 TYR 142 129 ?   ?   ?   A . n 
A 1 143 ASN 143 130 ?   ?   ?   A . n 
A 1 144 THR 144 131 ?   ?   ?   A . n 
A 1 145 THR 145 132 ?   ?   ?   A . n 
B 2 1   PRO 1   67  ?   ?   ?   B . n 
B 2 2   SER 2   68  68  SER SER B . n 
B 2 3   SER 3   69  69  SER SER B . n 
B 2 4   THR 4   70  70  THR THR B . n 
B 2 5   MET 5   71  71  MET MET B . n 
B 2 6   GLY 6   72  72  GLY GLY B . n 
B 2 7   GLN 7   73  73  GLN GLN B . n 
B 2 8   VAL 8   74  74  VAL VAL B . n 
B 2 9   GLY 9   75  75  GLY GLY B . n 
B 2 10  ARG 10  76  76  ARG ARG B . n 
B 2 11  GLN 11  77  77  GLN GLN B . n 
B 2 12  LEU 12  78  78  LEU LEU B . n 
B 2 13  ALA 13  79  79  ALA ALA B . n 
B 2 14  ILE 14  80  80  ILE ILE B . n 
B 2 15  ILE 15  81  81  ILE ILE B . n 
B 2 16  GLY 16  82  82  GLY GLY B . n 
B 2 17  ASP 17  83  83  ASP ASP B . n 
B 2 18  ASP 18  84  84  ASP ASP B . n 
B 2 19  ILE 19  85  85  ILE ILE B . n 
B 2 20  ASN 20  86  86  ASN ASN B . n 
B 2 21  ARG 21  87  87  ARG ARG B . n 
B 2 22  ARG 22  88  88  ARG ARG B . n 
B 2 23  TYR 23  89  89  TYR TYR B . n 
B 2 24  ASP 24  90  90  ASP ASP B . n 
B 2 25  SER 25  91  91  SER SER B . n 
B 2 26  GLU 26  92  92  GLU GLU B . n 
# 
loop_
_pdbx_nonpoly_scheme.asym_id 
_pdbx_nonpoly_scheme.entity_id 
_pdbx_nonpoly_scheme.mon_id 
_pdbx_nonpoly_scheme.ndb_seq_num 
_pdbx_nonpoly_scheme.pdb_seq_num 
_pdbx_nonpoly_scheme.auth_seq_num 
_pdbx_nonpoly_scheme.pdb_mon_id 
_pdbx_nonpoly_scheme.auth_mon_id 
_pdbx_nonpoly_scheme.pdb_strand_id 
_pdbx_nonpoly_scheme.pdb_ins_code 
C 3 NA  1  1129 1129 NA  NA  A . 
D 4 HOH 1  2001 2001 HOH HOH A . 
D 4 HOH 2  2002 2002 HOH HOH A . 
D 4 HOH 3  2003 2003 HOH HOH A . 
D 4 HOH 4  2004 2004 HOH HOH A . 
D 4 HOH 5  2005 2005 HOH HOH A . 
D 4 HOH 6  2006 2006 HOH HOH A . 
D 4 HOH 7  2007 2007 HOH HOH A . 
D 4 HOH 8  2008 2008 HOH HOH A . 
D 4 HOH 9  2009 2009 HOH HOH A . 
D 4 HOH 10 2010 2010 HOH HOH A . 
D 4 HOH 11 2011 2011 HOH HOH A . 
D 4 HOH 12 2012 2012 HOH HOH A . 
D 4 HOH 13 2013 2013 HOH HOH A . 
D 4 HOH 14 2014 2014 HOH HOH A . 
D 4 HOH 15 2015 2015 HOH HOH A . 
D 4 HOH 16 2016 2016 HOH HOH A . 
D 4 HOH 17 2017 2017 HOH HOH A . 
D 4 HOH 18 2018 2018 HOH HOH A . 
D 4 HOH 19 2019 2019 HOH HOH A . 
D 4 HOH 20 2020 2020 HOH HOH A . 
D 4 HOH 21 2021 2021 HOH HOH A . 
D 4 HOH 22 2022 2022 HOH HOH A . 
D 4 HOH 23 2023 2023 HOH HOH A . 
D 4 HOH 24 2024 2024 HOH HOH A . 
D 4 HOH 25 2025 2025 HOH HOH A . 
D 4 HOH 26 2026 2026 HOH HOH A . 
D 4 HOH 27 2027 2027 HOH HOH A . 
D 4 HOH 28 2028 2028 HOH HOH A . 
D 4 HOH 29 2029 2029 HOH HOH A . 
D 4 HOH 30 2030 2030 HOH HOH A . 
D 4 HOH 31 2031 2031 HOH HOH A . 
D 4 HOH 32 2032 2032 HOH HOH A . 
D 4 HOH 33 2033 2033 HOH HOH A . 
D 4 HOH 34 2034 2034 HOH HOH A . 
D 4 HOH 35 2035 2035 HOH HOH A . 
D 4 HOH 36 2036 2036 HOH HOH A . 
D 4 HOH 37 2037 2037 HOH HOH A . 
D 4 HOH 38 2038 2038 HOH HOH A . 
D 4 HOH 39 2039 2039 HOH HOH A . 
D 4 HOH 40 2040 2040 HOH HOH A . 
D 4 HOH 41 2041 2041 HOH HOH A . 
D 4 HOH 42 2042 2042 HOH HOH A . 
D 4 HOH 43 2043 2043 HOH HOH A . 
E 4 HOH 1  2001 2001 HOH HOH B . 
E 4 HOH 2  2002 2002 HOH HOH B . 
E 4 HOH 3  2003 2003 HOH HOH B . 
E 4 HOH 4  2004 2004 HOH HOH B . 
E 4 HOH 5  2005 2005 HOH HOH B . 
E 4 HOH 6  2006 2006 HOH HOH B . 
E 4 HOH 7  2007 2007 HOH HOH B . 
E 4 HOH 8  2008 2008 HOH HOH B . 
E 4 HOH 9  2009 2009 HOH HOH B . 
E 4 HOH 10 2010 2010 HOH HOH B . 
E 4 HOH 11 2011 2011 HOH HOH B . 
E 4 HOH 12 2012 2012 HOH HOH B . 
E 4 HOH 13 2013 2013 HOH HOH B . 
E 4 HOH 14 2014 2014 HOH HOH B . 
E 4 HOH 15 2015 2015 HOH HOH B . 
# 
loop_
_pdbx_unobs_or_zero_occ_atoms.id 
_pdbx_unobs_or_zero_occ_atoms.PDB_model_num 
_pdbx_unobs_or_zero_occ_atoms.polymer_flag 
_pdbx_unobs_or_zero_occ_atoms.occupancy_flag 
_pdbx_unobs_or_zero_occ_atoms.auth_asym_id 
_pdbx_unobs_or_zero_occ_atoms.auth_comp_id 
_pdbx_unobs_or_zero_occ_atoms.auth_seq_id 
_pdbx_unobs_or_zero_occ_atoms.PDB_ins_code 
_pdbx_unobs_or_zero_occ_atoms.auth_atom_id 
_pdbx_unobs_or_zero_occ_atoms.label_alt_id 
_pdbx_unobs_or_zero_occ_atoms.label_asym_id 
_pdbx_unobs_or_zero_occ_atoms.label_comp_id 
_pdbx_unobs_or_zero_occ_atoms.label_seq_id 
_pdbx_unobs_or_zero_occ_atoms.label_atom_id 
1  1 Y 0 A VAL 16  ? CG2 ? A VAL 29  CG2 
2  1 Y 0 A LYS 43  ? CD  ? A LYS 56  CD  
3  1 Y 0 A LYS 43  ? CE  ? A LYS 56  CE  
4  1 Y 0 A LYS 43  ? NZ  ? A LYS 56  NZ  
5  1 Y 0 A LEU 57  ? CD1 ? A LEU 70  CD1 
6  1 Y 0 A LEU 57  ? CD2 ? A LEU 70  CD2 
7  1 Y 0 A ARG 73  ? CZ  ? A ARG 86  CZ  
8  1 Y 0 A LYS 96  ? CE  ? A LYS 109 CE  
9  1 Y 0 A LYS 96  ? NZ  ? A LYS 109 NZ  
10 1 Y 0 A GLN 98  ? NE2 ? A GLN 111 NE2 
11 1 Y 0 A LYS 125 ? CG  ? A LYS 138 CG  
12 1 Y 0 A LYS 125 ? CD  ? A LYS 138 CD  
13 1 Y 0 A LYS 125 ? CE  ? A LYS 138 CE  
14 1 Y 0 A LYS 125 ? NZ  ? A LYS 138 NZ  
15 1 Y 0 A LYS 126 ? CD  ? A LYS 139 CD  
16 1 Y 0 A LYS 126 ? CE  ? A LYS 139 CE  
17 1 Y 0 A LYS 126 ? NZ  ? A LYS 139 NZ  
18 1 Y 0 B ARG 87  ? CG  ? B ARG 21  CG  
19 1 Y 0 B ARG 87  ? CD  ? B ARG 21  CD  
20 1 Y 0 B ARG 87  ? NE  ? B ARG 21  NE  
21 1 Y 0 B ARG 87  ? CZ  ? B ARG 21  CZ  
22 1 Y 0 B ARG 87  ? NH1 ? B ARG 21  NH1 
23 1 Y 0 B ARG 87  ? NH2 ? B ARG 21  NH2 
24 1 Y 0 B ARG 88  ? CB  ? B ARG 22  CB  
25 1 Y 0 B ARG 88  ? CG  ? B ARG 22  CG  
26 1 Y 0 B ARG 88  ? CD  ? B ARG 22  CD  
27 1 Y 0 B ARG 88  ? NE  ? B ARG 22  NE  
28 1 Y 0 B ARG 88  ? CZ  ? B ARG 22  CZ  
29 1 Y 0 B ARG 88  ? NH1 ? B ARG 22  NH1 
30 1 Y 0 B ARG 88  ? NH2 ? B ARG 22  NH2 
31 1 Y 0 B TYR 89  ? CB  ? B TYR 23  CB  
32 1 Y 0 B TYR 89  ? CG  ? B TYR 23  CG  
33 1 Y 0 B TYR 89  ? CD1 ? B TYR 23  CD1 
34 1 Y 0 B TYR 89  ? CD2 ? B TYR 23  CD2 
35 1 Y 0 B TYR 89  ? CE1 ? B TYR 23  CE1 
36 1 Y 0 B TYR 89  ? CE2 ? B TYR 23  CE2 
37 1 Y 0 B TYR 89  ? CZ  ? B TYR 23  CZ  
38 1 Y 0 B ASP 90  ? OD2 ? B ASP 24  OD2 
# 
loop_
_software.name 
_software.classification 
_software.version 
_software.citation_id 
_software.pdbx_ordinal 
_software.date 
_software.type 
_software.location 
_software.language 
REFMAC   refinement       5.2.0005 ? 1 ? ? ? ? 
HKL-2000 'data reduction' .        ? 2 ? ? ? ? 
HKL-2000 'data scaling'   .        ? 3 ? ? ? ? 
SHARP    phasing          .        ? 4 ? ? ? ? 
# 
_cell.entry_id           2JBY 
_cell.length_a           69.187 
_cell.length_b           69.187 
_cell.length_c           120.601 
_cell.angle_alpha        90.00 
_cell.angle_beta         90.00 
_cell.angle_gamma        90.00 
_cell.Z_PDB              8 
_cell.pdbx_unique_axis   ? 
# 
_symmetry.entry_id                         2JBY 
_symmetry.space_group_name_H-M             'P 41 21 2' 
_symmetry.pdbx_full_space_group_name_H-M   ? 
_symmetry.cell_setting                     ? 
_symmetry.Int_Tables_number                92 
# 
_exptl.entry_id          2JBY 
_exptl.method            'X-RAY DIFFRACTION' 
_exptl.crystals_number   1 
# 
_exptl_crystal.id                    1 
_exptl_crystal.density_meas          ? 
_exptl_crystal.density_Matthews      3.71 
_exptl_crystal.density_percent_sol   66.88 
_exptl_crystal.description           NONE 
_exptl_crystal.preparation           ? 
# 
_exptl_crystal_grow.crystal_id      1 
_exptl_crystal_grow.method          ? 
_exptl_crystal_grow.temp            ? 
_exptl_crystal_grow.temp_details    ? 
_exptl_crystal_grow.pH              7.5 
_exptl_crystal_grow.pdbx_pH_range   ? 
_exptl_crystal_grow.pdbx_details    '2.4 M (NH4)2HPO4, 50MM TRIS PH 8.5' 
# 
_diffrn.id                     1 
_diffrn.ambient_temp           100 
_diffrn.ambient_temp_details   ? 
_diffrn.crystal_id             1 
# 
_diffrn_detector.diffrn_id              1 
_diffrn_detector.detector               CCD 
_diffrn_detector.type                   'ADSC CCD' 
_diffrn_detector.pdbx_collection_date   2005-11-16 
_diffrn_detector.details                ? 
# 
_diffrn_radiation.diffrn_id                        1 
_diffrn_radiation.wavelength_id                    1 
_diffrn_radiation.pdbx_monochromatic_or_laue_m_l   M 
_diffrn_radiation.monochromator                    ? 
_diffrn_radiation.pdbx_diffrn_protocol             'SINGLE WAVELENGTH' 
_diffrn_radiation.pdbx_scattering_type             x-ray 
# 
_diffrn_radiation_wavelength.id           1 
_diffrn_radiation_wavelength.wavelength   0.99 
_diffrn_radiation_wavelength.wt           1.0 
# 
_diffrn_source.diffrn_id                   1 
_diffrn_source.source                      SYNCHROTRON 
_diffrn_source.type                        'NSLS BEAMLINE X29A' 
_diffrn_source.pdbx_synchrotron_site       NSLS 
_diffrn_source.pdbx_synchrotron_beamline   X29A 
_diffrn_source.pdbx_wavelength             0.99 
_diffrn_source.pdbx_wavelength_list        ? 
# 
_reflns.pdbx_diffrn_id               1 
_reflns.pdbx_ordinal                 1 
_reflns.entry_id                     2JBY 
_reflns.observed_criterion_sigma_I   3.0 
_reflns.observed_criterion_sigma_F   ? 
_reflns.d_resolution_low             20.00 
_reflns.d_resolution_high            2.40 
_reflns.number_obs                   11933 
_reflns.number_all                   ? 
_reflns.percent_possible_obs         93.8 
_reflns.pdbx_Rmerge_I_obs            0.08 
_reflns.pdbx_Rsym_value              ? 
_reflns.pdbx_netI_over_sigmaI        22.00 
_reflns.B_iso_Wilson_estimate        ? 
_reflns.pdbx_redundancy              7.6 
_reflns.pdbx_CC_half                 ? 
_reflns.pdbx_Rpim_I_all              ? 
_reflns.pdbx_Rrim_I_all              ? 
# 
_reflns_shell.pdbx_diffrn_id         1 
_reflns_shell.pdbx_ordinal           1 
_reflns_shell.d_res_high             2.40 
_reflns_shell.d_res_low              2.49 
_reflns_shell.percent_possible_all   59.3 
_reflns_shell.Rmerge_I_obs           0.38 
_reflns_shell.pdbx_Rsym_value        ? 
_reflns_shell.meanI_over_sigI_obs    2.00 
_reflns_shell.pdbx_redundancy        4.2 
_reflns_shell.number_measured_obs    ? 
_reflns_shell.number_unique_all      ? 
_reflns_shell.number_unique_obs      ? 
_reflns_shell.pdbx_CC_half           ? 
_reflns_shell.pdbx_Rpim_I_all        ? 
_reflns_shell.pdbx_Rrim_I_all        ? 
# 
_refine.pdbx_refine_id                           'X-RAY DIFFRACTION' 
_refine.entry_id                                 2JBY 
_refine.pdbx_diffrn_id                           1 
_refine.pdbx_TLS_residual_ADP_flag               'LIKELY RESIDUAL' 
_refine.ls_number_reflns_obs                     10139 
_refine.ls_number_reflns_all                     ? 
_refine.pdbx_ls_sigma_I                          ? 
_refine.pdbx_ls_sigma_F                          ? 
_refine.pdbx_data_cutoff_high_absF               ? 
_refine.pdbx_data_cutoff_low_absF                ? 
_refine.pdbx_data_cutoff_high_rms_absF           ? 
_refine.ls_d_res_low                             20.00 
_refine.ls_d_res_high                            2.41 
_refine.ls_percent_reflns_obs                    94.1 
_refine.ls_R_factor_obs                          0.288 
_refine.ls_R_factor_all                          ? 
_refine.ls_R_factor_R_work                       0.287 
_refine.ls_R_factor_R_free                       0.292 
_refine.ls_R_factor_R_free_error                 ? 
_refine.ls_R_factor_R_free_error_details         ? 
_refine.ls_percent_reflns_R_free                 9.700 
_refine.ls_number_reflns_R_free                  1089 
_refine.ls_number_parameters                     ? 
_refine.ls_number_restraints                     ? 
_refine.occupancy_min                            ? 
_refine.occupancy_max                            ? 
_refine.correlation_coeff_Fo_to_Fc               0.904 
_refine.correlation_coeff_Fo_to_Fc_free          0.895 
_refine.B_iso_mean                               63.17 
_refine.aniso_B[1][1]                            1.31000 
_refine.aniso_B[2][2]                            1.31000 
_refine.aniso_B[3][3]                            -2.62000 
_refine.aniso_B[1][2]                            0.00000 
_refine.aniso_B[1][3]                            0.00000 
_refine.aniso_B[2][3]                            0.00000 
_refine.solvent_model_details                    MASK 
_refine.solvent_model_param_ksol                 ? 
_refine.solvent_model_param_bsol                 ? 
_refine.pdbx_solvent_vdw_probe_radii             1.20 
_refine.pdbx_solvent_ion_probe_radii             0.80 
_refine.pdbx_solvent_shrinkage_radii             0.80 
_refine.pdbx_ls_cross_valid_method               THROUGHOUT 
_refine.details                                  
;HYDROGENS HAVE BEEN ADDED IN THE RIDING POSITIONS. ATOM SG IN CYS28 CHAIN A APPEARS MOSTLY DISORDERED AND HAS BEEN ASSIGNED AN OCCUPANCY OF 0.2.
;
_refine.pdbx_starting_model                      NONE 
_refine.pdbx_method_to_determine_struct          SIRAS 
_refine.pdbx_isotropic_thermal_model             ? 
_refine.pdbx_stereochemistry_target_values       'MAXIMUM LIKELIHOOD' 
_refine.pdbx_stereochem_target_val_spec_case     ? 
_refine.pdbx_R_Free_selection_details            RANDOM 
_refine.pdbx_overall_ESU_R                       0.359 
_refine.pdbx_overall_ESU_R_Free                  0.260 
_refine.overall_SU_ML                            0.246 
_refine.pdbx_overall_phase_error                 ? 
_refine.overall_SU_B                             24.057 
_refine.overall_SU_R_Cruickshank_DPI             ? 
_refine.pdbx_overall_SU_R_free_Cruickshank_DPI   ? 
_refine.pdbx_overall_SU_R_Blow_DPI               ? 
_refine.pdbx_overall_SU_R_free_Blow_DPI          ? 
# 
_refine_hist.pdbx_refine_id                   'X-RAY DIFFRACTION' 
_refine_hist.cycle_id                         LAST 
_refine_hist.pdbx_number_atoms_protein        1201 
_refine_hist.pdbx_number_atoms_nucleic_acid   0 
_refine_hist.pdbx_number_atoms_ligand         1 
_refine_hist.number_atoms_solvent             58 
_refine_hist.number_atoms_total               1260 
_refine_hist.d_res_high                       2.41 
_refine_hist.d_res_low                        20.00 
# 
loop_
_refine_ls_restr.type 
_refine_ls_restr.dev_ideal 
_refine_ls_restr.dev_ideal_target 
_refine_ls_restr.weight 
_refine_ls_restr.number 
_refine_ls_restr.pdbx_refine_id 
_refine_ls_restr.pdbx_restraint_function 
r_bond_refined_d             0.021  0.022  ? 1172 'X-RAY DIFFRACTION' ? 
r_bond_other_d               ?      ?      ? ?    'X-RAY DIFFRACTION' ? 
r_angle_refined_deg          2.052  1.969  ? 1585 'X-RAY DIFFRACTION' ? 
r_angle_other_deg            ?      ?      ? ?    'X-RAY DIFFRACTION' ? 
r_dihedral_angle_1_deg       7.387  5.000  ? 150  'X-RAY DIFFRACTION' ? 
r_dihedral_angle_2_deg       43.387 26.600 ? 50   'X-RAY DIFFRACTION' ? 
r_dihedral_angle_3_deg       21.361 15.000 ? 212  'X-RAY DIFFRACTION' ? 
r_dihedral_angle_4_deg       15.310 15.000 ? 3    'X-RAY DIFFRACTION' ? 
r_chiral_restr               0.242  0.200  ? 193  'X-RAY DIFFRACTION' ? 
r_gen_planes_refined         0.009  0.020  ? 853  'X-RAY DIFFRACTION' ? 
r_gen_planes_other           ?      ?      ? ?    'X-RAY DIFFRACTION' ? 
r_nbd_refined                0.277  0.200  ? 612  'X-RAY DIFFRACTION' ? 
r_nbd_other                  ?      ?      ? ?    'X-RAY DIFFRACTION' ? 
r_nbtor_refined              0.308  0.200  ? 836  'X-RAY DIFFRACTION' ? 
r_nbtor_other                ?      ?      ? ?    'X-RAY DIFFRACTION' ? 
r_xyhbond_nbd_refined        0.220  0.200  ? 52   'X-RAY DIFFRACTION' ? 
r_xyhbond_nbd_other          ?      ?      ? ?    'X-RAY DIFFRACTION' ? 
r_metal_ion_refined          ?      ?      ? ?    'X-RAY DIFFRACTION' ? 
r_metal_ion_other            ?      ?      ? ?    'X-RAY DIFFRACTION' ? 
r_symmetry_vdw_refined       0.376  0.200  ? 23   'X-RAY DIFFRACTION' ? 
r_symmetry_vdw_other         ?      ?      ? ?    'X-RAY DIFFRACTION' ? 
r_symmetry_hbond_refined     0.521  0.200  ? 7    'X-RAY DIFFRACTION' ? 
r_symmetry_hbond_other       ?      ?      ? ?    'X-RAY DIFFRACTION' ? 
r_symmetry_metal_ion_refined ?      ?      ? ?    'X-RAY DIFFRACTION' ? 
r_symmetry_metal_ion_other   ?      ?      ? ?    'X-RAY DIFFRACTION' ? 
r_mcbond_it                  1.446  2.000  ? 753  'X-RAY DIFFRACTION' ? 
r_mcbond_other               ?      ?      ? ?    'X-RAY DIFFRACTION' ? 
r_mcangle_it                 2.703  3.000  ? 1216 'X-RAY DIFFRACTION' ? 
r_mcangle_other              ?      ?      ? ?    'X-RAY DIFFRACTION' ? 
r_scbond_it                  5.253  6.000  ? 425  'X-RAY DIFFRACTION' ? 
r_scbond_other               ?      ?      ? ?    'X-RAY DIFFRACTION' ? 
r_scangle_it                 6.840  6.000  ? 369  'X-RAY DIFFRACTION' ? 
r_scangle_other              ?      ?      ? ?    'X-RAY DIFFRACTION' ? 
r_long_range_B_refined       ?      ?      ? ?    'X-RAY DIFFRACTION' ? 
r_long_range_B_other         ?      ?      ? ?    'X-RAY DIFFRACTION' ? 
r_rigid_bond_restr           ?      ?      ? ?    'X-RAY DIFFRACTION' ? 
r_sphericity_free            ?      ?      ? ?    'X-RAY DIFFRACTION' ? 
r_sphericity_bonded          ?      ?      ? ?    'X-RAY DIFFRACTION' ? 
# 
_refine_ls_shell.pdbx_refine_id                   'X-RAY DIFFRACTION' 
_refine_ls_shell.pdbx_total_number_of_bins_used   20 
_refine_ls_shell.d_res_high                       2.41 
_refine_ls_shell.d_res_low                        2.47 
_refine_ls_shell.number_reflns_R_work             459 
_refine_ls_shell.R_factor_R_work                  0.3120 
_refine_ls_shell.percent_reflns_obs               ? 
_refine_ls_shell.R_factor_R_free                  0.4280 
_refine_ls_shell.R_factor_R_free_error            ? 
_refine_ls_shell.percent_reflns_R_free            ? 
_refine_ls_shell.number_reflns_R_free             39 
_refine_ls_shell.number_reflns_all                ? 
_refine_ls_shell.R_factor_all                     ? 
_refine_ls_shell.R_factor_obs                     ? 
_refine_ls_shell.number_reflns_obs                ? 
# 
_struct.entry_id                  2JBY 
_struct.title                     'A viral protein unexpectedly mimics the structure and function of pro- survival Bcl-2' 
_struct.pdbx_model_details        ? 
_struct.pdbx_CASP_flag            ? 
_struct.pdbx_model_type_details   ? 
# 
_struct_keywords.entry_id        2JBY 
_struct_keywords.pdbx_keywords   APOPTOSIS 
_struct_keywords.text            APOPTOSIS 
# 
loop_
_struct_asym.id 
_struct_asym.pdbx_blank_PDB_chainid_flag 
_struct_asym.pdbx_modified 
_struct_asym.entity_id 
_struct_asym.details 
A N N 1 ? 
B N N 2 ? 
C N N 3 ? 
D N N 4 ? 
E N N 4 ? 
# 
loop_
_struct_ref.id 
_struct_ref.db_name 
_struct_ref.db_code 
_struct_ref.entity_id 
_struct_ref.pdbx_seq_one_letter_code 
_struct_ref.pdbx_align_begin 
_struct_ref.pdbx_db_accession 
_struct_ref.pdbx_db_isoform 
1 UNP Q85295_9POXV 1 ? ? Q85295 ? 
2 UNP BAK2_HUMAN   2 ? ? Q13014 ? 
# 
loop_
_struct_ref_seq.align_id 
_struct_ref_seq.ref_id 
_struct_ref_seq.pdbx_PDB_id_code 
_struct_ref_seq.pdbx_strand_id 
_struct_ref_seq.seq_align_beg 
_struct_ref_seq.pdbx_seq_align_beg_ins_code 
_struct_ref_seq.seq_align_end 
_struct_ref_seq.pdbx_seq_align_end_ins_code 
_struct_ref_seq.pdbx_db_accession 
_struct_ref_seq.db_align_beg 
_struct_ref_seq.pdbx_db_align_beg_ins_code 
_struct_ref_seq.db_align_end 
_struct_ref_seq.pdbx_db_align_end_ins_code 
_struct_ref_seq.pdbx_auth_seq_align_beg 
_struct_ref_seq.pdbx_auth_seq_align_end 
1 1 2JBY A 14 ? 145 ? Q85295 1  ? 132 ? 1  132 
2 2 2JBY B 1  ? 26  ? Q13014 67 ? 92  ? 67 92  
# 
loop_
_struct_ref_seq_dif.align_id 
_struct_ref_seq_dif.pdbx_pdb_id_code 
_struct_ref_seq_dif.mon_id 
_struct_ref_seq_dif.pdbx_pdb_strand_id 
_struct_ref_seq_dif.seq_num 
_struct_ref_seq_dif.pdbx_pdb_ins_code 
_struct_ref_seq_dif.pdbx_seq_db_name 
_struct_ref_seq_dif.pdbx_seq_db_accession_code 
_struct_ref_seq_dif.db_mon_id 
_struct_ref_seq_dif.pdbx_seq_db_seq_num 
_struct_ref_seq_dif.details 
_struct_ref_seq_dif.pdbx_auth_seq_num 
_struct_ref_seq_dif.pdbx_ordinal 
1 2JBY MET A 1  ? UNP Q85295 ? ? 'expression tag' -12 1  
1 2JBY GLY A 2  ? UNP Q85295 ? ? 'expression tag' -11 2  
1 2JBY SER A 3  ? UNP Q85295 ? ? 'expression tag' -10 3  
1 2JBY HIS A 4  ? UNP Q85295 ? ? 'expression tag' -9  4  
1 2JBY HIS A 5  ? UNP Q85295 ? ? 'expression tag' -8  5  
1 2JBY HIS A 6  ? UNP Q85295 ? ? 'expression tag' -7  6  
1 2JBY HIS A 7  ? UNP Q85295 ? ? 'expression tag' -6  7  
1 2JBY HIS A 8  ? UNP Q85295 ? ? 'expression tag' -5  8  
1 2JBY HIS A 9  ? UNP Q85295 ? ? 'expression tag' -4  9  
1 2JBY SER A 10 ? UNP Q85295 ? ? 'expression tag' -3  10 
1 2JBY GLN A 11 ? UNP Q85295 ? ? 'expression tag' -2  11 
1 2JBY ASP A 12 ? UNP Q85295 ? ? 'expression tag' -1  12 
1 2JBY PRO A 13 ? UNP Q85295 ? ? 'expression tag' 0   13 
1 2JBY MET A 14 ? UNP Q85295 ? ? 'expression tag' 1   14 
# 
_pdbx_struct_assembly.id                   1 
_pdbx_struct_assembly.details              software_defined_assembly 
_pdbx_struct_assembly.method_details       PISA 
_pdbx_struct_assembly.oligomeric_details   dimeric 
_pdbx_struct_assembly.oligomeric_count     2 
# 
loop_
_pdbx_struct_assembly_prop.biol_id 
_pdbx_struct_assembly_prop.type 
_pdbx_struct_assembly_prop.value 
_pdbx_struct_assembly_prop.details 
1 'ABSA (A^2)' 1840  ? 
1 MORE         -24.3 ? 
1 'SSA (A^2)'  8370  ? 
# 
_pdbx_struct_assembly_gen.assembly_id       1 
_pdbx_struct_assembly_gen.oper_expression   1 
_pdbx_struct_assembly_gen.asym_id_list      A,B,C,D,E 
# 
_pdbx_struct_oper_list.id                   1 
_pdbx_struct_oper_list.type                 'identity operation' 
_pdbx_struct_oper_list.name                 1_555 
_pdbx_struct_oper_list.symmetry_operation   x,y,z 
_pdbx_struct_oper_list.matrix[1][1]         1.0000000000 
_pdbx_struct_oper_list.matrix[1][2]         0.0000000000 
_pdbx_struct_oper_list.matrix[1][3]         0.0000000000 
_pdbx_struct_oper_list.vector[1]            0.0000000000 
_pdbx_struct_oper_list.matrix[2][1]         0.0000000000 
_pdbx_struct_oper_list.matrix[2][2]         1.0000000000 
_pdbx_struct_oper_list.matrix[2][3]         0.0000000000 
_pdbx_struct_oper_list.vector[2]            0.0000000000 
_pdbx_struct_oper_list.matrix[3][1]         0.0000000000 
_pdbx_struct_oper_list.matrix[3][2]         0.0000000000 
_pdbx_struct_oper_list.matrix[3][3]         1.0000000000 
_pdbx_struct_oper_list.vector[3]            0.0000000000 
# 
loop_
_struct_conf.conf_type_id 
_struct_conf.id 
_struct_conf.pdbx_PDB_helix_id 
_struct_conf.beg_label_comp_id 
_struct_conf.beg_label_asym_id 
_struct_conf.beg_label_seq_id 
_struct_conf.pdbx_beg_PDB_ins_code 
_struct_conf.end_label_comp_id 
_struct_conf.end_label_asym_id 
_struct_conf.end_label_seq_id 
_struct_conf.pdbx_end_PDB_ins_code 
_struct_conf.beg_auth_comp_id 
_struct_conf.beg_auth_asym_id 
_struct_conf.beg_auth_seq_id 
_struct_conf.end_auth_comp_id 
_struct_conf.end_auth_asym_id 
_struct_conf.end_auth_seq_id 
_struct_conf.pdbx_PDB_helix_class 
_struct_conf.details 
_struct_conf.pdbx_PDB_helix_length 
HELX_P HELX_P1 1 SER A 16  ? ASN A 27  ? SER A 3   ASN A 14  1 ? 12 
HELX_P HELX_P2 2 ASP A 38  ? TYR A 54  ? ASP A 25  TYR A 41  1 ? 17 
HELX_P HELX_P3 3 TYR A 54  ? SER A 71  ? TYR A 41  SER A 58  1 ? 18 
HELX_P HELX_P4 4 ASN A 73  ? LEU A 85  ? ASN A 60  LEU A 72  1 ? 13 
HELX_P HELX_P5 5 SER A 89  ? LYS A 109 ? SER A 76  LYS A 96  1 ? 21 
HELX_P HELX_P6 6 ASP A 114 ? MET A 117 ? ASP A 101 MET A 104 5 ? 4  
HELX_P HELX_P7 7 PHE A 118 ? VAL A 126 ? PHE A 105 VAL A 113 1 ? 9  
HELX_P HELX_P8 8 GLU A 128 ? LYS A 138 ? GLU A 115 LYS A 125 1 ? 11 
HELX_P HELX_P9 9 SER B 3   ? ASN B 20  ? SER B 69  ASN B 86  1 ? 18 
# 
_struct_conf_type.id          HELX_P 
_struct_conf_type.criteria    ? 
_struct_conf_type.reference   ? 
# 
loop_
_struct_conn.id 
_struct_conn.conn_type_id 
_struct_conn.pdbx_leaving_atom_flag 
_struct_conn.pdbx_PDB_id 
_struct_conn.ptnr1_label_asym_id 
_struct_conn.ptnr1_label_comp_id 
_struct_conn.ptnr1_label_seq_id 
_struct_conn.ptnr1_label_atom_id 
_struct_conn.pdbx_ptnr1_label_alt_id 
_struct_conn.pdbx_ptnr1_PDB_ins_code 
_struct_conn.pdbx_ptnr1_standard_comp_id 
_struct_conn.ptnr1_symmetry 
_struct_conn.ptnr2_label_asym_id 
_struct_conn.ptnr2_label_comp_id 
_struct_conn.ptnr2_label_seq_id 
_struct_conn.ptnr2_label_atom_id 
_struct_conn.pdbx_ptnr2_label_alt_id 
_struct_conn.pdbx_ptnr2_PDB_ins_code 
_struct_conn.ptnr1_auth_asym_id 
_struct_conn.ptnr1_auth_comp_id 
_struct_conn.ptnr1_auth_seq_id 
_struct_conn.ptnr2_auth_asym_id 
_struct_conn.ptnr2_auth_comp_id 
_struct_conn.ptnr2_auth_seq_id 
_struct_conn.ptnr2_symmetry 
_struct_conn.pdbx_ptnr3_label_atom_id 
_struct_conn.pdbx_ptnr3_label_seq_id 
_struct_conn.pdbx_ptnr3_label_comp_id 
_struct_conn.pdbx_ptnr3_label_asym_id 
_struct_conn.pdbx_ptnr3_label_alt_id 
_struct_conn.pdbx_ptnr3_PDB_ins_code 
_struct_conn.details 
_struct_conn.pdbx_dist_value 
_struct_conn.pdbx_value_order 
_struct_conn.pdbx_role 
disulf1 disulf ? ? A CYS 34 SG ? ? ? 1_555 A CYS 41  SG ? ? A CYS 21 A CYS 28  1_555 ? ? ? ? ? ? ? 2.024 ? ? 
disulf2 disulf ? ? A CYS 46 SG ? ? ? 1_555 A CYS 140 SG ? ? A CYS 33 A CYS 127 1_555 ? ? ? ? ? ? ? 2.041 ? ? 
# 
_struct_conn_type.id          disulf 
_struct_conn_type.criteria    ? 
_struct_conn_type.reference   ? 
# 
loop_
_pdbx_modification_feature.ordinal 
_pdbx_modification_feature.label_comp_id 
_pdbx_modification_feature.label_asym_id 
_pdbx_modification_feature.label_seq_id 
_pdbx_modification_feature.label_alt_id 
_pdbx_modification_feature.modified_residue_label_comp_id 
_pdbx_modification_feature.modified_residue_label_asym_id 
_pdbx_modification_feature.modified_residue_label_seq_id 
_pdbx_modification_feature.modified_residue_label_alt_id 
_pdbx_modification_feature.auth_comp_id 
_pdbx_modification_feature.auth_asym_id 
_pdbx_modification_feature.auth_seq_id 
_pdbx_modification_feature.PDB_ins_code 
_pdbx_modification_feature.symmetry 
_pdbx_modification_feature.modified_residue_auth_comp_id 
_pdbx_modification_feature.modified_residue_auth_asym_id 
_pdbx_modification_feature.modified_residue_auth_seq_id 
_pdbx_modification_feature.modified_residue_PDB_ins_code 
_pdbx_modification_feature.modified_residue_symmetry 
_pdbx_modification_feature.comp_id_linking_atom 
_pdbx_modification_feature.modified_residue_id_linking_atom 
_pdbx_modification_feature.modified_residue_id 
_pdbx_modification_feature.ref_pcm_id 
_pdbx_modification_feature.ref_comp_id 
_pdbx_modification_feature.type 
_pdbx_modification_feature.category 
1 CYS A 34 ? CYS A 41  ? CYS A 21 ? 1_555 CYS A 28  ? 1_555 SG SG . . . None 'Disulfide bridge' 
2 CYS A 46 ? CYS A 140 ? CYS A 33 ? 1_555 CYS A 127 ? 1_555 SG SG . . . None 'Disulfide bridge' 
# 
_struct_site.id                   AC1 
_struct_site.pdbx_evidence_code   Software 
_struct_site.pdbx_auth_asym_id    ? 
_struct_site.pdbx_auth_comp_id    ? 
_struct_site.pdbx_auth_seq_id     ? 
_struct_site.pdbx_auth_ins_code   ? 
_struct_site.pdbx_num_residues    3 
_struct_site.details              'BINDING SITE FOR RESIDUE NA A1129' 
# 
loop_
_struct_site_gen.id 
_struct_site_gen.site_id 
_struct_site_gen.pdbx_num_res 
_struct_site_gen.label_comp_id 
_struct_site_gen.label_asym_id 
_struct_site_gen.label_seq_id 
_struct_site_gen.pdbx_auth_ins_code 
_struct_site_gen.auth_comp_id 
_struct_site_gen.auth_asym_id 
_struct_site_gen.auth_seq_id 
_struct_site_gen.label_atom_id 
_struct_site_gen.label_alt_id 
_struct_site_gen.symmetry 
_struct_site_gen.details 
1 AC1 3 ASP A 114 ? ASP A 101 . ? 1_555 ? 
2 AC1 3 ALA A 115 ? ALA A 102 . ? 1_555 ? 
3 AC1 3 ALA A 116 ? ALA A 103 . ? 1_555 ? 
# 
_pdbx_entry_details.entry_id                   2JBY 
_pdbx_entry_details.compound_details           ? 
_pdbx_entry_details.source_details             ? 
_pdbx_entry_details.nonpolymer_details         ? 
_pdbx_entry_details.sequence_details           ? 
_pdbx_entry_details.has_ligand_of_interest     ? 
_pdbx_entry_details.has_protein_modification   Y 
# 
loop_
_pdbx_validate_close_contact.id 
_pdbx_validate_close_contact.PDB_model_num 
_pdbx_validate_close_contact.auth_atom_id_1 
_pdbx_validate_close_contact.auth_asym_id_1 
_pdbx_validate_close_contact.auth_comp_id_1 
_pdbx_validate_close_contact.auth_seq_id_1 
_pdbx_validate_close_contact.PDB_ins_code_1 
_pdbx_validate_close_contact.label_alt_id_1 
_pdbx_validate_close_contact.auth_atom_id_2 
_pdbx_validate_close_contact.auth_asym_id_2 
_pdbx_validate_close_contact.auth_comp_id_2 
_pdbx_validate_close_contact.auth_seq_id_2 
_pdbx_validate_close_contact.PDB_ins_code_2 
_pdbx_validate_close_contact.label_alt_id_2 
_pdbx_validate_close_contact.dist 
1 1 NZ  A LYS 43   ? ? O   A HOH 2019 ? ? 1.93 
2 1 O   A PHE 70   ? ? NH1 A ARG 73   ? ? 1.97 
3 1 O   B HOH 2006 ? ? O   B HOH 2015 ? ? 2.03 
4 1 O   A ASP 35   ? ? O   A HOH 2015 ? ? 2.12 
5 1 ND2 A ASN 14   ? ? O   A HOH 2006 ? ? 2.18 
6 1 O   B HOH 2003 ? ? O   B HOH 2005 ? ? 2.19 
# 
loop_
_pdbx_validate_rmsd_bond.id 
_pdbx_validate_rmsd_bond.PDB_model_num 
_pdbx_validate_rmsd_bond.auth_atom_id_1 
_pdbx_validate_rmsd_bond.auth_asym_id_1 
_pdbx_validate_rmsd_bond.auth_comp_id_1 
_pdbx_validate_rmsd_bond.auth_seq_id_1 
_pdbx_validate_rmsd_bond.PDB_ins_code_1 
_pdbx_validate_rmsd_bond.label_alt_id_1 
_pdbx_validate_rmsd_bond.auth_atom_id_2 
_pdbx_validate_rmsd_bond.auth_asym_id_2 
_pdbx_validate_rmsd_bond.auth_comp_id_2 
_pdbx_validate_rmsd_bond.auth_seq_id_2 
_pdbx_validate_rmsd_bond.PDB_ins_code_2 
_pdbx_validate_rmsd_bond.label_alt_id_2 
_pdbx_validate_rmsd_bond.bond_value 
_pdbx_validate_rmsd_bond.bond_target_value 
_pdbx_validate_rmsd_bond.bond_deviation 
_pdbx_validate_rmsd_bond.bond_standard_deviation 
_pdbx_validate_rmsd_bond.linker_flag 
1  1 CB A VAL 16 ? ? CG2 A VAL 16 ? ? 1.247 1.524 -0.277 0.021 N 
2  1 CG A LEU 57 ? ? CD1 A LEU 57 ? ? 1.262 1.514 -0.252 0.037 N 
3  1 CZ A ARG 73 ? ? NH1 A ARG 73 ? ? 1.129 1.326 -0.197 0.013 N 
4  1 CZ A ARG 73 ? ? NH2 A ARG 73 ? ? 1.704 1.326 0.378  0.013 N 
5  1 CD A LYS 96 ? ? CE  A LYS 96 ? ? 1.726 1.508 0.218  0.025 N 
6  1 CD A GLN 98 ? ? NE2 A GLN 98 ? ? 1.163 1.324 -0.161 0.025 N 
7  1 NE B ARG 76 ? ? CZ  B ARG 76 ? ? 1.453 1.326 0.127  0.013 N 
8  1 CA B ARG 88 ? ? CB  B ARG 88 ? ? 1.299 1.535 -0.236 0.022 N 
9  1 CA B TYR 89 ? ? CB  B TYR 89 ? ? 1.707 1.535 0.172  0.022 N 
10 1 CZ B TYR 89 ? ? OH  B TYR 89 ? ? 1.687 1.374 0.313  0.017 N 
11 1 CG B ASP 90 ? ? OD2 B ASP 90 ? ? 1.106 1.249 -0.143 0.023 N 
12 1 CD B GLU 92 ? ? OE1 B GLU 92 ? ? 1.367 1.252 0.115  0.011 N 
# 
loop_
_pdbx_validate_rmsd_angle.id 
_pdbx_validate_rmsd_angle.PDB_model_num 
_pdbx_validate_rmsd_angle.auth_atom_id_1 
_pdbx_validate_rmsd_angle.auth_asym_id_1 
_pdbx_validate_rmsd_angle.auth_comp_id_1 
_pdbx_validate_rmsd_angle.auth_seq_id_1 
_pdbx_validate_rmsd_angle.PDB_ins_code_1 
_pdbx_validate_rmsd_angle.label_alt_id_1 
_pdbx_validate_rmsd_angle.auth_atom_id_2 
_pdbx_validate_rmsd_angle.auth_asym_id_2 
_pdbx_validate_rmsd_angle.auth_comp_id_2 
_pdbx_validate_rmsd_angle.auth_seq_id_2 
_pdbx_validate_rmsd_angle.PDB_ins_code_2 
_pdbx_validate_rmsd_angle.label_alt_id_2 
_pdbx_validate_rmsd_angle.auth_atom_id_3 
_pdbx_validate_rmsd_angle.auth_asym_id_3 
_pdbx_validate_rmsd_angle.auth_comp_id_3 
_pdbx_validate_rmsd_angle.auth_seq_id_3 
_pdbx_validate_rmsd_angle.PDB_ins_code_3 
_pdbx_validate_rmsd_angle.label_alt_id_3 
_pdbx_validate_rmsd_angle.angle_value 
_pdbx_validate_rmsd_angle.angle_target_value 
_pdbx_validate_rmsd_angle.angle_deviation 
_pdbx_validate_rmsd_angle.angle_standard_deviation 
_pdbx_validate_rmsd_angle.linker_flag 
1  1 CG1 A ILE 56  ? ? CB A ILE 56  ? ? CG2 A ILE 56  ? ? 127.01 111.40 15.61  2.20 N 
2  1 CB  A LEU 57  ? ? CG A LEU 57  ? ? CD2 A LEU 57  ? ? 94.77  111.00 -16.23 1.70 N 
3  1 CD  A ARG 73  ? ? NE A ARG 73  ? ? CZ  A ARG 73  ? ? 132.82 123.60 9.22   1.40 N 
4  1 NH1 A ARG 73  ? ? CZ A ARG 73  ? ? NH2 A ARG 73  ? ? 96.35  119.40 -23.05 1.10 N 
5  1 NE  A ARG 73  ? ? CZ A ARG 73  ? ? NH1 A ARG 73  ? ? 143.65 120.30 23.35  0.50 N 
6  1 CG  A MET 104 ? ? SD A MET 104 ? ? CE  A MET 104 ? ? 110.54 100.20 10.34  1.60 N 
7  1 CB  A LYS 126 ? ? CG A LYS 126 ? ? CD  A LYS 126 ? ? 86.75  111.60 -24.85 2.60 N 
8  1 NE  B ARG 76  ? ? CZ B ARG 76  ? ? NH1 B ARG 76  ? ? 128.96 120.30 8.66   0.50 N 
9  1 NE  B ARG 76  ? ? CZ B ARG 76  ? ? NH2 B ARG 76  ? ? 116.46 120.30 -3.84  0.50 N 
10 1 CB  B ARG 88  ? ? CA B ARG 88  ? ? C   B ARG 88  ? ? 96.99  110.40 -13.41 2.00 N 
11 1 N   B ARG 88  ? ? CA B ARG 88  ? ? CB  B ARG 88  ? ? 124.60 110.60 14.00  1.80 N 
12 1 CB  B ASP 90  ? ? CG B ASP 90  ? ? OD2 B ASP 90  ? ? 90.89  118.30 -27.41 0.90 N 
# 
loop_
_pdbx_validate_torsion.id 
_pdbx_validate_torsion.PDB_model_num 
_pdbx_validate_torsion.auth_comp_id 
_pdbx_validate_torsion.auth_asym_id 
_pdbx_validate_torsion.auth_seq_id 
_pdbx_validate_torsion.PDB_ins_code 
_pdbx_validate_torsion.label_alt_id 
_pdbx_validate_torsion.phi 
_pdbx_validate_torsion.psi 
1  1 ASP A 15 ? ? 0.08    84.97   
2  1 ASP A 17 ? ? 84.03   99.15   
3  1 GLU A 20 ? ? 55.59   78.86   
4  1 ASN A 60 ? ? -106.65 73.91   
5  1 SER B 69 ? ? 72.49   -19.76  
6  1 ILE B 85 ? ? -92.14  -82.65  
7  1 ARG B 87 ? ? 164.46  -43.41  
8  1 ARG B 88 ? ? -68.07  -76.46  
9  1 TYR B 89 ? ? -85.79  31.22   
10 1 ASP B 90 ? ? -110.41 -109.04 
# 
_pdbx_validate_peptide_omega.id               1 
_pdbx_validate_peptide_omega.PDB_model_num    1 
_pdbx_validate_peptide_omega.auth_comp_id_1   ASP 
_pdbx_validate_peptide_omega.auth_asym_id_1   A 
_pdbx_validate_peptide_omega.auth_seq_id_1    74 
_pdbx_validate_peptide_omega.PDB_ins_code_1   ? 
_pdbx_validate_peptide_omega.label_alt_id_1   ? 
_pdbx_validate_peptide_omega.auth_comp_id_2   ALA 
_pdbx_validate_peptide_omega.auth_asym_id_2   A 
_pdbx_validate_peptide_omega.auth_seq_id_2    75 
_pdbx_validate_peptide_omega.PDB_ins_code_2   ? 
_pdbx_validate_peptide_omega.label_alt_id_2   ? 
_pdbx_validate_peptide_omega.omega            -146.67 
# 
_pdbx_validate_chiral.id              1 
_pdbx_validate_chiral.PDB_model_num   1 
_pdbx_validate_chiral.auth_atom_id    CB 
_pdbx_validate_chiral.label_alt_id    ? 
_pdbx_validate_chiral.auth_asym_id    A 
_pdbx_validate_chiral.auth_comp_id    ILE 
_pdbx_validate_chiral.auth_seq_id     56 
_pdbx_validate_chiral.PDB_ins_code    ? 
_pdbx_validate_chiral.details         PLANAR 
_pdbx_validate_chiral.omega           . 
# 
loop_
_pdbx_validate_planes.id 
_pdbx_validate_planes.PDB_model_num 
_pdbx_validate_planes.auth_comp_id 
_pdbx_validate_planes.auth_asym_id 
_pdbx_validate_planes.auth_seq_id 
_pdbx_validate_planes.PDB_ins_code 
_pdbx_validate_planes.label_alt_id 
_pdbx_validate_planes.rmsd 
_pdbx_validate_planes.type 
1 1 TYR B 89 ? ? 0.096 'SIDE CHAIN' 
2 1 ASP B 90 ? ? 0.176 'SIDE CHAIN' 
# 
loop_
_pdbx_refine_tls.pdbx_refine_id 
_pdbx_refine_tls.id 
_pdbx_refine_tls.details 
_pdbx_refine_tls.method 
_pdbx_refine_tls.origin_x 
_pdbx_refine_tls.origin_y 
_pdbx_refine_tls.origin_z 
_pdbx_refine_tls.T[1][1] 
_pdbx_refine_tls.T[2][2] 
_pdbx_refine_tls.T[3][3] 
_pdbx_refine_tls.T[1][2] 
_pdbx_refine_tls.T[1][3] 
_pdbx_refine_tls.T[2][3] 
_pdbx_refine_tls.L[1][1] 
_pdbx_refine_tls.L[2][2] 
_pdbx_refine_tls.L[3][3] 
_pdbx_refine_tls.L[1][2] 
_pdbx_refine_tls.L[1][3] 
_pdbx_refine_tls.L[2][3] 
_pdbx_refine_tls.S[1][1] 
_pdbx_refine_tls.S[1][2] 
_pdbx_refine_tls.S[1][3] 
_pdbx_refine_tls.S[2][1] 
_pdbx_refine_tls.S[2][2] 
_pdbx_refine_tls.S[2][3] 
_pdbx_refine_tls.S[3][1] 
_pdbx_refine_tls.S[3][2] 
_pdbx_refine_tls.S[3][3] 
'X-RAY DIFFRACTION' 1 ? refined -0.6705 -1.4532 0.9011  -0.1953 -0.2018 -0.0247 -0.0368 -0.1519 0.0382 2.4827 2.6540  2.4648 -1.6894 -0.8867 0.2721 0.2578 0.0005 -0.1371 -0.1220 -0.1246 -0.1310 0.0772  0.0323 -0.1333 
'X-RAY DIFFRACTION' 2 ? refined 2.9605  11.0457 -4.5572 0.1791  -0.1954 0.1826  -0.0201 0.0121  0.2050 7.7746 13.2392 8.6937 5.2067  3.3661  2.5444 0.8288 1.1729 2.0215  -0.7627 -0.2171 -0.6989 -0.1233 0.9436 -0.6117 
# 
loop_
_pdbx_refine_tls_group.pdbx_refine_id 
_pdbx_refine_tls_group.id 
_pdbx_refine_tls_group.refine_tls_id 
_pdbx_refine_tls_group.beg_auth_asym_id 
_pdbx_refine_tls_group.beg_auth_seq_id 
_pdbx_refine_tls_group.beg_label_asym_id 
_pdbx_refine_tls_group.beg_label_seq_id 
_pdbx_refine_tls_group.end_auth_asym_id 
_pdbx_refine_tls_group.end_auth_seq_id 
_pdbx_refine_tls_group.end_label_asym_id 
_pdbx_refine_tls_group.end_label_seq_id 
_pdbx_refine_tls_group.selection 
_pdbx_refine_tls_group.selection_details 
'X-RAY DIFFRACTION' 1 1 A 2    ? ? A 128  ? ? ? ? 
'X-RAY DIFFRACTION' 2 1 A 1129 ? ? A 1129 ? ? ? ? 
'X-RAY DIFFRACTION' 3 1 A 2001 ? ? A 2043 ? ? ? ? 
'X-RAY DIFFRACTION' 4 1 B 2001 ? ? B 2015 ? ? ? ? 
'X-RAY DIFFRACTION' 5 2 B 68   ? ? B 92   ? ? ? ? 
# 
loop_
_pdbx_distant_solvent_atoms.id 
_pdbx_distant_solvent_atoms.PDB_model_num 
_pdbx_distant_solvent_atoms.auth_atom_id 
_pdbx_distant_solvent_atoms.label_alt_id 
_pdbx_distant_solvent_atoms.auth_asym_id 
_pdbx_distant_solvent_atoms.auth_comp_id 
_pdbx_distant_solvent_atoms.auth_seq_id 
_pdbx_distant_solvent_atoms.PDB_ins_code 
_pdbx_distant_solvent_atoms.neighbor_macromolecule_distance 
_pdbx_distant_solvent_atoms.neighbor_ligand_distance 
1 1 O ? A HOH 2002 ? 7.09  . 
2 1 O ? B HOH 2001 ? 12.02 . 
3 1 O ? B HOH 2002 ? 12.26 . 
4 1 O ? B HOH 2003 ? 9.23  . 
5 1 O ? B HOH 2004 ? 9.03  . 
6 1 O ? B HOH 2005 ? 8.39  . 
# 
loop_
_pdbx_unobs_or_zero_occ_residues.id 
_pdbx_unobs_or_zero_occ_residues.PDB_model_num 
_pdbx_unobs_or_zero_occ_residues.polymer_flag 
_pdbx_unobs_or_zero_occ_residues.occupancy_flag 
_pdbx_unobs_or_zero_occ_residues.auth_asym_id 
_pdbx_unobs_or_zero_occ_residues.auth_comp_id 
_pdbx_unobs_or_zero_occ_residues.auth_seq_id 
_pdbx_unobs_or_zero_occ_residues.PDB_ins_code 
_pdbx_unobs_or_zero_occ_residues.label_asym_id 
_pdbx_unobs_or_zero_occ_residues.label_comp_id 
_pdbx_unobs_or_zero_occ_residues.label_seq_id 
1  1 Y 1 A MET -12 ? A MET 1   
2  1 Y 1 A GLY -11 ? A GLY 2   
3  1 Y 1 A SER -10 ? A SER 3   
4  1 Y 1 A HIS -9  ? A HIS 4   
5  1 Y 1 A HIS -8  ? A HIS 5   
6  1 Y 1 A HIS -7  ? A HIS 6   
7  1 Y 1 A HIS -6  ? A HIS 7   
8  1 Y 1 A HIS -5  ? A HIS 8   
9  1 Y 1 A HIS -4  ? A HIS 9   
10 1 Y 1 A SER -3  ? A SER 10  
11 1 Y 1 A GLN -2  ? A GLN 11  
12 1 Y 1 A ASP -1  ? A ASP 12  
13 1 Y 1 A PRO 0   ? A PRO 13  
14 1 Y 1 A MET 1   ? A MET 14  
15 1 Y 1 A TYR 129 ? A TYR 142 
16 1 Y 1 A ASN 130 ? A ASN 143 
17 1 Y 1 A THR 131 ? A THR 144 
18 1 Y 1 A THR 132 ? A THR 145 
19 1 Y 1 B PRO 67  ? B PRO 1   
# 
loop_
_chem_comp_atom.comp_id 
_chem_comp_atom.atom_id 
_chem_comp_atom.type_symbol 
_chem_comp_atom.pdbx_aromatic_flag 
_chem_comp_atom.pdbx_stereo_config 
_chem_comp_atom.pdbx_ordinal 
ALA N    N  N N 1   
ALA CA   C  N S 2   
ALA C    C  N N 3   
ALA O    O  N N 4   
ALA CB   C  N N 5   
ALA OXT  O  N N 6   
ALA H    H  N N 7   
ALA H2   H  N N 8   
ALA HA   H  N N 9   
ALA HB1  H  N N 10  
ALA HB2  H  N N 11  
ALA HB3  H  N N 12  
ALA HXT  H  N N 13  
ARG N    N  N N 14  
ARG CA   C  N S 15  
ARG C    C  N N 16  
ARG O    O  N N 17  
ARG CB   C  N N 18  
ARG CG   C  N N 19  
ARG CD   C  N N 20  
ARG NE   N  N N 21  
ARG CZ   C  N N 22  
ARG NH1  N  N N 23  
ARG NH2  N  N N 24  
ARG OXT  O  N N 25  
ARG H    H  N N 26  
ARG H2   H  N N 27  
ARG HA   H  N N 28  
ARG HB2  H  N N 29  
ARG HB3  H  N N 30  
ARG HG2  H  N N 31  
ARG HG3  H  N N 32  
ARG HD2  H  N N 33  
ARG HD3  H  N N 34  
ARG HE   H  N N 35  
ARG HH11 H  N N 36  
ARG HH12 H  N N 37  
ARG HH21 H  N N 38  
ARG HH22 H  N N 39  
ARG HXT  H  N N 40  
ASN N    N  N N 41  
ASN CA   C  N S 42  
ASN C    C  N N 43  
ASN O    O  N N 44  
ASN CB   C  N N 45  
ASN CG   C  N N 46  
ASN OD1  O  N N 47  
ASN ND2  N  N N 48  
ASN OXT  O  N N 49  
ASN H    H  N N 50  
ASN H2   H  N N 51  
ASN HA   H  N N 52  
ASN HB2  H  N N 53  
ASN HB3  H  N N 54  
ASN HD21 H  N N 55  
ASN HD22 H  N N 56  
ASN HXT  H  N N 57  
ASP N    N  N N 58  
ASP CA   C  N S 59  
ASP C    C  N N 60  
ASP O    O  N N 61  
ASP CB   C  N N 62  
ASP CG   C  N N 63  
ASP OD1  O  N N 64  
ASP OD2  O  N N 65  
ASP OXT  O  N N 66  
ASP H    H  N N 67  
ASP H2   H  N N 68  
ASP HA   H  N N 69  
ASP HB2  H  N N 70  
ASP HB3  H  N N 71  
ASP HD2  H  N N 72  
ASP HXT  H  N N 73  
CYS N    N  N N 74  
CYS CA   C  N R 75  
CYS C    C  N N 76  
CYS O    O  N N 77  
CYS CB   C  N N 78  
CYS SG   S  N N 79  
CYS OXT  O  N N 80  
CYS H    H  N N 81  
CYS H2   H  N N 82  
CYS HA   H  N N 83  
CYS HB2  H  N N 84  
CYS HB3  H  N N 85  
CYS HG   H  N N 86  
CYS HXT  H  N N 87  
GLN N    N  N N 88  
GLN CA   C  N S 89  
GLN C    C  N N 90  
GLN O    O  N N 91  
GLN CB   C  N N 92  
GLN CG   C  N N 93  
GLN CD   C  N N 94  
GLN OE1  O  N N 95  
GLN NE2  N  N N 96  
GLN OXT  O  N N 97  
GLN H    H  N N 98  
GLN H2   H  N N 99  
GLN HA   H  N N 100 
GLN HB2  H  N N 101 
GLN HB3  H  N N 102 
GLN HG2  H  N N 103 
GLN HG3  H  N N 104 
GLN HE21 H  N N 105 
GLN HE22 H  N N 106 
GLN HXT  H  N N 107 
GLU N    N  N N 108 
GLU CA   C  N S 109 
GLU C    C  N N 110 
GLU O    O  N N 111 
GLU CB   C  N N 112 
GLU CG   C  N N 113 
GLU CD   C  N N 114 
GLU OE1  O  N N 115 
GLU OE2  O  N N 116 
GLU OXT  O  N N 117 
GLU H    H  N N 118 
GLU H2   H  N N 119 
GLU HA   H  N N 120 
GLU HB2  H  N N 121 
GLU HB3  H  N N 122 
GLU HG2  H  N N 123 
GLU HG3  H  N N 124 
GLU HE2  H  N N 125 
GLU HXT  H  N N 126 
GLY N    N  N N 127 
GLY CA   C  N N 128 
GLY C    C  N N 129 
GLY O    O  N N 130 
GLY OXT  O  N N 131 
GLY H    H  N N 132 
GLY H2   H  N N 133 
GLY HA2  H  N N 134 
GLY HA3  H  N N 135 
GLY HXT  H  N N 136 
HIS N    N  N N 137 
HIS CA   C  N S 138 
HIS C    C  N N 139 
HIS O    O  N N 140 
HIS CB   C  N N 141 
HIS CG   C  Y N 142 
HIS ND1  N  Y N 143 
HIS CD2  C  Y N 144 
HIS CE1  C  Y N 145 
HIS NE2  N  Y N 146 
HIS OXT  O  N N 147 
HIS H    H  N N 148 
HIS H2   H  N N 149 
HIS HA   H  N N 150 
HIS HB2  H  N N 151 
HIS HB3  H  N N 152 
HIS HD1  H  N N 153 
HIS HD2  H  N N 154 
HIS HE1  H  N N 155 
HIS HE2  H  N N 156 
HIS HXT  H  N N 157 
HOH O    O  N N 158 
HOH H1   H  N N 159 
HOH H2   H  N N 160 
ILE N    N  N N 161 
ILE CA   C  N S 162 
ILE C    C  N N 163 
ILE O    O  N N 164 
ILE CB   C  N S 165 
ILE CG1  C  N N 166 
ILE CG2  C  N N 167 
ILE CD1  C  N N 168 
ILE OXT  O  N N 169 
ILE H    H  N N 170 
ILE H2   H  N N 171 
ILE HA   H  N N 172 
ILE HB   H  N N 173 
ILE HG12 H  N N 174 
ILE HG13 H  N N 175 
ILE HG21 H  N N 176 
ILE HG22 H  N N 177 
ILE HG23 H  N N 178 
ILE HD11 H  N N 179 
ILE HD12 H  N N 180 
ILE HD13 H  N N 181 
ILE HXT  H  N N 182 
LEU N    N  N N 183 
LEU CA   C  N S 184 
LEU C    C  N N 185 
LEU O    O  N N 186 
LEU CB   C  N N 187 
LEU CG   C  N N 188 
LEU CD1  C  N N 189 
LEU CD2  C  N N 190 
LEU OXT  O  N N 191 
LEU H    H  N N 192 
LEU H2   H  N N 193 
LEU HA   H  N N 194 
LEU HB2  H  N N 195 
LEU HB3  H  N N 196 
LEU HG   H  N N 197 
LEU HD11 H  N N 198 
LEU HD12 H  N N 199 
LEU HD13 H  N N 200 
LEU HD21 H  N N 201 
LEU HD22 H  N N 202 
LEU HD23 H  N N 203 
LEU HXT  H  N N 204 
LYS N    N  N N 205 
LYS CA   C  N S 206 
LYS C    C  N N 207 
LYS O    O  N N 208 
LYS CB   C  N N 209 
LYS CG   C  N N 210 
LYS CD   C  N N 211 
LYS CE   C  N N 212 
LYS NZ   N  N N 213 
LYS OXT  O  N N 214 
LYS H    H  N N 215 
LYS H2   H  N N 216 
LYS HA   H  N N 217 
LYS HB2  H  N N 218 
LYS HB3  H  N N 219 
LYS HG2  H  N N 220 
LYS HG3  H  N N 221 
LYS HD2  H  N N 222 
LYS HD3  H  N N 223 
LYS HE2  H  N N 224 
LYS HE3  H  N N 225 
LYS HZ1  H  N N 226 
LYS HZ2  H  N N 227 
LYS HZ3  H  N N 228 
LYS HXT  H  N N 229 
MET N    N  N N 230 
MET CA   C  N S 231 
MET C    C  N N 232 
MET O    O  N N 233 
MET CB   C  N N 234 
MET CG   C  N N 235 
MET SD   S  N N 236 
MET CE   C  N N 237 
MET OXT  O  N N 238 
MET H    H  N N 239 
MET H2   H  N N 240 
MET HA   H  N N 241 
MET HB2  H  N N 242 
MET HB3  H  N N 243 
MET HG2  H  N N 244 
MET HG3  H  N N 245 
MET HE1  H  N N 246 
MET HE2  H  N N 247 
MET HE3  H  N N 248 
MET HXT  H  N N 249 
NA  NA   NA N N 250 
PHE N    N  N N 251 
PHE CA   C  N S 252 
PHE C    C  N N 253 
PHE O    O  N N 254 
PHE CB   C  N N 255 
PHE CG   C  Y N 256 
PHE CD1  C  Y N 257 
PHE CD2  C  Y N 258 
PHE CE1  C  Y N 259 
PHE CE2  C  Y N 260 
PHE CZ   C  Y N 261 
PHE OXT  O  N N 262 
PHE H    H  N N 263 
PHE H2   H  N N 264 
PHE HA   H  N N 265 
PHE HB2  H  N N 266 
PHE HB3  H  N N 267 
PHE HD1  H  N N 268 
PHE HD2  H  N N 269 
PHE HE1  H  N N 270 
PHE HE2  H  N N 271 
PHE HZ   H  N N 272 
PHE HXT  H  N N 273 
PRO N    N  N N 274 
PRO CA   C  N S 275 
PRO C    C  N N 276 
PRO O    O  N N 277 
PRO CB   C  N N 278 
PRO CG   C  N N 279 
PRO CD   C  N N 280 
PRO OXT  O  N N 281 
PRO H    H  N N 282 
PRO HA   H  N N 283 
PRO HB2  H  N N 284 
PRO HB3  H  N N 285 
PRO HG2  H  N N 286 
PRO HG3  H  N N 287 
PRO HD2  H  N N 288 
PRO HD3  H  N N 289 
PRO HXT  H  N N 290 
SER N    N  N N 291 
SER CA   C  N S 292 
SER C    C  N N 293 
SER O    O  N N 294 
SER CB   C  N N 295 
SER OG   O  N N 296 
SER OXT  O  N N 297 
SER H    H  N N 298 
SER H2   H  N N 299 
SER HA   H  N N 300 
SER HB2  H  N N 301 
SER HB3  H  N N 302 
SER HG   H  N N 303 
SER HXT  H  N N 304 
THR N    N  N N 305 
THR CA   C  N S 306 
THR C    C  N N 307 
THR O    O  N N 308 
THR CB   C  N R 309 
THR OG1  O  N N 310 
THR CG2  C  N N 311 
THR OXT  O  N N 312 
THR H    H  N N 313 
THR H2   H  N N 314 
THR HA   H  N N 315 
THR HB   H  N N 316 
THR HG1  H  N N 317 
THR HG21 H  N N 318 
THR HG22 H  N N 319 
THR HG23 H  N N 320 
THR HXT  H  N N 321 
TYR N    N  N N 322 
TYR CA   C  N S 323 
TYR C    C  N N 324 
TYR O    O  N N 325 
TYR CB   C  N N 326 
TYR CG   C  Y N 327 
TYR CD1  C  Y N 328 
TYR CD2  C  Y N 329 
TYR CE1  C  Y N 330 
TYR CE2  C  Y N 331 
TYR CZ   C  Y N 332 
TYR OH   O  N N 333 
TYR OXT  O  N N 334 
TYR H    H  N N 335 
TYR H2   H  N N 336 
TYR HA   H  N N 337 
TYR HB2  H  N N 338 
TYR HB3  H  N N 339 
TYR HD1  H  N N 340 
TYR HD2  H  N N 341 
TYR HE1  H  N N 342 
TYR HE2  H  N N 343 
TYR HH   H  N N 344 
TYR HXT  H  N N 345 
VAL N    N  N N 346 
VAL CA   C  N S 347 
VAL C    C  N N 348 
VAL O    O  N N 349 
VAL CB   C  N N 350 
VAL CG1  C  N N 351 
VAL CG2  C  N N 352 
VAL OXT  O  N N 353 
VAL H    H  N N 354 
VAL H2   H  N N 355 
VAL HA   H  N N 356 
VAL HB   H  N N 357 
VAL HG11 H  N N 358 
VAL HG12 H  N N 359 
VAL HG13 H  N N 360 
VAL HG21 H  N N 361 
VAL HG22 H  N N 362 
VAL HG23 H  N N 363 
VAL HXT  H  N N 364 
# 
loop_
_chem_comp_bond.comp_id 
_chem_comp_bond.atom_id_1 
_chem_comp_bond.atom_id_2 
_chem_comp_bond.value_order 
_chem_comp_bond.pdbx_aromatic_flag 
_chem_comp_bond.pdbx_stereo_config 
_chem_comp_bond.pdbx_ordinal 
ALA N   CA   sing N N 1   
ALA N   H    sing N N 2   
ALA N   H2   sing N N 3   
ALA CA  C    sing N N 4   
ALA CA  CB   sing N N 5   
ALA CA  HA   sing N N 6   
ALA C   O    doub N N 7   
ALA C   OXT  sing N N 8   
ALA CB  HB1  sing N N 9   
ALA CB  HB2  sing N N 10  
ALA CB  HB3  sing N N 11  
ALA OXT HXT  sing N N 12  
ARG N   CA   sing N N 13  
ARG N   H    sing N N 14  
ARG N   H2   sing N N 15  
ARG CA  C    sing N N 16  
ARG CA  CB   sing N N 17  
ARG CA  HA   sing N N 18  
ARG C   O    doub N N 19  
ARG C   OXT  sing N N 20  
ARG CB  CG   sing N N 21  
ARG CB  HB2  sing N N 22  
ARG CB  HB3  sing N N 23  
ARG CG  CD   sing N N 24  
ARG CG  HG2  sing N N 25  
ARG CG  HG3  sing N N 26  
ARG CD  NE   sing N N 27  
ARG CD  HD2  sing N N 28  
ARG CD  HD3  sing N N 29  
ARG NE  CZ   sing N N 30  
ARG NE  HE   sing N N 31  
ARG CZ  NH1  sing N N 32  
ARG CZ  NH2  doub N N 33  
ARG NH1 HH11 sing N N 34  
ARG NH1 HH12 sing N N 35  
ARG NH2 HH21 sing N N 36  
ARG NH2 HH22 sing N N 37  
ARG OXT HXT  sing N N 38  
ASN N   CA   sing N N 39  
ASN N   H    sing N N 40  
ASN N   H2   sing N N 41  
ASN CA  C    sing N N 42  
ASN CA  CB   sing N N 43  
ASN CA  HA   sing N N 44  
ASN C   O    doub N N 45  
ASN C   OXT  sing N N 46  
ASN CB  CG   sing N N 47  
ASN CB  HB2  sing N N 48  
ASN CB  HB3  sing N N 49  
ASN CG  OD1  doub N N 50  
ASN CG  ND2  sing N N 51  
ASN ND2 HD21 sing N N 52  
ASN ND2 HD22 sing N N 53  
ASN OXT HXT  sing N N 54  
ASP N   CA   sing N N 55  
ASP N   H    sing N N 56  
ASP N   H2   sing N N 57  
ASP CA  C    sing N N 58  
ASP CA  CB   sing N N 59  
ASP CA  HA   sing N N 60  
ASP C   O    doub N N 61  
ASP C   OXT  sing N N 62  
ASP CB  CG   sing N N 63  
ASP CB  HB2  sing N N 64  
ASP CB  HB3  sing N N 65  
ASP CG  OD1  doub N N 66  
ASP CG  OD2  sing N N 67  
ASP OD2 HD2  sing N N 68  
ASP OXT HXT  sing N N 69  
CYS N   CA   sing N N 70  
CYS N   H    sing N N 71  
CYS N   H2   sing N N 72  
CYS CA  C    sing N N 73  
CYS CA  CB   sing N N 74  
CYS CA  HA   sing N N 75  
CYS C   O    doub N N 76  
CYS C   OXT  sing N N 77  
CYS CB  SG   sing N N 78  
CYS CB  HB2  sing N N 79  
CYS CB  HB3  sing N N 80  
CYS SG  HG   sing N N 81  
CYS OXT HXT  sing N N 82  
GLN N   CA   sing N N 83  
GLN N   H    sing N N 84  
GLN N   H2   sing N N 85  
GLN CA  C    sing N N 86  
GLN CA  CB   sing N N 87  
GLN CA  HA   sing N N 88  
GLN C   O    doub N N 89  
GLN C   OXT  sing N N 90  
GLN CB  CG   sing N N 91  
GLN CB  HB2  sing N N 92  
GLN CB  HB3  sing N N 93  
GLN CG  CD   sing N N 94  
GLN CG  HG2  sing N N 95  
GLN CG  HG3  sing N N 96  
GLN CD  OE1  doub N N 97  
GLN CD  NE2  sing N N 98  
GLN NE2 HE21 sing N N 99  
GLN NE2 HE22 sing N N 100 
GLN OXT HXT  sing N N 101 
GLU N   CA   sing N N 102 
GLU N   H    sing N N 103 
GLU N   H2   sing N N 104 
GLU CA  C    sing N N 105 
GLU CA  CB   sing N N 106 
GLU CA  HA   sing N N 107 
GLU C   O    doub N N 108 
GLU C   OXT  sing N N 109 
GLU CB  CG   sing N N 110 
GLU CB  HB2  sing N N 111 
GLU CB  HB3  sing N N 112 
GLU CG  CD   sing N N 113 
GLU CG  HG2  sing N N 114 
GLU CG  HG3  sing N N 115 
GLU CD  OE1  doub N N 116 
GLU CD  OE2  sing N N 117 
GLU OE2 HE2  sing N N 118 
GLU OXT HXT  sing N N 119 
GLY N   CA   sing N N 120 
GLY N   H    sing N N 121 
GLY N   H2   sing N N 122 
GLY CA  C    sing N N 123 
GLY CA  HA2  sing N N 124 
GLY CA  HA3  sing N N 125 
GLY C   O    doub N N 126 
GLY C   OXT  sing N N 127 
GLY OXT HXT  sing N N 128 
HIS N   CA   sing N N 129 
HIS N   H    sing N N 130 
HIS N   H2   sing N N 131 
HIS CA  C    sing N N 132 
HIS CA  CB   sing N N 133 
HIS CA  HA   sing N N 134 
HIS C   O    doub N N 135 
HIS C   OXT  sing N N 136 
HIS CB  CG   sing N N 137 
HIS CB  HB2  sing N N 138 
HIS CB  HB3  sing N N 139 
HIS CG  ND1  sing Y N 140 
HIS CG  CD2  doub Y N 141 
HIS ND1 CE1  doub Y N 142 
HIS ND1 HD1  sing N N 143 
HIS CD2 NE2  sing Y N 144 
HIS CD2 HD2  sing N N 145 
HIS CE1 NE2  sing Y N 146 
HIS CE1 HE1  sing N N 147 
HIS NE2 HE2  sing N N 148 
HIS OXT HXT  sing N N 149 
HOH O   H1   sing N N 150 
HOH O   H2   sing N N 151 
ILE N   CA   sing N N 152 
ILE N   H    sing N N 153 
ILE N   H2   sing N N 154 
ILE CA  C    sing N N 155 
ILE CA  CB   sing N N 156 
ILE CA  HA   sing N N 157 
ILE C   O    doub N N 158 
ILE C   OXT  sing N N 159 
ILE CB  CG1  sing N N 160 
ILE CB  CG2  sing N N 161 
ILE CB  HB   sing N N 162 
ILE CG1 CD1  sing N N 163 
ILE CG1 HG12 sing N N 164 
ILE CG1 HG13 sing N N 165 
ILE CG2 HG21 sing N N 166 
ILE CG2 HG22 sing N N 167 
ILE CG2 HG23 sing N N 168 
ILE CD1 HD11 sing N N 169 
ILE CD1 HD12 sing N N 170 
ILE CD1 HD13 sing N N 171 
ILE OXT HXT  sing N N 172 
LEU N   CA   sing N N 173 
LEU N   H    sing N N 174 
LEU N   H2   sing N N 175 
LEU CA  C    sing N N 176 
LEU CA  CB   sing N N 177 
LEU CA  HA   sing N N 178 
LEU C   O    doub N N 179 
LEU C   OXT  sing N N 180 
LEU CB  CG   sing N N 181 
LEU CB  HB2  sing N N 182 
LEU CB  HB3  sing N N 183 
LEU CG  CD1  sing N N 184 
LEU CG  CD2  sing N N 185 
LEU CG  HG   sing N N 186 
LEU CD1 HD11 sing N N 187 
LEU CD1 HD12 sing N N 188 
LEU CD1 HD13 sing N N 189 
LEU CD2 HD21 sing N N 190 
LEU CD2 HD22 sing N N 191 
LEU CD2 HD23 sing N N 192 
LEU OXT HXT  sing N N 193 
LYS N   CA   sing N N 194 
LYS N   H    sing N N 195 
LYS N   H2   sing N N 196 
LYS CA  C    sing N N 197 
LYS CA  CB   sing N N 198 
LYS CA  HA   sing N N 199 
LYS C   O    doub N N 200 
LYS C   OXT  sing N N 201 
LYS CB  CG   sing N N 202 
LYS CB  HB2  sing N N 203 
LYS CB  HB3  sing N N 204 
LYS CG  CD   sing N N 205 
LYS CG  HG2  sing N N 206 
LYS CG  HG3  sing N N 207 
LYS CD  CE   sing N N 208 
LYS CD  HD2  sing N N 209 
LYS CD  HD3  sing N N 210 
LYS CE  NZ   sing N N 211 
LYS CE  HE2  sing N N 212 
LYS CE  HE3  sing N N 213 
LYS NZ  HZ1  sing N N 214 
LYS NZ  HZ2  sing N N 215 
LYS NZ  HZ3  sing N N 216 
LYS OXT HXT  sing N N 217 
MET N   CA   sing N N 218 
MET N   H    sing N N 219 
MET N   H2   sing N N 220 
MET CA  C    sing N N 221 
MET CA  CB   sing N N 222 
MET CA  HA   sing N N 223 
MET C   O    doub N N 224 
MET C   OXT  sing N N 225 
MET CB  CG   sing N N 226 
MET CB  HB2  sing N N 227 
MET CB  HB3  sing N N 228 
MET CG  SD   sing N N 229 
MET CG  HG2  sing N N 230 
MET CG  HG3  sing N N 231 
MET SD  CE   sing N N 232 
MET CE  HE1  sing N N 233 
MET CE  HE2  sing N N 234 
MET CE  HE3  sing N N 235 
MET OXT HXT  sing N N 236 
PHE N   CA   sing N N 237 
PHE N   H    sing N N 238 
PHE N   H2   sing N N 239 
PHE CA  C    sing N N 240 
PHE CA  CB   sing N N 241 
PHE CA  HA   sing N N 242 
PHE C   O    doub N N 243 
PHE C   OXT  sing N N 244 
PHE CB  CG   sing N N 245 
PHE CB  HB2  sing N N 246 
PHE CB  HB3  sing N N 247 
PHE CG  CD1  doub Y N 248 
PHE CG  CD2  sing Y N 249 
PHE CD1 CE1  sing Y N 250 
PHE CD1 HD1  sing N N 251 
PHE CD2 CE2  doub Y N 252 
PHE CD2 HD2  sing N N 253 
PHE CE1 CZ   doub Y N 254 
PHE CE1 HE1  sing N N 255 
PHE CE2 CZ   sing Y N 256 
PHE CE2 HE2  sing N N 257 
PHE CZ  HZ   sing N N 258 
PHE OXT HXT  sing N N 259 
PRO N   CA   sing N N 260 
PRO N   CD   sing N N 261 
PRO N   H    sing N N 262 
PRO CA  C    sing N N 263 
PRO CA  CB   sing N N 264 
PRO CA  HA   sing N N 265 
PRO C   O    doub N N 266 
PRO C   OXT  sing N N 267 
PRO CB  CG   sing N N 268 
PRO CB  HB2  sing N N 269 
PRO CB  HB3  sing N N 270 
PRO CG  CD   sing N N 271 
PRO CG  HG2  sing N N 272 
PRO CG  HG3  sing N N 273 
PRO CD  HD2  sing N N 274 
PRO CD  HD3  sing N N 275 
PRO OXT HXT  sing N N 276 
SER N   CA   sing N N 277 
SER N   H    sing N N 278 
SER N   H2   sing N N 279 
SER CA  C    sing N N 280 
SER CA  CB   sing N N 281 
SER CA  HA   sing N N 282 
SER C   O    doub N N 283 
SER C   OXT  sing N N 284 
SER CB  OG   sing N N 285 
SER CB  HB2  sing N N 286 
SER CB  HB3  sing N N 287 
SER OG  HG   sing N N 288 
SER OXT HXT  sing N N 289 
THR N   CA   sing N N 290 
THR N   H    sing N N 291 
THR N   H2   sing N N 292 
THR CA  C    sing N N 293 
THR CA  CB   sing N N 294 
THR CA  HA   sing N N 295 
THR C   O    doub N N 296 
THR C   OXT  sing N N 297 
THR CB  OG1  sing N N 298 
THR CB  CG2  sing N N 299 
THR CB  HB   sing N N 300 
THR OG1 HG1  sing N N 301 
THR CG2 HG21 sing N N 302 
THR CG2 HG22 sing N N 303 
THR CG2 HG23 sing N N 304 
THR OXT HXT  sing N N 305 
TYR N   CA   sing N N 306 
TYR N   H    sing N N 307 
TYR N   H2   sing N N 308 
TYR CA  C    sing N N 309 
TYR CA  CB   sing N N 310 
TYR CA  HA   sing N N 311 
TYR C   O    doub N N 312 
TYR C   OXT  sing N N 313 
TYR CB  CG   sing N N 314 
TYR CB  HB2  sing N N 315 
TYR CB  HB3  sing N N 316 
TYR CG  CD1  doub Y N 317 
TYR CG  CD2  sing Y N 318 
TYR CD1 CE1  sing Y N 319 
TYR CD1 HD1  sing N N 320 
TYR CD2 CE2  doub Y N 321 
TYR CD2 HD2  sing N N 322 
TYR CE1 CZ   doub Y N 323 
TYR CE1 HE1  sing N N 324 
TYR CE2 CZ   sing Y N 325 
TYR CE2 HE2  sing N N 326 
TYR CZ  OH   sing N N 327 
TYR OH  HH   sing N N 328 
TYR OXT HXT  sing N N 329 
VAL N   CA   sing N N 330 
VAL N   H    sing N N 331 
VAL N   H2   sing N N 332 
VAL CA  C    sing N N 333 
VAL CA  CB   sing N N 334 
VAL CA  HA   sing N N 335 
VAL C   O    doub N N 336 
VAL C   OXT  sing N N 337 
VAL CB  CG1  sing N N 338 
VAL CB  CG2  sing N N 339 
VAL CB  HB   sing N N 340 
VAL CG1 HG11 sing N N 341 
VAL CG1 HG12 sing N N 342 
VAL CG1 HG13 sing N N 343 
VAL CG2 HG21 sing N N 344 
VAL CG2 HG22 sing N N 345 
VAL CG2 HG23 sing N N 346 
VAL OXT HXT  sing N N 347 
# 
_atom_sites.entry_id                    2JBY 
_atom_sites.fract_transf_matrix[1][1]   0.00864515 
_atom_sites.fract_transf_matrix[1][2]   -0.00457493 
_atom_sites.fract_transf_matrix[1][3]   -0.01064187 
_atom_sites.fract_transf_matrix[2][1]   -0.00620156 
_atom_sites.fract_transf_matrix[2][2]   -0.01304356 
_atom_sites.fract_transf_matrix[2][3]   0.00056944 
_atom_sites.fract_transf_matrix[3][1]   -0.00561271 
_atom_sites.fract_transf_matrix[3][2]   0.00242401 
_atom_sites.fract_transf_matrix[3][3]   -0.00560169 
_atom_sites.fract_transf_vector[1]      0.572765 
_atom_sites.fract_transf_vector[2]      1.087918 
_atom_sites.fract_transf_vector[3]      -0.123003 
# 
loop_
_atom_type.symbol 
C  
N  
NA 
O  
S  
# 
loop_
_atom_site.group_PDB 
_atom_site.id 
_atom_site.type_symbol 
_atom_site.label_atom_id 
_atom_site.label_alt_id 
_atom_site.label_comp_id 
_atom_site.label_asym_id 
_atom_site.label_entity_id 
_atom_site.label_seq_id 
_atom_site.pdbx_PDB_ins_code 
_atom_site.Cartn_x 
_atom_site.Cartn_y 
_atom_site.Cartn_z 
_atom_site.occupancy 
_atom_site.B_iso_or_equiv 
_atom_site.pdbx_formal_charge 
_atom_site.auth_seq_id 
_atom_site.auth_comp_id 
_atom_site.auth_asym_id 
_atom_site.auth_atom_id 
_atom_site.pdbx_PDB_model_num 
ATOM   1    N  N   . MET A 1 15  ? -2.547  -15.926 -5.337  1.00   69.79 ? 2    MET A N   1 
ATOM   2    C  CA  . MET A 1 15  ? -2.206  -16.875 -6.486  1.00   70.63 ? 2    MET A CA  1 
ATOM   3    C  C   . MET A 1 15  ? -0.703  -16.876 -6.920  1.00   68.53 ? 2    MET A C   1 
ATOM   4    O  O   . MET A 1 15  ? -0.032  -17.892 -6.817  1.00   70.17 ? 2    MET A O   1 
ATOM   5    C  CB  . MET A 1 15  ? -3.110  -16.569 -7.719  1.00   73.47 ? 2    MET A CB  1 
ATOM   6    C  CG  . MET A 1 15  ? -4.467  -17.348 -7.822  1.00   82.48 ? 2    MET A CG  1 
ATOM   7    S  SD  . MET A 1 15  ? -4.398  -19.156 -7.479  1.00   97.45 ? 2    MET A SD  1 
ATOM   8    C  CE  . MET A 1 15  ? -2.828  -19.661 -8.284  1.00   95.51 ? 2    MET A CE  1 
ATOM   9    N  N   . SER A 1 16  ? -0.175  -15.735 -7.395  1.00   64.98 ? 3    SER A N   1 
ATOM   10   C  CA  . SER A 1 16  ? 1.233   -15.594 -7.749  1.00   60.72 ? 3    SER A CA  1 
ATOM   11   C  C   . SER A 1 16  ? 2.040   -15.545 -6.451  1.00   58.59 ? 3    SER A C   1 
ATOM   12   O  O   . SER A 1 16  ? 1.451   -15.363 -5.414  1.00   60.33 ? 3    SER A O   1 
ATOM   13   C  CB  . SER A 1 16  ? 1.420   -14.313 -8.565  1.00   61.34 ? 3    SER A CB  1 
ATOM   14   O  OG  . SER A 1 16  ? 1.549   -13.125 -7.756  1.00   61.14 ? 3    SER A OG  1 
ATOM   15   N  N   . ARG A 1 17  ? 3.358   -15.699 -6.458  1.00   56.08 ? 4    ARG A N   1 
ATOM   16   C  CA  . ARG A 1 17  ? 4.094   -15.513 -5.208  1.00   57.58 ? 4    ARG A CA  1 
ATOM   17   C  C   . ARG A 1 17  ? 3.956   -14.084 -4.605  1.00   59.53 ? 4    ARG A C   1 
ATOM   18   O  O   . ARG A 1 17  ? 3.843   -13.907 -3.386  1.00   61.33 ? 4    ARG A O   1 
ATOM   19   C  CB  . ARG A 1 17  ? 5.581   -15.853 -5.401  1.00   58.60 ? 4    ARG A CB  1 
ATOM   20   C  CG  . ARG A 1 17  ? 6.423   -15.917 -4.116  1.00   53.06 ? 4    ARG A CG  1 
ATOM   21   C  CD  . ARG A 1 17  ? 7.599   -16.912 -4.316  1.00   60.67 ? 4    ARG A CD  1 
ATOM   22   N  NE  . ARG A 1 17  ? 7.236   -18.351 -4.201  1.00   56.83 ? 4    ARG A NE  1 
ATOM   23   C  CZ  . ARG A 1 17  ? 8.124   -19.361 -4.192  1.00   53.59 ? 4    ARG A CZ  1 
ATOM   24   N  NH1 . ARG A 1 17  ? 9.415   -19.103 -4.330  1.00   51.43 ? 4    ARG A NH1 1 
ATOM   25   N  NH2 . ARG A 1 17  ? 7.731   -20.628 -4.052  1.00   42.28 ? 4    ARG A NH2 1 
ATOM   26   N  N   . LEU A 1 18  ? 3.964   -13.070 -5.459  1.00   59.39 ? 5    LEU A N   1 
ATOM   27   C  CA  . LEU A 1 18  ? 3.718   -11.706 -5.016  1.00   60.11 ? 5    LEU A CA  1 
ATOM   28   C  C   . LEU A 1 18  ? 2.346   -11.454 -4.384  1.00   60.17 ? 5    LEU A C   1 
ATOM   29   O  O   . LEU A 1 18  ? 2.284   -10.843 -3.312  1.00   61.02 ? 5    LEU A O   1 
ATOM   30   C  CB  . LEU A 1 18  ? 3.970   -10.698 -6.153  1.00   60.41 ? 5    LEU A CB  1 
ATOM   31   C  CG  . LEU A 1 18  ? 3.911   -9.224  -5.778  1.00   56.07 ? 5    LEU A CG  1 
ATOM   32   C  CD1 . LEU A 1 18  ? 4.919   -8.779  -4.630  1.00   49.83 ? 5    LEU A CD1 1 
ATOM   33   C  CD2 . LEU A 1 18  ? 4.065   -8.405  -7.032  1.00   61.76 ? 5    LEU A CD2 1 
ATOM   34   N  N   . LYS A 1 19  ? 1.276   -11.896 -5.054  1.00   58.54 ? 6    LYS A N   1 
ATOM   35   C  CA  . LYS A 1 19  ? -0.098  -11.809 -4.542  1.00   57.90 ? 6    LYS A CA  1 
ATOM   36   C  C   . LYS A 1 19  ? -0.293  -12.522 -3.207  1.00   56.51 ? 6    LYS A C   1 
ATOM   37   O  O   . LYS A 1 19  ? -0.811  -11.929 -2.277  1.00   59.54 ? 6    LYS A O   1 
ATOM   38   C  CB  . LYS A 1 19  ? -1.118  -12.333 -5.574  1.00   57.07 ? 6    LYS A CB  1 
ATOM   39   C  CG  . LYS A 1 19  ? -2.531  -11.689 -5.476  1.00   62.73 ? 6    LYS A CG  1 
ATOM   40   C  CD  . LYS A 1 19  ? -3.722  -12.546 -6.039  1.00   55.74 ? 6    LYS A CD  1 
ATOM   41   C  CE  . LYS A 1 19  ? -4.133  -12.118 -7.398  1.00   67.44 ? 6    LYS A CE  1 
ATOM   42   N  NZ  . LYS A 1 19  ? -5.093  -10.970 -7.261  1.00   70.27 ? 6    LYS A NZ  1 
ATOM   43   N  N   . THR A 1 20  ? 0.080   -13.786 -3.114  1.00   54.60 ? 7    THR A N   1 
ATOM   44   C  CA  . THR A 1 20  ? 0.077   -14.521 -1.841  1.00   56.72 ? 7    THR A CA  1 
ATOM   45   C  C   . THR A 1 20  ? 0.742   -13.688 -0.704  1.00   57.87 ? 7    THR A C   1 
ATOM   46   O  O   . THR A 1 20  ? 0.269   -13.708 0.441   1.00   56.83 ? 7    THR A O   1 
ATOM   47   C  CB  . THR A 1 20  ? 0.972   -15.836 -1.957  1.00   59.07 ? 7    THR A CB  1 
ATOM   48   O  OG1 . THR A 1 20  ? 0.707   -16.510 -3.171  1.00   55.35 ? 7    THR A OG1 1 
ATOM   49   C  CG2 . THR A 1 20  ? 0.814   -16.788 -0.796  1.00   54.67 ? 7    THR A CG2 1 
ATOM   50   N  N   . ALA A 1 21  ? 1.882   -13.046 -1.010  1.00   59.24 ? 8    ALA A N   1 
ATOM   51   C  CA  . ALA A 1 21  ? 2.663   -12.203 -0.018  1.00   61.72 ? 8    ALA A CA  1 
ATOM   52   C  C   . ALA A 1 21  ? 1.980   -10.892 0.428   1.00   64.30 ? 8    ALA A C   1 
ATOM   53   O  O   . ALA A 1 21  ? 2.213   -10.420 1.543   1.00   66.20 ? 8    ALA A O   1 
ATOM   54   C  CB  . ALA A 1 21  ? 4.103   -11.914 -0.508  1.00   57.74 ? 8    ALA A CB  1 
ATOM   55   N  N   . VAL A 1 22  ? 1.163   -10.322 -0.466  1.00   63.96 ? 9    VAL A N   1 
ATOM   56   C  CA  . VAL A 1 22  ? 0.434   -9.110  -0.243  1.00   63.21 ? 9    VAL A CA  1 
ATOM   57   C  C   . VAL A 1 22  ? -0.686  -9.419  0.735   1.00   63.16 ? 9    VAL A C   1 
ATOM   58   O  O   . VAL A 1 22  ? -0.889  -8.704  1.710   1.00   63.82 ? 9    VAL A O   1 
ATOM   59   C  CB  . VAL A 1 22  ? -0.136  -8.571  -1.586  1.00   64.20 ? 9    VAL A CB  1 
ATOM   60   C  CG1 . VAL A 1 22  ? -1.333  -7.696  -1.341  1.00   63.01 ? 9    VAL A CG1 1 
ATOM   61   C  CG2 . VAL A 1 22  ? 0.947   -7.774  -2.348  1.00   64.50 ? 9    VAL A CG2 1 
ATOM   62   N  N   . TYR A 1 23  ? -1.385  -10.507 0.475   1.00   63.03 ? 10   TYR A N   1 
ATOM   63   C  CA  . TYR A 1 23  ? -2.436  -10.972 1.342   1.00   62.96 ? 10   TYR A CA  1 
ATOM   64   C  C   . TYR A 1 23  ? -1.843  -11.250 2.678   1.00   63.27 ? 10   TYR A C   1 
ATOM   65   O  O   . TYR A 1 23  ? -2.366  -10.824 3.679   1.00   64.51 ? 10   TYR A O   1 
ATOM   66   C  CB  . TYR A 1 23  ? -3.050  -12.261 0.803   1.00   61.58 ? 10   TYR A CB  1 
ATOM   67   C  CG  . TYR A 1 23  ? -4.206  -12.008 -0.144  1.00   62.01 ? 10   TYR A CG  1 
ATOM   68   C  CD1 . TYR A 1 23  ? -5.503  -11.770 0.360   1.00   61.33 ? 10   TYR A CD1 1 
ATOM   69   C  CD2 . TYR A 1 23  ? -4.023  -12.013 -1.531  1.00   56.08 ? 10   TYR A CD2 1 
ATOM   70   C  CE1 . TYR A 1 23  ? -6.596  -11.544 -0.483  1.00   60.68 ? 10   TYR A CE1 1 
ATOM   71   C  CE2 . TYR A 1 23  ? -5.129  -11.763 -2.396  1.00   61.64 ? 10   TYR A CE2 1 
ATOM   72   C  CZ  . TYR A 1 23  ? -6.406  -11.547 -1.843  1.00   63.02 ? 10   TYR A CZ  1 
ATOM   73   O  OH  . TYR A 1 23  ? -7.491  -11.273 -2.647  1.00   68.67 ? 10   TYR A OH  1 
ATOM   74   N  N   . ASP A 1 24  ? -0.737  -11.965 2.697   1.00   64.73 ? 11   ASP A N   1 
ATOM   75   C  CA  . ASP A 1 24  ? -0.118  -12.369 3.954   1.00   65.23 ? 11   ASP A CA  1 
ATOM   76   C  C   . ASP A 1 24  ? 0.225   -11.165 4.785   1.00   65.45 ? 11   ASP A C   1 
ATOM   77   O  O   . ASP A 1 24  ? 0.081   -11.181 6.012   1.00   65.83 ? 11   ASP A O   1 
ATOM   78   C  CB  . ASP A 1 24  ? 1.174   -13.124 3.686   1.00   65.64 ? 11   ASP A CB  1 
ATOM   79   C  CG  . ASP A 1 24  ? 0.951   -14.568 3.270   1.00   66.72 ? 11   ASP A CG  1 
ATOM   80   O  OD1 . ASP A 1 24  ? -0.083  -15.152 3.625   1.00   67.84 ? 11   ASP A OD1 1 
ATOM   81   O  OD2 . ASP A 1 24  ? 1.871   -15.139 2.631   1.00   74.39 ? 11   ASP A OD2 1 
ATOM   82   N  N   . TYR A 1 25  ? 0.756   -10.153 4.097   1.00   67.42 ? 12   TYR A N   1 
ATOM   83   C  CA  . TYR A 1 25  ? 1.201   -8.920  4.686   1.00   67.07 ? 12   TYR A CA  1 
ATOM   84   C  C   . TYR A 1 25  ? -0.015  -8.168  5.182   1.00   68.83 ? 12   TYR A C   1 
ATOM   85   O  O   . TYR A 1 25  ? -0.084  -7.862  6.343   1.00   70.21 ? 12   TYR A O   1 
ATOM   86   C  CB  . TYR A 1 25  ? 1.992   -8.078  3.693   1.00   67.20 ? 12   TYR A CB  1 
ATOM   87   C  CG  . TYR A 1 25  ? 2.202   -6.667  4.205   1.00   67.28 ? 12   TYR A CG  1 
ATOM   88   C  CD1 . TYR A 1 25  ? 3.178   -6.397  5.186   1.00   68.68 ? 12   TYR A CD1 1 
ATOM   89   C  CD2 . TYR A 1 25  ? 1.397   -5.610  3.759   1.00   73.58 ? 12   TYR A CD2 1 
ATOM   90   C  CE1 . TYR A 1 25  ? 3.368   -5.111  5.699   1.00   70.22 ? 12   TYR A CE1 1 
ATOM   91   C  CE2 . TYR A 1 25  ? 1.579   -4.299  4.261   1.00   82.50 ? 12   TYR A CE2 1 
ATOM   92   C  CZ  . TYR A 1 25  ? 2.568   -4.072  5.250   1.00   81.15 ? 12   TYR A CZ  1 
ATOM   93   O  OH  . TYR A 1 25  ? 2.783   -2.815  5.761   1.00   86.99 ? 12   TYR A OH  1 
ATOM   94   N  N   . LEU A 1 26  ? -0.984  -7.894  4.310   1.00   71.34 ? 13   LEU A N   1 
ATOM   95   C  CA  . LEU A 1 26  ? -2.286  -7.323  4.720   1.00   72.36 ? 13   LEU A CA  1 
ATOM   96   C  C   . LEU A 1 26  ? -3.014  -7.938  5.931   1.00   73.83 ? 13   LEU A C   1 
ATOM   97   O  O   . LEU A 1 26  ? -3.720  -7.239  6.627   1.00   76.05 ? 13   LEU A O   1 
ATOM   98   C  CB  . LEU A 1 26  ? -3.227  -7.282  3.549   1.00   72.04 ? 13   LEU A CB  1 
ATOM   99   C  CG  . LEU A 1 26  ? -2.819  -6.222  2.547   1.00   74.94 ? 13   LEU A CG  1 
ATOM   100  C  CD1 . LEU A 1 26  ? -3.927  -6.075  1.558   1.00   76.93 ? 13   LEU A CD1 1 
ATOM   101  C  CD2 . LEU A 1 26  ? -2.418  -4.868  3.214   1.00   70.72 ? 13   LEU A CD2 1 
ATOM   102  N  N   . ASN A 1 27  ? -2.855  -9.220  6.206   1.00   76.19 ? 14   ASN A N   1 
ATOM   103  C  CA  . ASN A 1 27  ? -3.344  -9.756  7.470   1.00   78.52 ? 14   ASN A CA  1 
ATOM   104  C  C   . ASN A 1 27  ? -2.222  -10.209 8.350   1.00   81.04 ? 14   ASN A C   1 
ATOM   105  O  O   . ASN A 1 27  ? -2.249  -11.317 8.913   1.00   82.68 ? 14   ASN A O   1 
ATOM   106  C  CB  . ASN A 1 27  ? -4.334  -10.876 7.245   1.00   79.38 ? 14   ASN A CB  1 
ATOM   107  C  CG  . ASN A 1 27  ? -3.933  -11.767 6.128   1.00   82.79 ? 14   ASN A CG  1 
ATOM   108  O  OD1 . ASN A 1 27  ? -2.862  -12.399 6.183   1.00   83.39 ? 14   ASN A OD1 1 
ATOM   109  N  ND2 . ASN A 1 27  ? -4.798  -11.860 5.096   1.00   75.27 ? 14   ASN A ND2 1 
ATOM   110  N  N   . ASP A 1 28  ? -1.241  -9.312  8.455   1.00   83.08 ? 15   ASP A N   1 
ATOM   111  C  CA  . ASP A 1 28  ? 0.023   -9.510  9.146   1.00   83.53 ? 15   ASP A CA  1 
ATOM   112  C  C   . ASP A 1 28  ? 0.163   -10.882 9.774   1.00   83.22 ? 15   ASP A C   1 
ATOM   113  O  O   . ASP A 1 28  ? -0.093  -11.088 10.961  1.00   79.91 ? 15   ASP A O   1 
ATOM   114  C  CB  . ASP A 1 28  ? 0.254   -8.393  10.163  1.00   85.29 ? 15   ASP A CB  1 
ATOM   115  C  CG  . ASP A 1 28  ? -0.991  -8.052  10.909  1.00   86.99 ? 15   ASP A CG  1 
ATOM   116  O  OD1 . ASP A 1 28  ? -1.805  -7.277  10.367  1.00   88.65 ? 15   ASP A OD1 1 
ATOM   117  O  OD2 . ASP A 1 28  ? -1.167  -8.609  12.010  1.00   91.24 ? 15   ASP A OD2 1 
ATOM   118  N  N   . VAL A 1 29  ? 0.609   -11.800 8.925   1.00   85.33 ? 16   VAL A N   1 
ATOM   119  C  CA  . VAL A 1 29  ? 0.770   -13.200 9.257   1.00   85.81 ? 16   VAL A CA  1 
ATOM   120  C  C   . VAL A 1 29  ? 1.969   -13.430 10.218  1.00   87.10 ? 16   VAL A C   1 
ATOM   121  O  O   . VAL A 1 29  ? 1.972   -14.421 11.002  1.00   88.58 ? 16   VAL A O   1 
ATOM   122  C  CB  . VAL A 1 29  ? 0.759   -14.076 7.936   1.00   84.36 ? 16   VAL A CB  1 
ATOM   123  C  CG1 . VAL A 1 29  ? 1.683   -15.313 8.043   1.00   83.80 ? 16   VAL A CG1 1 
ATOM   124  C  CG2 . VAL A 1 29  ? -0.319  -14.189 7.317   0.0000 76.46 ? 16   VAL A CG2 1 
ATOM   125  N  N   . ASP A 1 30  ? 2.932   -12.497 10.200  1.00   86.26 ? 17   ASP A N   1 
ATOM   126  C  CA  . ASP A 1 30  ? 4.153   -12.522 11.078  1.00   86.77 ? 17   ASP A CA  1 
ATOM   127  C  C   . ASP A 1 30  ? 5.272   -13.400 10.479  1.00   86.21 ? 17   ASP A C   1 
ATOM   128  O  O   . ASP A 1 30  ? 5.249   -14.643 10.605  1.00   87.18 ? 17   ASP A O   1 
ATOM   129  C  CB  . ASP A 1 30  ? 3.869   -12.889 12.575  1.00   85.99 ? 17   ASP A CB  1 
ATOM   130  C  CG  . ASP A 1 30  ? 3.253   -11.699 13.419  1.00   89.96 ? 17   ASP A CG  1 
ATOM   131  O  OD1 . ASP A 1 30  ? 2.828   -10.646 12.865  1.00   82.57 ? 17   ASP A OD1 1 
ATOM   132  O  OD2 . ASP A 1 30  ? 3.161   -11.834 14.670  1.00   84.61 ? 17   ASP A OD2 1 
ATOM   133  N  N   . ILE A 1 31  ? 6.243   -12.732 9.824   1.00   85.75 ? 18   ILE A N   1 
ATOM   134  C  CA  . ILE A 1 31  ? 7.399   -13.415 9.198   1.00   84.05 ? 18   ILE A CA  1 
ATOM   135  C  C   . ILE A 1 31  ? 8.252   -14.280 10.119  1.00   83.46 ? 18   ILE A C   1 
ATOM   136  O  O   . ILE A 1 31  ? 8.828   -13.838 11.121  1.00   84.03 ? 18   ILE A O   1 
ATOM   137  C  CB  . ILE A 1 31  ? 8.291   -12.445 8.327   1.00   84.44 ? 18   ILE A CB  1 
ATOM   138  C  CG1 . ILE A 1 31  ? 9.462   -13.190 7.651   1.00   82.17 ? 18   ILE A CG1 1 
ATOM   139  C  CG2 . ILE A 1 31  ? 8.769   -11.277 9.127   1.00   79.56 ? 18   ILE A CG2 1 
ATOM   140  C  CD1 . ILE A 1 31  ? 10.814  -12.955 8.310   1.00   79.27 ? 18   ILE A CD1 1 
ATOM   141  N  N   . THR A 1 32  ? 8.313   -15.548 9.757   1.00   82.51 ? 19   THR A N   1 
ATOM   142  C  CA  . THR A 1 32  ? 9.343   -16.433 10.269  1.00   78.92 ? 19   THR A CA  1 
ATOM   143  C  C   . THR A 1 32  ? 10.254  -16.678 9.089   1.00   76.18 ? 19   THR A C   1 
ATOM   144  O  O   . THR A 1 32  ? 9.834   -16.530 7.916   1.00   77.70 ? 19   THR A O   1 
ATOM   145  C  CB  . THR A 1 32  ? 8.748   -17.770 10.719  1.00   79.20 ? 19   THR A CB  1 
ATOM   146  O  OG1 . THR A 1 32  ? 7.910   -18.268 9.670   1.00   79.60 ? 19   THR A OG1 1 
ATOM   147  C  CG2 . THR A 1 32  ? 7.913   -17.591 11.997  1.00   78.36 ? 19   THR A CG2 1 
ATOM   148  N  N   . GLU A 1 33  ? 11.493  -17.024 9.388   1.00   71.39 ? 20   GLU A N   1 
ATOM   149  C  CA  . GLU A 1 33  ? 12.450  -17.368 8.365   1.00   69.39 ? 20   GLU A CA  1 
ATOM   150  C  C   . GLU A 1 33  ? 12.619  -16.291 7.330   1.00   68.49 ? 20   GLU A C   1 
ATOM   151  O  O   . GLU A 1 33  ? 12.071  -16.371 6.222   1.00   69.81 ? 20   GLU A O   1 
ATOM   152  C  CB  . GLU A 1 33  ? 12.115  -18.698 7.709   1.00   67.81 ? 20   GLU A CB  1 
ATOM   153  C  CG  . GLU A 1 33  ? 13.182  -19.789 7.998   1.00   73.14 ? 20   GLU A CG  1 
ATOM   154  C  CD  . GLU A 1 33  ? 12.827  -21.109 7.357   1.00   67.74 ? 20   GLU A CD  1 
ATOM   155  O  OE1 . GLU A 1 33  ? 13.233  -22.156 7.874   1.00   70.57 ? 20   GLU A OE1 1 
ATOM   156  O  OE2 . GLU A 1 33  ? 12.099  -21.090 6.341   1.00   74.68 ? 20   GLU A OE2 1 
ATOM   157  N  N   . CYS A 1 34  ? 13.387  -15.268 7.685   1.00   66.71 ? 21   CYS A N   1 
ATOM   158  C  CA  . CYS A 1 34  ? 13.657  -14.220 6.716   1.00   66.44 ? 21   CYS A CA  1 
ATOM   159  C  C   . CYS A 1 34  ? 14.969  -14.462 5.967   1.00   64.57 ? 21   CYS A C   1 
ATOM   160  O  O   . CYS A 1 34  ? 15.999  -14.880 6.546   1.00   63.71 ? 21   CYS A O   1 
ATOM   161  C  CB  . CYS A 1 34  ? 13.475  -12.805 7.309   1.00   64.32 ? 21   CYS A CB  1 
ATOM   162  S  SG  . CYS A 1 34  ? 13.695  -11.485 6.091   1.00   78.69 ? 21   CYS A SG  1 
ATOM   163  N  N   . THR A 1 35  ? 14.868  -14.296 4.655   1.00   63.53 ? 22   THR A N   1 
ATOM   164  C  CA  . THR A 1 35  ? 15.977  -14.459 3.722   1.00   62.92 ? 22   THR A CA  1 
ATOM   165  C  C   . THR A 1 35  ? 16.050  -13.156 2.971   1.00   64.20 ? 22   THR A C   1 
ATOM   166  O  O   . THR A 1 35  ? 15.067  -12.438 2.951   1.00   65.69 ? 22   THR A O   1 
ATOM   167  C  CB  . THR A 1 35  ? 15.761  -15.735 2.842   1.00   62.00 ? 22   THR A CB  1 
ATOM   168  O  OG1 . THR A 1 35  ? 16.720  -16.711 3.233   1.00   58.51 ? 22   THR A OG1 1 
ATOM   169  C  CG2 . THR A 1 35  ? 15.915  -15.518 1.371   1.00   55.87 ? 22   THR A CG2 1 
ATOM   170  N  N   . GLU A 1 36  ? 17.184  -12.784 2.396   1.00   67.60 ? 23   GLU A N   1 
ATOM   171  C  CA  . GLU A 1 36  ? 17.203  -11.488 1.709   1.00   70.75 ? 23   GLU A CA  1 
ATOM   172  C  C   . GLU A 1 36  ? 16.271  -11.525 0.489   1.00   72.24 ? 23   GLU A C   1 
ATOM   173  O  O   . GLU A 1 36  ? 15.680  -10.503 0.098   1.00   73.75 ? 23   GLU A O   1 
ATOM   174  C  CB  . GLU A 1 36  ? 18.617  -10.954 1.404   1.00   71.58 ? 23   GLU A CB  1 
ATOM   175  C  CG  . GLU A 1 36  ? 19.166  -11.266 0.011   1.00   75.44 ? 23   GLU A CG  1 
ATOM   176  C  CD  . GLU A 1 36  ? 19.667  -12.698 -0.091  1.00   77.84 ? 23   GLU A CD  1 
ATOM   177  O  OE1 . GLU A 1 36  ? 20.652  -13.041 0.607   1.00   73.98 ? 23   GLU A OE1 1 
ATOM   178  O  OE2 . GLU A 1 36  ? 19.055  -13.488 -0.853  1.00   77.87 ? 23   GLU A OE2 1 
ATOM   179  N  N   . MET A 1 37  ? 16.045  -12.720 -0.037  1.00   72.61 ? 24   MET A N   1 
ATOM   180  C  CA  . MET A 1 37  ? 15.044  -12.858 -1.070  1.00   73.93 ? 24   MET A CA  1 
ATOM   181  C  C   . MET A 1 37  ? 13.714  -13.576 -0.692  1.00   73.79 ? 24   MET A C   1 
ATOM   182  O  O   . MET A 1 37  ? 13.042  -14.137 -1.570  1.00   75.09 ? 24   MET A O   1 
ATOM   183  C  CB  . MET A 1 37  ? 15.676  -13.346 -2.392  1.00   75.27 ? 24   MET A CB  1 
ATOM   184  C  CG  . MET A 1 37  ? 16.115  -14.808 -2.443  1.00   76.24 ? 24   MET A CG  1 
ATOM   185  S  SD  . MET A 1 37  ? 16.344  -15.318 -4.183  1.00   78.51 ? 24   MET A SD  1 
ATOM   186  C  CE  . MET A 1 37  ? 14.618  -15.402 -4.766  1.00   80.59 ? 24   MET A CE  1 
ATOM   187  N  N   . ASP A 1 38  ? 13.311  -13.513 0.585   1.00   72.24 ? 25   ASP A N   1 
ATOM   188  C  CA  . ASP A 1 38  ? 11.916  -13.821 0.976   1.00   69.63 ? 25   ASP A CA  1 
ATOM   189  C  C   . ASP A 1 38  ? 11.041  -12.603 0.713   1.00   67.04 ? 25   ASP A C   1 
ATOM   190  O  O   . ASP A 1 38  ? 11.244  -11.507 1.275   1.00   67.29 ? 25   ASP A O   1 
ATOM   191  C  CB  . ASP A 1 38  ? 11.770  -14.348 2.431   1.00   69.12 ? 25   ASP A CB  1 
ATOM   192  C  CG  . ASP A 1 38  ? 10.296  -14.342 2.936   1.00   70.29 ? 25   ASP A CG  1 
ATOM   193  O  OD1 . ASP A 1 38  ? 9.554   -15.325 2.780   1.00   78.89 ? 25   ASP A OD1 1 
ATOM   194  O  OD2 . ASP A 1 38  ? 9.832   -13.338 3.486   1.00   76.50 ? 25   ASP A OD2 1 
ATOM   195  N  N   . LEU A 1 39  ? 10.063  -12.808 -0.159  1.00   65.91 ? 26   LEU A N   1 
ATOM   196  C  CA  . LEU A 1 39  ? 9.175   -11.730 -0.640  1.00   63.09 ? 26   LEU A CA  1 
ATOM   197  C  C   . LEU A 1 39  ? 8.316   -11.130 0.479   1.00   62.00 ? 26   LEU A C   1 
ATOM   198  O  O   . LEU A 1 39  ? 8.168   -9.895  0.571   1.00   59.27 ? 26   LEU A O   1 
ATOM   199  C  CB  . LEU A 1 39  ? 8.231   -12.235 -1.776  1.00   62.96 ? 26   LEU A CB  1 
ATOM   200  C  CG  . LEU A 1 39  ? 8.582   -12.083 -3.266  1.00   64.61 ? 26   LEU A CG  1 
ATOM   201  C  CD1 . LEU A 1 39  ? 9.543   -13.197 -3.765  1.00   67.56 ? 26   LEU A CD1 1 
ATOM   202  C  CD2 . LEU A 1 39  ? 7.366   -12.106 -4.142  1.00   56.26 ? 26   LEU A CD2 1 
ATOM   203  N  N   . LEU A 1 40  ? 7.678   -12.002 1.270   1.00   60.61 ? 27   LEU A N   1 
ATOM   204  C  CA  . LEU A 1 40  ? 6.829   -11.521 2.367   1.00   60.36 ? 27   LEU A CA  1 
ATOM   205  C  C   . LEU A 1 40  ? 7.618   -10.608 3.346   1.00   60.96 ? 27   LEU A C   1 
ATOM   206  O  O   . LEU A 1 40  ? 7.233   -9.462  3.572   1.00   62.57 ? 27   LEU A O   1 
ATOM   207  C  CB  . LEU A 1 40  ? 6.190   -12.687 3.109   1.00   58.07 ? 27   LEU A CB  1 
ATOM   208  C  CG  . LEU A 1 40  ? 5.407   -12.173 4.312   1.00   60.99 ? 27   LEU A CG  1 
ATOM   209  C  CD1 . LEU A 1 40  ? 4.422   -11.062 3.852   1.00   54.42 ? 27   LEU A CD1 1 
ATOM   210  C  CD2 . LEU A 1 40  ? 4.742   -13.362 5.066   1.00   54.37 ? 27   LEU A CD2 1 
ATOM   211  N  N   . CYS A 1 41  ? 8.754   -11.102 3.845   1.00   60.68 ? 28   CYS A N   1 
ATOM   212  C  CA  . CYS A 1 41  ? 9.654   -10.362 4.729   1.00   61.55 ? 28   CYS A CA  1 
ATOM   213  C  C   . CYS A 1 41  ? 10.083  -9.049  4.072   1.00   60.77 ? 28   CYS A C   1 
ATOM   214  O  O   . CYS A 1 41  ? 9.977   -7.988  4.677   1.00   60.19 ? 28   CYS A O   1 
ATOM   215  C  CB  . CYS A 1 41  ? 10.912  -11.209 5.047   1.00   62.13 ? 28   CYS A CB  1 
ATOM   216  S  SG  . CYS A 1 41  ? 12.030  -10.335 6.089   0.20   62.94 ? 28   CYS A SG  1 
ATOM   217  N  N   . GLN A 1 42  ? 10.540  -9.126  2.819   1.00   60.15 ? 29   GLN A N   1 
ATOM   218  C  CA  . GLN A 1 42  ? 11.065  -7.934  2.165   1.00   59.62 ? 29   GLN A CA  1 
ATOM   219  C  C   . GLN A 1 42  ? 9.990   -6.943  1.818   1.00   60.78 ? 29   GLN A C   1 
ATOM   220  O  O   . GLN A 1 42  ? 10.229  -5.731  1.874   1.00   64.19 ? 29   GLN A O   1 
ATOM   221  C  CB  . GLN A 1 42  ? 11.982  -8.255  0.981   1.00   60.61 ? 29   GLN A CB  1 
ATOM   222  C  CG  . GLN A 1 42  ? 13.244  -9.144  1.378   1.00   55.11 ? 29   GLN A CG  1 
ATOM   223  C  CD  . GLN A 1 42  ? 14.053  -8.662  2.621   1.00   56.24 ? 29   GLN A CD  1 
ATOM   224  O  OE1 . GLN A 1 42  ? 14.050  -7.475  2.978   1.00   53.89 ? 29   GLN A OE1 1 
ATOM   225  N  NE2 . GLN A 1 42  ? 14.796  -9.590  3.239   1.00   49.99 ? 29   GLN A NE2 1 
ATOM   226  N  N   . LEU A 1 43  ? 8.790   -7.441  1.578   1.00   59.54 ? 30   LEU A N   1 
ATOM   227  C  CA  . LEU A 1 43  ? 7.623   -6.601  1.336   1.00   61.53 ? 30   LEU A CA  1 
ATOM   228  C  C   . LEU A 1 43  ? 7.260   -5.894  2.613   1.00   62.81 ? 30   LEU A C   1 
ATOM   229  O  O   . LEU A 1 43  ? 7.067   -4.679  2.649   1.00   64.75 ? 30   LEU A O   1 
ATOM   230  C  CB  . LEU A 1 43  ? 6.465   -7.492  0.915   1.00   59.73 ? 30   LEU A CB  1 
ATOM   231  C  CG  . LEU A 1 43  ? 5.087   -7.071  0.497   1.00   58.95 ? 30   LEU A CG  1 
ATOM   232  C  CD1 . LEU A 1 43  ? 5.149   -5.997  -0.583  1.00   55.96 ? 30   LEU A CD1 1 
ATOM   233  C  CD2 . LEU A 1 43  ? 4.471   -8.311  -0.035  1.00   53.88 ? 30   LEU A CD2 1 
ATOM   234  N  N   . SER A 1 44  ? 7.184   -6.696  3.667   1.00   63.31 ? 31   SER A N   1 
ATOM   235  C  CA  . SER A 1 44  ? 6.935   -6.232  5.020   1.00   61.53 ? 31   SER A CA  1 
ATOM   236  C  C   . SER A 1 44  ? 7.940   -5.145  5.455   1.00   60.57 ? 31   SER A C   1 
ATOM   237  O  O   . SER A 1 44  ? 7.538   -4.139  6.054   1.00   60.48 ? 31   SER A O   1 
ATOM   238  C  CB  . SER A 1 44  ? 7.002   -7.450  5.947   1.00   60.39 ? 31   SER A CB  1 
ATOM   239  O  OG  . SER A 1 44  ? 6.971   -7.024  7.285   1.00   63.16 ? 31   SER A OG  1 
ATOM   240  N  N   . ASN A 1 45  ? 9.245   -5.364  5.195   1.00   58.30 ? 32   ASN A N   1 
ATOM   241  C  CA  . ASN A 1 45  ? 10.288  -4.396  5.545   1.00   56.24 ? 32   ASN A CA  1 
ATOM   242  C  C   . ASN A 1 45  ? 10.147  -3.107  4.780   1.00   59.14 ? 32   ASN A C   1 
ATOM   243  O  O   . ASN A 1 45  ? 10.396  -2.031  5.315   1.00   59.84 ? 32   ASN A O   1 
ATOM   244  C  CB  . ASN A 1 45  ? 11.662  -4.938  5.226   1.00   56.19 ? 32   ASN A CB  1 
ATOM   245  C  CG  . ASN A 1 45  ? 11.996  -6.160  5.993   1.00   51.36 ? 32   ASN A CG  1 
ATOM   246  O  OD1 . ASN A 1 45  ? 11.322  -6.515  6.936   1.00   60.24 ? 32   ASN A OD1 1 
ATOM   247  N  ND2 . ASN A 1 45  ? 13.003  -6.859  5.553   1.00   52.40 ? 32   ASN A ND2 1 
ATOM   248  N  N   . CYS A 1 46  ? 9.775   -3.218  3.504   1.00   62.27 ? 33   CYS A N   1 
ATOM   249  C  CA  . CYS A 1 46  ? 9.613   -2.058  2.597   1.00   63.83 ? 33   CYS A CA  1 
ATOM   250  C  C   . CYS A 1 46  ? 8.490   -1.119  3.022   1.00   62.18 ? 33   CYS A C   1 
ATOM   251  O  O   . CYS A 1 46  ? 8.685   0.077   3.080   1.00   63.79 ? 33   CYS A O   1 
ATOM   252  C  CB  . CYS A 1 46  ? 9.427   -2.525  1.152   1.00   65.24 ? 33   CYS A CB  1 
ATOM   253  S  SG  . CYS A 1 46  ? 9.121   -1.193  -0.037  1.00   77.58 ? 33   CYS A SG  1 
ATOM   254  N  N   . CYS A 1 47  ? 7.360   -1.699  3.424   1.00   62.10 ? 34   CYS A N   1 
ATOM   255  C  CA  . CYS A 1 47  ? 6.190   -1.001  3.993   1.00   60.49 ? 34   CYS A CA  1 
ATOM   256  C  C   . CYS A 1 47  ? 6.335   -0.356  5.388   1.00   58.90 ? 34   CYS A C   1 
ATOM   257  O  O   . CYS A 1 47  ? 5.806   0.733   5.610   1.00   58.44 ? 34   CYS A O   1 
ATOM   258  C  CB  . CYS A 1 47  ? 4.960   -1.939  3.936   1.00   62.47 ? 34   CYS A CB  1 
ATOM   259  S  SG  . CYS A 1 47  ? 4.480   -2.418  2.185   1.00   63.76 ? 34   CYS A SG  1 
ATOM   260  N  N   . ASP A 1 48  ? 6.999   -1.033  6.323   1.00   58.16 ? 35   ASP A N   1 
ATOM   261  C  CA  . ASP A 1 48  ? 7.431   -0.449  7.591   1.00   59.66 ? 35   ASP A CA  1 
ATOM   262  C  C   . ASP A 1 48  ? 8.391   0.730   7.381   1.00   60.68 ? 35   ASP A C   1 
ATOM   263  O  O   . ASP A 1 48  ? 8.344   1.710   8.144   1.00   60.91 ? 35   ASP A O   1 
ATOM   264  C  CB  . ASP A 1 48  ? 8.231   -1.486  8.387   1.00   61.50 ? 35   ASP A CB  1 
ATOM   265  C  CG  . ASP A 1 48  ? 7.394   -2.650  8.841   1.00   64.74 ? 35   ASP A CG  1 
ATOM   266  O  OD1 . ASP A 1 48  ? 7.917   -3.481  9.645   1.00   78.91 ? 35   ASP A OD1 1 
ATOM   267  O  OD2 . ASP A 1 48  ? 6.242   -2.758  8.415   1.00   68.57 ? 35   ASP A OD2 1 
ATOM   268  N  N   . PHE A 1 49  ? 9.321   0.590   6.420   1.00   60.36 ? 36   PHE A N   1 
ATOM   269  C  CA  . PHE A 1 49  ? 10.259  1.674   6.082   1.00   61.96 ? 36   PHE A CA  1 
ATOM   270  C  C   . PHE A 1 49  ? 9.459   2.843   5.475   1.00   60.81 ? 36   PHE A C   1 
ATOM   271  O  O   . PHE A 1 49  ? 9.573   3.931   5.952   1.00   61.76 ? 36   PHE A O   1 
ATOM   272  C  CB  . PHE A 1 49  ? 11.473  1.203   5.208   1.00   63.19 ? 36   PHE A CB  1 
ATOM   273  C  CG  . PHE A 1 49  ? 12.205  2.324   4.502   1.00   63.06 ? 36   PHE A CG  1 
ATOM   274  C  CD1 . PHE A 1 49  ? 11.635  2.954   3.379   1.00   72.18 ? 36   PHE A CD1 1 
ATOM   275  C  CD2 . PHE A 1 49  ? 13.400  2.811   4.990   1.00   65.57 ? 36   PHE A CD2 1 
ATOM   276  C  CE1 . PHE A 1 49  ? 12.259  4.043   2.741   1.00   65.26 ? 36   PHE A CE1 1 
ATOM   277  C  CE2 . PHE A 1 49  ? 14.039  3.902   4.361   1.00   68.18 ? 36   PHE A CE2 1 
ATOM   278  C  CZ  . PHE A 1 49  ? 13.476  4.516   3.236   1.00   65.30 ? 36   PHE A CZ  1 
ATOM   279  N  N   . ILE A 1 50  ? 8.596   2.596   4.504   1.00   60.29 ? 37   ILE A N   1 
ATOM   280  C  CA  . ILE A 1 50  ? 7.761   3.672   3.930   1.00   61.22 ? 37   ILE A CA  1 
ATOM   281  C  C   . ILE A 1 50  ? 6.889   4.326   4.972   1.00   62.00 ? 37   ILE A C   1 
ATOM   282  O  O   . ILE A 1 50  ? 6.719   5.538   4.965   1.00   65.61 ? 37   ILE A O   1 
ATOM   283  C  CB  . ILE A 1 50  ? 6.810   3.181   2.788   1.00   60.81 ? 37   ILE A CB  1 
ATOM   284  C  CG1 . ILE A 1 50  ? 7.604   2.642   1.597   1.00   54.79 ? 37   ILE A CG1 1 
ATOM   285  C  CG2 . ILE A 1 50  ? 5.890   4.320   2.353   1.00   62.68 ? 37   ILE A CG2 1 
ATOM   286  C  CD1 . ILE A 1 50  ? 6.845   1.620   0.809   1.00   60.79 ? 37   ILE A CD1 1 
ATOM   287  N  N   . ASN A 1 51  ? 6.318   3.524   5.857   1.00   61.97 ? 38   ASN A N   1 
ATOM   288  C  CA  . ASN A 1 51  ? 5.452   4.032   6.900   1.00   63.48 ? 38   ASN A CA  1 
ATOM   289  C  C   . ASN A 1 51  ? 6.114   5.003   7.816   1.00   63.98 ? 38   ASN A C   1 
ATOM   290  O  O   . ASN A 1 51  ? 5.532   6.051   8.075   1.00   64.88 ? 38   ASN A O   1 
ATOM   291  C  CB  . ASN A 1 51  ? 4.935   2.901   7.772   1.00   65.82 ? 38   ASN A CB  1 
ATOM   292  C  CG  . ASN A 1 51  ? 3.544   3.169   8.275   1.00   70.50 ? 38   ASN A CG  1 
ATOM   293  O  OD1 . ASN A 1 51  ? 2.855   4.056   7.778   1.00   70.15 ? 38   ASN A OD1 1 
ATOM   294  N  ND2 . ASN A 1 51  ? 3.108   2.392   9.253   1.00   77.26 ? 38   ASN A ND2 1 
ATOM   295  N  N   . GLU A 1 52  ? 7.305   4.635   8.329   1.00   64.73 ? 39   GLU A N   1 
ATOM   296  C  CA  . GLU A 1 52  ? 8.107   5.480   9.223   1.00   65.52 ? 39   GLU A CA  1 
ATOM   297  C  C   . GLU A 1 52  ? 8.656   6.689   8.563   1.00   63.49 ? 39   GLU A C   1 
ATOM   298  O  O   . GLU A 1 52  ? 8.604   7.774   9.148   1.00   65.64 ? 39   GLU A O   1 
ATOM   299  C  CB  . GLU A 1 52  ? 9.323   4.755   9.830   1.00   66.84 ? 39   GLU A CB  1 
ATOM   300  C  CG  . GLU A 1 52  ? 8.983   3.678   10.829  1.00   70.51 ? 39   GLU A CG  1 
ATOM   301  C  CD  . GLU A 1 52  ? 8.353   4.189   12.111  1.00   77.44 ? 39   GLU A CD  1 
ATOM   302  O  OE1 . GLU A 1 52  ? 8.837   5.240   12.646  1.00   69.48 ? 39   GLU A OE1 1 
ATOM   303  O  OE2 . GLU A 1 52  ? 7.402   3.490   12.587  1.00   71.06 ? 39   GLU A OE2 1 
ATOM   304  N  N   . THR A 1 53  ? 9.252   6.509   7.393   1.00   61.27 ? 40   THR A N   1 
ATOM   305  C  CA  . THR A 1 53  ? 9.812   7.659   6.705   1.00   62.49 ? 40   THR A CA  1 
ATOM   306  C  C   . THR A 1 53  ? 8.793   8.712   6.192   1.00   62.82 ? 40   THR A C   1 
ATOM   307  O  O   . THR A 1 53  ? 9.130   9.891   6.084   1.00   64.61 ? 40   THR A O   1 
ATOM   308  C  CB  . THR A 1 53  ? 10.928  7.323   5.657   1.00   62.85 ? 40   THR A CB  1 
ATOM   309  O  OG1 . THR A 1 53  ? 11.216  8.509   4.915   1.00   67.15 ? 40   THR A OG1 1 
ATOM   310  C  CG2 . THR A 1 53  ? 10.528  6.278   4.677   1.00   58.87 ? 40   THR A CG2 1 
ATOM   311  N  N   . TYR A 1 54  ? 7.564   8.277   5.907   1.00   61.67 ? 41   TYR A N   1 
ATOM   312  C  CA  . TYR A 1 54  ? 6.471   9.148   5.506   1.00   59.83 ? 41   TYR A CA  1 
ATOM   313  C  C   . TYR A 1 54  ? 5.338   9.206   6.490   1.00   59.51 ? 41   TYR A C   1 
ATOM   314  O  O   . TYR A 1 54  ? 4.208   9.287   6.059   1.00   62.12 ? 41   TYR A O   1 
ATOM   315  C  CB  . TYR A 1 54  ? 5.937   8.704   4.141   1.00   58.17 ? 41   TYR A CB  1 
ATOM   316  C  CG  . TYR A 1 54  ? 7.025   8.833   3.153   1.00   57.33 ? 41   TYR A CG  1 
ATOM   317  C  CD1 . TYR A 1 54  ? 7.735   7.722   2.712   1.00   62.04 ? 41   TYR A CD1 1 
ATOM   318  C  CD2 . TYR A 1 54  ? 7.454   10.081  2.771   1.00   59.69 ? 41   TYR A CD2 1 
ATOM   319  C  CE1 . TYR A 1 54  ? 8.810   7.854   1.847   1.00   58.19 ? 41   TYR A CE1 1 
ATOM   320  C  CE2 . TYR A 1 54  ? 8.514   10.233  1.921   1.00   63.43 ? 41   TYR A CE2 1 
ATOM   321  C  CZ  . TYR A 1 54  ? 9.193   9.113   1.472   1.00   62.27 ? 41   TYR A CZ  1 
ATOM   322  O  OH  . TYR A 1 54  ? 10.211  9.303   0.592   1.00   62.38 ? 41   TYR A OH  1 
ATOM   323  N  N   . ALA A 1 55  ? 5.624   9.175   7.789   1.00   58.88 ? 42   ALA A N   1 
ATOM   324  C  CA  . ALA A 1 55  ? 4.589   9.211   8.810   1.00   58.86 ? 42   ALA A CA  1 
ATOM   325  C  C   . ALA A 1 55  ? 3.653   10.364  8.590   1.00   59.72 ? 42   ALA A C   1 
ATOM   326  O  O   . ALA A 1 55  ? 2.459   10.159  8.603   1.00   61.93 ? 42   ALA A O   1 
ATOM   327  C  CB  . ALA A 1 55  ? 5.179   9.342   10.220  1.00   57.65 ? 42   ALA A CB  1 
ATOM   328  N  N   . LYS A 1 56  ? 4.202   11.572  8.483   1.00   61.19 ? 43   LYS A N   1 
ATOM   329  C  CA  . LYS A 1 56  ? 3.447   12.815  8.415   1.00   62.26 ? 43   LYS A CA  1 
ATOM   330  C  C   . LYS A 1 56  ? 2.464   12.769  7.292   1.00   62.35 ? 43   LYS A C   1 
ATOM   331  O  O   . LYS A 1 56  ? 1.312   13.119  7.513   1.00   62.77 ? 43   LYS A O   1 
ATOM   332  C  CB  . LYS A 1 56  ? 4.376   14.046  8.318   1.00   64.05 ? 43   LYS A CB  1 
ATOM   333  C  CG  . LYS A 1 56  ? 5.745   13.763  7.693   1.00   69.12 ? 43   LYS A CG  1 
ATOM   334  C  CD  . LYS A 1 56  ? 6.233   15.020  6.846   0.0000 64.06 ? 43   LYS A CD  1 
ATOM   335  C  CE  . LYS A 1 56  ? 7.615   14.729  6.220   0.0000 64.64 ? 43   LYS A CE  1 
ATOM   336  N  NZ  . LYS A 1 56  ? 7.704   13.392  5.511   0.0000 62.83 ? 43   LYS A NZ  1 
ATOM   337  N  N   . ASN A 1 57  ? 2.904   12.233  6.141   1.00   62.91 ? 44   ASN A N   1 
ATOM   338  C  CA  . ASN A 1 57  ? 2.095   11.932  4.920   1.00   61.20 ? 44   ASN A CA  1 
ATOM   339  C  C   . ASN A 1 57  ? 0.959   10.974  5.118   1.00   61.91 ? 44   ASN A C   1 
ATOM   340  O  O   . ASN A 1 57  ? -0.123  11.188  4.588   1.00   62.97 ? 44   ASN A O   1 
ATOM   341  C  CB  . ASN A 1 57  ? 2.975   11.345  3.814   1.00   61.16 ? 44   ASN A CB  1 
ATOM   342  C  CG  . ASN A 1 57  ? 4.137   12.306  3.390   1.00   60.82 ? 44   ASN A CG  1 
ATOM   343  O  OD1 . ASN A 1 57  ? 5.225   12.343  4.015   1.00   54.95 ? 44   ASN A OD1 1 
ATOM   344  N  ND2 . ASN A 1 57  ? 3.903   13.054  2.310   1.00   60.35 ? 44   ASN A ND2 1 
ATOM   345  N  N   . TYR A 1 58  ? 1.191   9.889   5.842   1.00   60.69 ? 45   TYR A N   1 
ATOM   346  C  CA  . TYR A 1 58  ? 0.111   9.019   6.247   1.00   59.25 ? 45   TYR A CA  1 
ATOM   347  C  C   . TYR A 1 58  ? -0.843  9.686   7.211   1.00   61.39 ? 45   TYR A C   1 
ATOM   348  O  O   . TYR A 1 58  ? -2.054  9.449   7.154   1.00   62.01 ? 45   TYR A O   1 
ATOM   349  C  CB  . TYR A 1 58  ? 0.660   7.699   6.744   1.00   58.69 ? 45   TYR A CB  1 
ATOM   350  C  CG  . TYR A 1 58  ? 1.223   6.901   5.547   1.00   65.84 ? 45   TYR A CG  1 
ATOM   351  C  CD1 . TYR A 1 58  ? 2.612   6.826   5.288   1.00   62.13 ? 45   TYR A CD1 1 
ATOM   352  C  CD2 . TYR A 1 58  ? 0.362   6.320   4.609   1.00   59.97 ? 45   TYR A CD2 1 
ATOM   353  C  CE1 . TYR A 1 58  ? 3.087   6.117   4.168   1.00   63.25 ? 45   TYR A CE1 1 
ATOM   354  C  CE2 . TYR A 1 58  ? 0.829   5.645   3.513   1.00   56.15 ? 45   TYR A CE2 1 
ATOM   355  C  CZ  . TYR A 1 58  ? 2.167   5.546   3.289   1.00   58.50 ? 45   TYR A CZ  1 
ATOM   356  O  OH  . TYR A 1 58  ? 2.579   4.864   2.166   1.00   60.44 ? 45   TYR A OH  1 
ATOM   357  N  N   . ASP A 1 59  ? -0.318  10.591  8.038   1.00   63.44 ? 46   ASP A N   1 
ATOM   358  C  CA  . ASP A 1 59  ? -1.135  11.507  8.864   1.00   64.70 ? 46   ASP A CA  1 
ATOM   359  C  C   . ASP A 1 59  ? -2.114  12.362  8.029   1.00   64.65 ? 46   ASP A C   1 
ATOM   360  O  O   . ASP A 1 59  ? -3.327  12.355  8.267   1.00   66.76 ? 46   ASP A O   1 
ATOM   361  C  CB  . ASP A 1 59  ? -0.252  12.372  9.789   1.00   65.21 ? 46   ASP A CB  1 
ATOM   362  C  CG  . ASP A 1 59  ? 0.309   11.580  10.985  1.00   66.01 ? 46   ASP A CG  1 
ATOM   363  O  OD1 . ASP A 1 59  ? 1.166   12.107  11.757  1.00   66.54 ? 46   ASP A OD1 1 
ATOM   364  O  OD2 . ASP A 1 59  ? -0.100  10.405  11.141  1.00   66.50 ? 46   ASP A OD2 1 
ATOM   365  N  N   . THR A 1 60  ? -1.610  13.061  7.030   1.00   63.73 ? 47   THR A N   1 
ATOM   366  C  CA  . THR A 1 60  ? -2.459  13.747  6.065   1.00   62.51 ? 47   THR A CA  1 
ATOM   367  C  C   . THR A 1 60  ? -3.487  12.824  5.407   1.00   63.11 ? 47   THR A C   1 
ATOM   368  O  O   . THR A 1 60  ? -4.692  13.148  5.377   1.00   63.30 ? 47   THR A O   1 
ATOM   369  C  CB  . THR A 1 60  ? -1.617  14.352  4.980   1.00   61.75 ? 47   THR A CB  1 
ATOM   370  O  OG1 . THR A 1 60  ? -0.726  15.291  5.565   1.00   66.82 ? 47   THR A OG1 1 
ATOM   371  C  CG2 . THR A 1 60  ? -2.474  15.043  3.951   1.00   61.65 ? 47   THR A CG2 1 
ATOM   372  N  N   . LEU A 1 61  ? -3.001  11.708  4.846   1.00   64.25 ? 48   LEU A N   1 
ATOM   373  C  CA  . LEU A 1 61  ? -3.847  10.679  4.195   1.00   63.34 ? 48   LEU A CA  1 
ATOM   374  C  C   . LEU A 1 61  ? -4.947  10.181  5.106   1.00   63.64 ? 48   LEU A C   1 
ATOM   375  O  O   . LEU A 1 61  ? -6.066  10.062  4.683   1.00   63.50 ? 48   LEU A O   1 
ATOM   376  C  CB  . LEU A 1 61  ? -3.029  9.502   3.628   1.00   61.05 ? 48   LEU A CB  1 
ATOM   377  C  CG  . LEU A 1 61  ? -2.496  9.737   2.197   1.00   64.93 ? 48   LEU A CG  1 
ATOM   378  C  CD1 . LEU A 1 61  ? -1.332  8.814   1.903   1.00   64.49 ? 48   LEU A CD1 1 
ATOM   379  C  CD2 . LEU A 1 61  ? -3.524  9.625   1.068   1.00   60.47 ? 48   LEU A CD2 1 
ATOM   380  N  N   . TYR A 1 62  ? -4.663  9.939   6.371   1.00   66.79 ? 49   TYR A N   1 
ATOM   381  C  CA  . TYR A 1 62  ? -5.753  9.637   7.276   1.00   70.51 ? 49   TYR A CA  1 
ATOM   382  C  C   . TYR A 1 62  ? -6.825  10.757  7.403   1.00   72.43 ? 49   TYR A C   1 
ATOM   383  O  O   . TYR A 1 62  ? -8.011  10.471  7.475   1.00   73.36 ? 49   TYR A O   1 
ATOM   384  C  CB  . TYR A 1 62  ? -5.238  9.311   8.652   1.00   70.85 ? 49   TYR A CB  1 
ATOM   385  C  CG  . TYR A 1 62  ? -6.390  8.958   9.549   1.00   80.87 ? 49   TYR A CG  1 
ATOM   386  C  CD1 . TYR A 1 62  ? -6.887  9.869   10.496  1.00   80.21 ? 49   TYR A CD1 1 
ATOM   387  C  CD2 . TYR A 1 62  ? -7.062  7.728   9.381   1.00   85.45 ? 49   TYR A CD2 1 
ATOM   388  C  CE1 . TYR A 1 62  ? -7.950  9.522   11.307  1.00   80.90 ? 49   TYR A CE1 1 
ATOM   389  C  CE2 . TYR A 1 62  ? -8.144  7.386   10.158  1.00   82.87 ? 49   TYR A CE2 1 
ATOM   390  C  CZ  . TYR A 1 62  ? -8.582  8.271   11.133  1.00   86.34 ? 49   TYR A CZ  1 
ATOM   391  O  OH  . TYR A 1 62  ? -9.673  7.893   11.900  1.00   86.13 ? 49   TYR A OH  1 
ATOM   392  N  N   . ASP A 1 63  ? -6.377  12.013  7.488   1.00   73.02 ? 50   ASP A N   1 
ATOM   393  C  CA  . ASP A 1 63  ? -7.209  13.181  7.656   1.00   72.23 ? 50   ASP A CA  1 
ATOM   394  C  C   . ASP A 1 63  ? -8.167  13.271  6.507   1.00   70.73 ? 50   ASP A C   1 
ATOM   395  O  O   . ASP A 1 63  ? -9.304  13.760  6.664   1.00   70.56 ? 50   ASP A O   1 
ATOM   396  C  CB  . ASP A 1 63  ? -6.350  14.444  7.595   1.00   73.91 ? 50   ASP A CB  1 
ATOM   397  C  CG  . ASP A 1 63  ? -5.775  14.836  8.941   1.00   79.67 ? 50   ASP A CG  1 
ATOM   398  O  OD1 . ASP A 1 63  ? -5.669  16.069  9.187   1.00   88.12 ? 50   ASP A OD1 1 
ATOM   399  O  OD2 . ASP A 1 63  ? -5.411  13.938  9.739   1.00   85.08 ? 50   ASP A OD2 1 
ATOM   400  N  N   . ILE A 1 64  ? -7.676  12.877  5.336   1.00   67.60 ? 51   ILE A N   1 
ATOM   401  C  CA  . ILE A 1 64  ? -8.473  12.948  4.123   1.00   66.89 ? 51   ILE A CA  1 
ATOM   402  C  C   . ILE A 1 64  ? -9.560  11.858  4.028   1.00   67.62 ? 51   ILE A C   1 
ATOM   403  O  O   . ILE A 1 64  ? -10.640 12.090  3.414   1.00   67.70 ? 51   ILE A O   1 
ATOM   404  C  CB  . ILE A 1 64  ? -7.613  12.867  2.878   1.00   65.54 ? 51   ILE A CB  1 
ATOM   405  C  CG1 . ILE A 1 64  ? -6.630  14.027  2.822   1.00   61.92 ? 51   ILE A CG1 1 
ATOM   406  C  CG2 . ILE A 1 64  ? -8.515  12.827  1.676   1.00   67.85 ? 51   ILE A CG2 1 
ATOM   407  C  CD1 . ILE A 1 64  ? -5.634  13.915  1.654   1.00   60.96 ? 51   ILE A CD1 1 
ATOM   408  N  N   . MET A 1 65  ? -9.275  10.709  4.661   1.00   66.54 ? 52   MET A N   1 
ATOM   409  C  CA  . MET A 1 65  ? -10.050 9.496   4.531   1.00   66.18 ? 52   MET A CA  1 
ATOM   410  C  C   . MET A 1 65  ? -10.849 9.148   5.803   1.00   68.01 ? 52   MET A C   1 
ATOM   411  O  O   . MET A 1 65  ? -11.554 8.105   5.833   1.00   67.50 ? 52   MET A O   1 
ATOM   412  C  CB  . MET A 1 65  ? -9.100  8.341   4.219   1.00   66.43 ? 52   MET A CB  1 
ATOM   413  C  CG  . MET A 1 65  ? -8.294  8.455   2.916   1.00   68.88 ? 52   MET A CG  1 
ATOM   414  S  SD  . MET A 1 65  ? -7.149  7.053   2.718   1.00   64.35 ? 52   MET A SD  1 
ATOM   415  C  CE  . MET A 1 65  ? -8.121  5.951   1.677   1.00   64.30 ? 52   MET A CE  1 
ATOM   416  N  N   . GLU A 1 66  ? -10.768 10.004  6.833   1.00   67.64 ? 53   GLU A N   1 
ATOM   417  C  CA  . GLU A 1 66  ? -11.344 9.689   8.149   1.00   68.55 ? 53   GLU A CA  1 
ATOM   418  C  C   . GLU A 1 66  ? -12.845 9.414   8.026   1.00   68.95 ? 53   GLU A C   1 
ATOM   419  O  O   . GLU A 1 66  ? -13.358 8.363   8.488   1.00   69.42 ? 53   GLU A O   1 
ATOM   420  C  CB  . GLU A 1 66  ? -11.082 10.831  9.158   1.00   68.69 ? 53   GLU A CB  1 
ATOM   421  C  CG  . GLU A 1 66  ? -11.468 10.475  10.601  1.00   68.19 ? 53   GLU A CG  1 
ATOM   422  C  CD  . GLU A 1 66  ? -11.275 11.628  11.618  1.00   75.95 ? 53   GLU A CD  1 
ATOM   423  O  OE1 . GLU A 1 66  ? -11.427 12.819  11.263  1.00   73.26 ? 53   GLU A OE1 1 
ATOM   424  O  OE2 . GLU A 1 66  ? -11.008 11.320  12.805  1.00   76.74 ? 53   GLU A OE2 1 
ATOM   425  N  N   . ARG A 1 67  ? -13.526 10.358  7.389   1.00   69.45 ? 54   ARG A N   1 
ATOM   426  C  CA  . ARG A 1 67  ? -14.913 10.209  6.936   1.00   71.35 ? 54   ARG A CA  1 
ATOM   427  C  C   . ARG A 1 67  ? -15.223 8.832   6.335   1.00   70.74 ? 54   ARG A C   1 
ATOM   428  O  O   . ARG A 1 67  ? -16.184 8.160   6.760   1.00   71.90 ? 54   ARG A O   1 
ATOM   429  C  CB  . ARG A 1 67  ? -15.257 11.320  5.943   1.00   71.72 ? 54   ARG A CB  1 
ATOM   430  C  CG  . ARG A 1 67  ? -15.845 12.597  6.600   1.00   85.05 ? 54   ARG A CG  1 
ATOM   431  C  CD  . ARG A 1 67  ? -15.573 13.959  5.863   1.00   90.86 ? 54   ARG A CD  1 
ATOM   432  N  NE  . ARG A 1 67  ? -15.826 13.936  4.417   1.00   98.61 ? 54   ARG A NE  1 
ATOM   433  C  CZ  . ARG A 1 67  ? -14.895 14.085  3.463   1.00   98.09 ? 54   ARG A CZ  1 
ATOM   434  N  NH1 . ARG A 1 67  ? -13.611 14.298  3.776   1.00   95.38 ? 54   ARG A NH1 1 
ATOM   435  N  NH2 . ARG A 1 67  ? -15.257 14.055  2.177   1.00   97.84 ? 54   ARG A NH2 1 
ATOM   436  N  N   . ASP A 1 68  ? -14.424 8.390   5.368   1.00   68.52 ? 55   ASP A N   1 
ATOM   437  C  CA  . ASP A 1 68  ? -14.674 7.074   4.760   1.00   68.13 ? 55   ASP A CA  1 
ATOM   438  C  C   . ASP A 1 68  ? -14.403 5.914   5.709   1.00   68.10 ? 55   ASP A C   1 
ATOM   439  O  O   . ASP A 1 68  ? -15.012 4.875   5.611   1.00   68.45 ? 55   ASP A O   1 
ATOM   440  C  CB  . ASP A 1 68  ? -13.811 6.873   3.521   1.00   68.70 ? 55   ASP A CB  1 
ATOM   441  C  CG  . ASP A 1 68  ? -14.417 7.513   2.265   1.00   71.57 ? 55   ASP A CG  1 
ATOM   442  O  OD1 . ASP A 1 68  ? -15.523 8.080   2.325   1.00   68.53 ? 55   ASP A OD1 1 
ATOM   443  O  OD2 . ASP A 1 68  ? -13.785 7.427   1.193   1.00   79.40 ? 55   ASP A OD2 1 
ATOM   444  N  N   . ILE A 1 69  ? -13.455 6.084   6.600   1.00   65.61 ? 56   ILE A N   1 
ATOM   445  C  CA  . ILE A 1 69  ? -13.094 5.017   7.476   1.00   66.41 ? 56   ILE A CA  1 
ATOM   446  C  C   . ILE A 1 69  ? -14.116 4.975   8.627   1.00   65.37 ? 56   ILE A C   1 
ATOM   447  O  O   . ILE A 1 69  ? -14.707 3.920   8.870   1.00   64.97 ? 56   ILE A O   1 
ATOM   448  C  CB  . ILE A 1 69  ? -11.598 5.176   7.867   1.00   65.34 ? 56   ILE A CB  1 
ATOM   449  C  CG1 . ILE A 1 69  ? -10.663 5.341   6.581   1.00   64.90 ? 56   ILE A CG1 1 
ATOM   450  C  CG2 . ILE A 1 69  ? -11.172 5.185   9.287   1.00   68.17 ? 56   ILE A CG2 1 
ATOM   451  C  CD1 . ILE A 1 69  ? -9.202  5.664   6.997   1.00   59.77 ? 56   ILE A CD1 1 
ATOM   452  N  N   . LEU A 1 70  ? -14.366 6.127   9.275   1.00   64.65 ? 57   LEU A N   1 
ATOM   453  C  CA  . LEU A 1 70  ? -15.334 6.199   10.383  1.00   64.54 ? 57   LEU A CA  1 
ATOM   454  C  C   . LEU A 1 70  ? -16.718 5.660   9.986   1.00   65.13 ? 57   LEU A C   1 
ATOM   455  O  O   . LEU A 1 70  ? -17.391 5.007   10.813  1.00   65.06 ? 57   LEU A O   1 
ATOM   456  C  CB  . LEU A 1 70  ? -15.471 7.624   10.958  1.00   64.28 ? 57   LEU A CB  1 
ATOM   457  C  CG  . LEU A 1 70  ? -14.659 7.963   12.224  1.00   68.34 ? 57   LEU A CG  1 
ATOM   458  C  CD1 . LEU A 1 70  ? -13.722 8.808   12.193  0.0000 20.00 ? 57   LEU A CD1 1 
ATOM   459  C  CD2 . LEU A 1 70  ? -15.908 8.211   13.117  0.0000 20.00 ? 57   LEU A CD2 1 
ATOM   460  N  N   . SER A 1 71  ? -17.117 5.900   8.725   1.00   63.32 ? 58   SER A N   1 
ATOM   461  C  CA  . SER A 1 71  ? -18.404 5.468   8.215   1.00   61.98 ? 58   SER A CA  1 
ATOM   462  C  C   . SER A 1 71  ? -18.373 4.026   7.701   1.00   61.25 ? 58   SER A C   1 
ATOM   463  O  O   . SER A 1 71  ? -19.396 3.473   7.319   1.00   59.27 ? 58   SER A O   1 
ATOM   464  C  CB  . SER A 1 71  ? -18.904 6.444   7.132   1.00   63.38 ? 58   SER A CB  1 
ATOM   465  O  OG  . SER A 1 71  ? -18.074 6.427   5.995   1.00   61.27 ? 58   SER A OG  1 
ATOM   466  N  N   . TYR A 1 72  ? -17.197 3.419   7.701   1.00   60.94 ? 59   TYR A N   1 
ATOM   467  C  CA  . TYR A 1 72  ? -17.029 2.109   7.089   1.00   60.94 ? 59   TYR A CA  1 
ATOM   468  C  C   . TYR A 1 72  ? -17.511 2.121   5.650   1.00   62.82 ? 59   TYR A C   1 
ATOM   469  O  O   . TYR A 1 72  ? -18.459 1.418   5.291   1.00   62.92 ? 59   TYR A O   1 
ATOM   470  C  CB  . TYR A 1 72  ? -17.788 1.049   7.909   1.00   61.18 ? 59   TYR A CB  1 
ATOM   471  C  CG  . TYR A 1 72  ? -17.265 -0.374  7.736   1.00   60.25 ? 59   TYR A CG  1 
ATOM   472  C  CD1 . TYR A 1 72  ? -16.066 -0.778  8.346   1.00   49.37 ? 59   TYR A CD1 1 
ATOM   473  C  CD2 . TYR A 1 72  ? -17.931 -1.294  6.916   1.00   58.58 ? 59   TYR A CD2 1 
ATOM   474  C  CE1 . TYR A 1 72  ? -15.583 -2.063  8.198   1.00   53.74 ? 59   TYR A CE1 1 
ATOM   475  C  CE2 . TYR A 1 72  ? -17.416 -2.593  6.756   1.00   64.28 ? 59   TYR A CE2 1 
ATOM   476  C  CZ  . TYR A 1 72  ? -16.252 -2.959  7.421   1.00   54.55 ? 59   TYR A CZ  1 
ATOM   477  O  OH  . TYR A 1 72  ? -15.759 -4.237  7.272   1.00   61.21 ? 59   TYR A OH  1 
ATOM   478  N  N   . ASN A 1 73  ? -16.873 2.960   4.825   1.00   63.82 ? 60   ASN A N   1 
ATOM   479  C  CA  . ASN A 1 73  ? -17.263 3.119   3.409   1.00   60.87 ? 60   ASN A CA  1 
ATOM   480  C  C   . ASN A 1 73  ? -16.215 2.437   2.525   1.00   61.55 ? 60   ASN A C   1 
ATOM   481  O  O   . ASN A 1 73  ? -15.368 3.074   1.895   1.00   62.24 ? 60   ASN A O   1 
ATOM   482  C  CB  . ASN A 1 73  ? -17.440 4.605   3.053   1.00   59.95 ? 60   ASN A CB  1 
ATOM   483  C  CG  . ASN A 1 73  ? -18.122 4.803   1.756   1.00   55.50 ? 60   ASN A CG  1 
ATOM   484  O  OD1 . ASN A 1 73  ? -18.330 3.843   0.994   1.00   59.53 ? 60   ASN A OD1 1 
ATOM   485  N  ND2 . ASN A 1 73  ? -18.524 6.035   1.481   1.00   50.63 ? 60   ASN A ND2 1 
ATOM   486  N  N   . ILE A 1 74  ? -16.281 1.115   2.545   1.00   61.91 ? 61   ILE A N   1 
ATOM   487  C  CA  . ILE A 1 74  ? -15.445 0.186   1.762   1.00   62.52 ? 61   ILE A CA  1 
ATOM   488  C  C   . ILE A 1 74  ? -15.401 0.496   0.271   1.00   59.25 ? 61   ILE A C   1 
ATOM   489  O  O   . ILE A 1 74  ? -14.325 0.527   -0.331  1.00   58.27 ? 61   ILE A O   1 
ATOM   490  C  CB  . ILE A 1 74  ? -15.962 -1.337  1.937   1.00   63.09 ? 61   ILE A CB  1 
ATOM   491  C  CG1 . ILE A 1 74  ? -16.182 -1.668  3.416   1.00   68.40 ? 61   ILE A CG1 1 
ATOM   492  C  CG2 . ILE A 1 74  ? -14.949 -2.369  1.356   1.00   65.41 ? 61   ILE A CG2 1 
ATOM   493  C  CD1 . ILE A 1 74  ? -14.851 -1.704  4.209   1.00   53.02 ? 61   ILE A CD1 1 
ATOM   494  N  N   . VAL A 1 75  ? -16.576 0.693   -0.327  1.00   58.34 ? 62   VAL A N   1 
ATOM   495  C  CA  . VAL A 1 75  ? -16.659 0.798   -1.777  1.00   56.00 ? 62   VAL A CA  1 
ATOM   496  C  C   . VAL A 1 75  ? -15.911 2.056   -2.178  1.00   56.66 ? 62   VAL A C   1 
ATOM   497  O  O   . VAL A 1 75  ? -15.064 1.991   -3.058  1.00   58.48 ? 62   VAL A O   1 
ATOM   498  C  CB  . VAL A 1 75  ? -18.115 0.776   -2.272  1.00   57.12 ? 62   VAL A CB  1 
ATOM   499  C  CG1 . VAL A 1 75  ? -18.219 1.098   -3.791  1.00   48.67 ? 62   VAL A CG1 1 
ATOM   500  C  CG2 . VAL A 1 75  ? -18.766 -0.571  -1.922  1.00   55.04 ? 62   VAL A CG2 1 
ATOM   501  N  N   . ASN A 1 76  ? -16.169 3.181   -1.524  1.00   54.21 ? 63   ASN A N   1 
ATOM   502  C  CA  . ASN A 1 76  ? -15.366 4.354   -1.819  1.00   56.33 ? 63   ASN A CA  1 
ATOM   503  C  C   . ASN A 1 76  ? -13.873 4.136   -1.622  1.00   56.64 ? 63   ASN A C   1 
ATOM   504  O  O   . ASN A 1 76  ? -13.081 4.463   -2.504  1.00   56.77 ? 63   ASN A O   1 
ATOM   505  C  CB  . ASN A 1 76  ? -15.815 5.571   -1.018  1.00   59.38 ? 63   ASN A CB  1 
ATOM   506  C  CG  . ASN A 1 76  ? -15.578 6.876   -1.743  1.00   58.25 ? 63   ASN A CG  1 
ATOM   507  O  OD1 . ASN A 1 76  ? -15.915 7.007   -2.910  1.00   66.38 ? 63   ASN A OD1 1 
ATOM   508  N  ND2 . ASN A 1 76  ? -15.063 7.864   -1.037  1.00   64.67 ? 63   ASN A ND2 1 
ATOM   509  N  N   . ILE A 1 77  ? -13.471 3.628   -0.457  1.00   57.17 ? 64   ILE A N   1 
ATOM   510  C  CA  . ILE A 1 77  ? -12.055 3.348   -0.223  1.00   57.28 ? 64   ILE A CA  1 
ATOM   511  C  C   . ILE A 1 77  ? -11.476 2.466   -1.355  1.00   58.09 ? 64   ILE A C   1 
ATOM   512  O  O   . ILE A 1 77  ? -10.388 2.689   -1.844  1.00   58.01 ? 64   ILE A O   1 
ATOM   513  C  CB  . ILE A 1 77  ? -11.790 2.730   1.236   1.00   59.30 ? 64   ILE A CB  1 
ATOM   514  C  CG1 . ILE A 1 77  ? -12.330 3.652   2.350   1.00   57.47 ? 64   ILE A CG1 1 
ATOM   515  C  CG2 . ILE A 1 77  ? -10.272 2.442   1.511   1.00   51.51 ? 64   ILE A CG2 1 
ATOM   516  C  CD1 . ILE A 1 77  ? -12.370 2.946   3.737   1.00   57.53 ? 64   ILE A CD1 1 
ATOM   517  N  N   . LYS A 1 78  ? -12.219 1.472   -1.802  1.00   59.51 ? 65   LYS A N   1 
ATOM   518  C  CA  . LYS A 1 78  ? -11.701 0.610   -2.833  1.00   61.07 ? 65   LYS A CA  1 
ATOM   519  C  C   . LYS A 1 78  ? -11.508 1.382   -4.094  1.00   60.94 ? 65   LYS A C   1 
ATOM   520  O  O   . LYS A 1 78  ? -10.435 1.306   -4.675  1.00   61.99 ? 65   LYS A O   1 
ATOM   521  C  CB  . LYS A 1 78  ? -12.598 -0.583  -3.024  1.00   60.00 ? 65   LYS A CB  1 
ATOM   522  C  CG  . LYS A 1 78  ? -12.701 -1.295  -1.692  1.00   65.53 ? 65   LYS A CG  1 
ATOM   523  C  CD  . LYS A 1 78  ? -13.249 -2.688  -1.794  1.00   69.79 ? 65   LYS A CD  1 
ATOM   524  C  CE  . LYS A 1 78  ? -14.554 -2.723  -2.597  1.00   64.75 ? 65   LYS A CE  1 
ATOM   525  N  NZ  . LYS A 1 78  ? -14.686 -4.091  -3.119  1.00   73.94 ? 65   LYS A NZ  1 
ATOM   526  N  N   . ASN A 1 79  ? -12.518 2.168   -4.485  1.00   60.85 ? 66   ASN A N   1 
ATOM   527  C  CA  . ASN A 1 79  ? -12.462 2.972   -5.701  1.00   56.83 ? 66   ASN A CA  1 
ATOM   528  C  C   . ASN A 1 79  ? -11.412 3.995   -5.673  1.00   55.92 ? 66   ASN A C   1 
ATOM   529  O  O   . ASN A 1 79  ? -10.699 4.178   -6.628  1.00   59.19 ? 66   ASN A O   1 
ATOM   530  C  CB  . ASN A 1 79  ? -13.774 3.645   -5.947  1.00   58.19 ? 66   ASN A CB  1 
ATOM   531  C  CG  . ASN A 1 79  ? -14.911 2.657   -6.183  1.00   59.10 ? 66   ASN A CG  1 
ATOM   532  O  OD1 . ASN A 1 79  ? -14.690 1.479   -6.474  1.00   59.35 ? 66   ASN A OD1 1 
ATOM   533  N  ND2 . ASN A 1 79  ? -16.128 3.136   -6.027  1.00   50.40 ? 66   ASN A ND2 1 
ATOM   534  N  N   . THR A 1 80  ? -11.322 4.706   -4.581  1.00   56.29 ? 67   THR A N   1 
ATOM   535  C  CA  . THR A 1 80  ? -10.210 5.640   -4.337  1.00   59.22 ? 67   THR A CA  1 
ATOM   536  C  C   . THR A 1 80  ? -8.786  5.091   -4.618  1.00   60.45 ? 67   THR A C   1 
ATOM   537  O  O   . THR A 1 80  ? -7.960  5.724   -5.252  1.00   61.06 ? 67   THR A O   1 
ATOM   538  C  CB  . THR A 1 80  ? -10.304 6.085   -2.874  1.00   60.98 ? 67   THR A CB  1 
ATOM   539  O  OG1 . THR A 1 80  ? -11.543 6.781   -2.704  1.00   61.60 ? 67   THR A OG1 1 
ATOM   540  C  CG2 . THR A 1 80  ? -9.183  6.964   -2.480  1.00   58.45 ? 67   THR A CG2 1 
ATOM   541  N  N   . LEU A 1 81  ? -8.495  3.917   -4.099  1.00   62.03 ? 68   LEU A N   1 
ATOM   542  C  CA  . LEU A 1 81  ? -7.205  3.283   -4.243  1.00   61.65 ? 68   LEU A CA  1 
ATOM   543  C  C   . LEU A 1 81  ? -6.954  2.672   -5.636  1.00   61.27 ? 68   LEU A C   1 
ATOM   544  O  O   . LEU A 1 81  ? -5.877  2.779   -6.206  1.00   59.72 ? 68   LEU A O   1 
ATOM   545  C  CB  . LEU A 1 81  ? -7.115  2.198   -3.168  1.00   63.36 ? 68   LEU A CB  1 
ATOM   546  C  CG  . LEU A 1 81  ? -7.233  2.583   -1.696  1.00   63.02 ? 68   LEU A CG  1 
ATOM   547  C  CD1 . LEU A 1 81  ? -6.899  1.368   -0.846  1.00   64.93 ? 68   LEU A CD1 1 
ATOM   548  C  CD2 . LEU A 1 81  ? -6.385  3.829   -1.276  1.00   63.75 ? 68   LEU A CD2 1 
ATOM   549  N  N   . THR A 1 82  ? -7.955  2.010   -6.168  1.00   61.75 ? 69   THR A N   1 
ATOM   550  C  CA  . THR A 1 82  ? -7.903  1.494   -7.523  1.00   65.02 ? 69   THR A CA  1 
ATOM   551  C  C   . THR A 1 82  ? -7.647  2.631   -8.508  1.00   65.81 ? 69   THR A C   1 
ATOM   552  O  O   . THR A 1 82  ? -6.783  2.555   -9.378  1.00   68.14 ? 69   THR A O   1 
ATOM   553  C  CB  . THR A 1 82  ? -9.222  0.777   -7.824  1.00   65.60 ? 69   THR A CB  1 
ATOM   554  O  OG1 . THR A 1 82  ? -9.332  -0.351  -6.965  1.00   70.18 ? 69   THR A OG1 1 
ATOM   555  C  CG2 . THR A 1 82  ? -9.337  0.314   -9.252  1.00   72.52 ? 69   THR A CG2 1 
ATOM   556  N  N   . PHE A 1 83  ? -8.384  3.710   -8.363  1.00   66.70 ? 70   PHE A N   1 
ATOM   557  C  CA  . PHE A 1 83  ? -8.166  4.850   -9.219  1.00   68.33 ? 70   PHE A CA  1 
ATOM   558  C  C   . PHE A 1 83  ? -6.725  5.391   -9.063  1.00   68.83 ? 70   PHE A C   1 
ATOM   559  O  O   . PHE A 1 83  ? -6.048  5.629   -10.062 1.00   69.33 ? 70   PHE A O   1 
ATOM   560  C  CB  . PHE A 1 83  ? -9.250  5.927   -8.950  1.00   69.93 ? 70   PHE A CB  1 
ATOM   561  C  CG  . PHE A 1 83  ? -9.011  7.216   -9.666  1.00   69.84 ? 70   PHE A CG  1 
ATOM   562  C  CD1 . PHE A 1 83  ? -8.392  8.295   -9.006  1.00   76.98 ? 70   PHE A CD1 1 
ATOM   563  C  CD2 . PHE A 1 83  ? -9.352  7.350   -11.021 1.00   67.27 ? 70   PHE A CD2 1 
ATOM   564  C  CE1 . PHE A 1 83  ? -8.144  9.540   -9.694  1.00   72.41 ? 70   PHE A CE1 1 
ATOM   565  C  CE2 . PHE A 1 83  ? -9.098  8.539   -11.699 1.00   69.37 ? 70   PHE A CE2 1 
ATOM   566  C  CZ  . PHE A 1 83  ? -8.501  9.651   -11.024 1.00   69.17 ? 70   PHE A CZ  1 
ATOM   567  N  N   . ALA A 1 84  ? -6.271  5.578   -7.816  1.00   68.93 ? 71   ALA A N   1 
ATOM   568  C  CA  . ALA A 1 84  ? -4.885  5.934   -7.483  1.00   68.05 ? 71   ALA A CA  1 
ATOM   569  C  C   . ALA A 1 84  ? -3.872  5.023   -8.119  1.00   68.78 ? 71   ALA A C   1 
ATOM   570  O  O   . ALA A 1 84  ? -2.778  5.462   -8.468  1.00   71.15 ? 71   ALA A O   1 
ATOM   571  C  CB  . ALA A 1 84  ? -4.660  5.978   -5.936  1.00   68.78 ? 71   ALA A CB  1 
ATOM   572  N  N   . LEU A 1 85  ? -4.231  3.759   -8.287  1.00   67.96 ? 72   LEU A N   1 
ATOM   573  C  CA  . LEU A 1 85  ? -3.275  2.768   -8.772  1.00   68.19 ? 72   LEU A CA  1 
ATOM   574  C  C   . LEU A 1 85  ? -3.118  2.822   -10.275 1.00   70.38 ? 72   LEU A C   1 
ATOM   575  O  O   . LEU A 1 85  ? -2.272  2.127   -10.827 1.00   72.19 ? 72   LEU A O   1 
ATOM   576  C  CB  . LEU A 1 85  ? -3.671  1.329   -8.333  1.00   64.34 ? 72   LEU A CB  1 
ATOM   577  C  CG  . LEU A 1 85  ? -3.318  1.120   -6.868  1.00   58.08 ? 72   LEU A CG  1 
ATOM   578  C  CD1 . LEU A 1 85  ? -4.049  -0.034  -6.205  1.00   60.03 ? 72   LEU A CD1 1 
ATOM   579  C  CD2 . LEU A 1 85  ? -1.839  1.016   -6.749  1.00   55.97 ? 72   LEU A CD2 1 
ATOM   580  N  N   . ARG A 1 86  ? -3.962  3.582   -10.948 1.00   71.07 ? 73   ARG A N   1 
ATOM   581  C  CA  . ARG A 1 86  ? -4.081  3.395   -12.361 1.00   74.98 ? 73   ARG A CA  1 
ATOM   582  C  C   . ARG A 1 86  ? -2.763  3.441   -13.127 1.00   77.06 ? 73   ARG A C   1 
ATOM   583  O  O   . ARG A 1 86  ? -2.294  2.416   -13.665 1.00   78.61 ? 73   ARG A O   1 
ATOM   584  C  CB  . ARG A 1 86  ? -5.097  4.352   -12.949 1.00   75.92 ? 73   ARG A CB  1 
ATOM   585  C  CG  . ARG A 1 86  ? -6.549  3.920   -12.677 1.00   79.07 ? 73   ARG A CG  1 
ATOM   586  C  CD  . ARG A 1 86  ? -7.503  4.718   -13.564 1.00   81.48 ? 73   ARG A CD  1 
ATOM   587  N  NE  . ARG A 1 86  ? -7.303  6.155   -13.390 1.00   77.34 ? 73   ARG A NE  1 
ATOM   588  C  CZ  . ARG A 1 86  ? -6.701  6.846   -12.504 0.0000 20.00 ? 73   ARG A CZ  1 
ATOM   589  N  NH1 . ARG A 1 86  ? -5.964  6.787   -11.650 1.00   73.13 ? 73   ARG A NH1 1 
ATOM   590  N  NH2 . ARG A 1 86  ? -6.673  8.543   -12.659 1.00   68.02 ? 73   ARG A NH2 1 
ATOM   591  N  N   . ASP A 1 87  ? -2.141  4.601   -13.203 1.00   77.47 ? 74   ASP A N   1 
ATOM   592  C  CA  . ASP A 1 87  ? -0.908  4.668   -14.029 1.00   79.90 ? 74   ASP A CA  1 
ATOM   593  C  C   . ASP A 1 87  ? 0.333   4.170   -13.237 1.00   77.17 ? 74   ASP A C   1 
ATOM   594  O  O   . ASP A 1 87  ? 1.471   4.333   -13.677 1.00   75.57 ? 74   ASP A O   1 
ATOM   595  C  CB  . ASP A 1 87  ? -0.662  6.136   -14.414 1.00   81.09 ? 74   ASP A CB  1 
ATOM   596  C  CG  . ASP A 1 87  ? -0.207  6.954   -13.197 1.00   86.87 ? 74   ASP A CG  1 
ATOM   597  O  OD1 . ASP A 1 87  ? -0.933  6.857   -12.150 1.00   86.27 ? 74   ASP A OD1 1 
ATOM   598  O  OD2 . ASP A 1 87  ? 0.896   7.582   -13.263 1.00   86.98 ? 74   ASP A OD2 1 
ATOM   599  N  N   . ALA A 1 88  ? 0.090   3.626   -12.049 1.00   75.37 ? 75   ALA A N   1 
ATOM   600  C  CA  . ALA A 1 88  ? 1.005   3.747   -10.921 1.00   73.68 ? 75   ALA A CA  1 
ATOM   601  C  C   . ALA A 1 88  ? 2.423   3.221   -11.190 1.00   72.23 ? 75   ALA A C   1 
ATOM   602  O  O   . ALA A 1 88  ? 2.572   2.251   -11.926 1.00   72.84 ? 75   ALA A O   1 
ATOM   603  C  CB  . ALA A 1 88  ? 0.389   3.063   -9.712  1.00   74.33 ? 75   ALA A CB  1 
ATOM   604  N  N   . SER A 1 89  ? 3.449   3.856   -10.611 1.00   69.94 ? 76   SER A N   1 
ATOM   605  C  CA  . SER A 1 89  ? 4.809   3.296   -10.631 1.00   67.96 ? 76   SER A CA  1 
ATOM   606  C  C   . SER A 1 89  ? 4.982   2.417   -9.396  1.00   66.72 ? 76   SER A C   1 
ATOM   607  O  O   . SER A 1 89  ? 4.153   2.526   -8.489  1.00   65.40 ? 76   SER A O   1 
ATOM   608  C  CB  . SER A 1 89  ? 5.873   4.397   -10.685 1.00   66.77 ? 76   SER A CB  1 
ATOM   609  O  OG  . SER A 1 89  ? 5.892   5.116   -9.481  1.00   65.05 ? 76   SER A OG  1 
ATOM   610  N  N   . PRO A 1 90  ? 6.018   1.506   -9.370  1.00   66.41 ? 77   PRO A N   1 
ATOM   611  C  CA  . PRO A 1 90  ? 6.190   0.564   -8.215  1.00   64.86 ? 77   PRO A CA  1 
ATOM   612  C  C   . PRO A 1 90  ? 6.199   1.182   -6.803  1.00   65.37 ? 77   PRO A C   1 
ATOM   613  O  O   . PRO A 1 90  ? 5.707   0.554   -5.837  1.00   66.77 ? 77   PRO A O   1 
ATOM   614  C  CB  . PRO A 1 90  ? 7.496   -0.182  -8.547  1.00   62.30 ? 77   PRO A CB  1 
ATOM   615  C  CG  . PRO A 1 90  ? 7.509   -0.204  -10.044 1.00   62.05 ? 77   PRO A CG  1 
ATOM   616  C  CD  . PRO A 1 90  ? 7.020   1.212   -10.423 1.00   65.57 ? 77   PRO A CD  1 
ATOM   617  N  N   . SER A 1 91  ? 6.670   2.425   -6.689  1.00   63.99 ? 78   SER A N   1 
ATOM   618  C  CA  . SER A 1 91  ? 6.777   3.084   -5.384  1.00   62.60 ? 78   SER A CA  1 
ATOM   619  C  C   . SER A 1 91  ? 5.461   3.668   -4.867  1.00   62.27 ? 78   SER A C   1 
ATOM   620  O  O   . SER A 1 91  ? 5.261   3.800   -3.654  1.00   61.49 ? 78   SER A O   1 
ATOM   621  C  CB  . SER A 1 91  ? 7.838   4.156   -5.455  1.00   63.18 ? 78   SER A CB  1 
ATOM   622  O  OG  . SER A 1 91  ? 7.359   5.239   -6.234  1.00   70.45 ? 78   SER A OG  1 
ATOM   623  N  N   . VAL A 1 92  ? 4.568   4.039   -5.788  1.00   62.70 ? 79   VAL A N   1 
ATOM   624  C  CA  . VAL A 1 92  ? 3.171   4.379   -5.447  1.00   61.73 ? 79   VAL A CA  1 
ATOM   625  C  C   . VAL A 1 92  ? 2.375   3.118   -5.127  1.00   62.07 ? 79   VAL A C   1 
ATOM   626  O  O   . VAL A 1 92  ? 1.587   3.105   -4.162  1.00   64.82 ? 79   VAL A O   1 
ATOM   627  C  CB  . VAL A 1 92  ? 2.444   5.145   -6.592  1.00   63.01 ? 79   VAL A CB  1 
ATOM   628  C  CG1 . VAL A 1 92  ? 1.052   5.485   -6.211  1.00   60.76 ? 79   VAL A CG1 1 
ATOM   629  C  CG2 . VAL A 1 92  ? 3.197   6.374   -6.994  1.00   59.18 ? 79   VAL A CG2 1 
ATOM   630  N  N   . LYS A 1 93  ? 2.569   2.055   -5.912  1.00   60.50 ? 80   LYS A N   1 
ATOM   631  C  CA  . LYS A 1 93  ? 1.913   0.763   -5.622  1.00   59.23 ? 80   LYS A CA  1 
ATOM   632  C  C   . LYS A 1 93  ? 2.221   0.313   -4.196  1.00   60.49 ? 80   LYS A C   1 
ATOM   633  O  O   . LYS A 1 93  ? 1.313   -0.126  -3.462  1.00   61.43 ? 80   LYS A O   1 
ATOM   634  C  CB  . LYS A 1 93  ? 2.367   -0.283  -6.617  1.00   58.65 ? 80   LYS A CB  1 
ATOM   635  C  CG  . LYS A 1 93  ? 1.979   0.013   -8.047  1.00   56.51 ? 80   LYS A CG  1 
ATOM   636  C  CD  . LYS A 1 93  ? 2.556   -1.113  -8.876  1.00   53.00 ? 80   LYS A CD  1 
ATOM   637  C  CE  . LYS A 1 93  ? 1.638   -1.588  -10.027 1.00   59.19 ? 80   LYS A CE  1 
ATOM   638  N  NZ  . LYS A 1 93  ? 1.916   -1.028  -11.388 1.00   55.94 ? 80   LYS A NZ  1 
ATOM   639  N  N   . LEU A 1 94  ? 3.496   0.472   -3.792  1.00   60.65 ? 81   LEU A N   1 
ATOM   640  C  CA  . LEU A 1 94  ? 3.918   0.187   -2.423  1.00   59.22 ? 81   LEU A CA  1 
ATOM   641  C  C   . LEU A 1 94  ? 3.526   1.211   -1.393  1.00   58.64 ? 81   LEU A C   1 
ATOM   642  O  O   . LEU A 1 94  ? 3.170   0.837   -0.296  1.00   58.16 ? 81   LEU A O   1 
ATOM   643  C  CB  . LEU A 1 94  ? 5.393   -0.110  -2.352  1.00   60.53 ? 81   LEU A CB  1 
ATOM   644  C  CG  . LEU A 1 94  ? 5.513   -1.569  -2.782  1.00   60.01 ? 81   LEU A CG  1 
ATOM   645  C  CD1 . LEU A 1 94  ? 6.585   -1.685  -3.777  1.00   60.27 ? 81   LEU A CD1 1 
ATOM   646  C  CD2 . LEU A 1 94  ? 5.776   -2.375  -1.557  1.00   58.23 ? 81   LEU A CD2 1 
ATOM   647  N  N   . ALA A 1 95  ? 3.509   2.487   -1.767  1.00   58.10 ? 82   ALA A N   1 
ATOM   648  C  CA  . ALA A 1 95  ? 2.861   3.521   -0.955  1.00   58.73 ? 82   ALA A CA  1 
ATOM   649  C  C   . ALA A 1 95  ? 1.383   3.227   -0.634  1.00   60.86 ? 82   ALA A C   1 
ATOM   650  O  O   . ALA A 1 95  ? 0.880   3.574   0.474   1.00   60.44 ? 82   ALA A O   1 
ATOM   651  C  CB  . ALA A 1 95  ? 2.975   4.838   -1.683  1.00   59.64 ? 82   ALA A CB  1 
ATOM   652  N  N   . THR A 1 96  ? 0.706   2.610   -1.623  1.00   61.16 ? 83   THR A N   1 
ATOM   653  C  CA  . THR A 1 96  ? -0.722  2.292   -1.607  1.00   61.82 ? 83   THR A CA  1 
ATOM   654  C  C   . THR A 1 96  ? -0.956  1.077   -0.709  1.00   61.83 ? 83   THR A C   1 
ATOM   655  O  O   . THR A 1 96  ? -1.875  1.052   0.145   1.00   60.75 ? 83   THR A O   1 
ATOM   656  C  CB  . THR A 1 96  ? -1.288  1.990   -3.087  1.00   64.15 ? 83   THR A CB  1 
ATOM   657  O  OG1 . THR A 1 96  ? -1.179  3.154   -3.946  1.00   62.21 ? 83   THR A OG1 1 
ATOM   658  C  CG2 . THR A 1 96  ? -2.737  1.507   -3.061  1.00   56.94 ? 83   THR A CG2 1 
ATOM   659  N  N   . LEU A 1 97  ? -0.139  0.055   -0.901  1.00   61.44 ? 84   LEU A N   1 
ATOM   660  C  CA  . LEU A 1 97  ? -0.258  -1.124  -0.027  1.00   60.77 ? 84   LEU A CA  1 
ATOM   661  C  C   . LEU A 1 97  ? -0.021  -0.780  1.428   1.00   57.67 ? 84   LEU A C   1 
ATOM   662  O  O   . LEU A 1 97  ? -0.653  -1.344  2.317   1.00   56.29 ? 84   LEU A O   1 
ATOM   663  C  CB  . LEU A 1 97  ? 0.677   -2.262  -0.467  1.00   61.94 ? 84   LEU A CB  1 
ATOM   664  C  CG  . LEU A 1 97  ? 0.648   -3.506  0.441   1.00   66.56 ? 84   LEU A CG  1 
ATOM   665  C  CD1 . LEU A 1 97  ? -0.733  -4.277  0.406   1.00   58.76 ? 84   LEU A CD1 1 
ATOM   666  C  CD2 . LEU A 1 97  ? 1.834   -4.377  0.156   1.00   61.94 ? 84   LEU A CD2 1 
ATOM   667  N  N   . THR A 1 98  ? 0.910   0.135   1.671   1.00   57.92 ? 85   THR A N   1 
ATOM   668  C  CA  . THR A 1 98  ? 1.209   0.580   3.056   1.00   57.65 ? 85   THR A CA  1 
ATOM   669  C  C   . THR A 1 98  ? -0.038  1.304   3.581   1.00   57.63 ? 85   THR A C   1 
ATOM   670  O  O   . THR A 1 98  ? -0.473  1.108   4.715   1.00   59.99 ? 85   THR A O   1 
ATOM   671  C  CB  . THR A 1 98  ? 2.443   1.492   3.086   1.00   56.63 ? 85   THR A CB  1 
ATOM   672  O  OG1 . THR A 1 98  ? 3.574   0.777   2.589   1.00   60.56 ? 85   THR A OG1 1 
ATOM   673  C  CG2 . THR A 1 98  ? 2.740   2.026   4.510   1.00   53.18 ? 85   THR A CG2 1 
ATOM   674  N  N   . LEU A 1 99  ? -0.662  2.089   2.720   1.00   58.53 ? 86   LEU A N   1 
ATOM   675  C  CA  . LEU A 1 99  ? -1.850  2.831   3.146   1.00   60.94 ? 86   LEU A CA  1 
ATOM   676  C  C   . LEU A 1 99  ? -2.966  1.860   3.548   1.00   60.74 ? 86   LEU A C   1 
ATOM   677  O  O   . LEU A 1 99  ? -3.453  1.862   4.701   1.00   61.27 ? 86   LEU A O   1 
ATOM   678  C  CB  . LEU A 1 99  ? -2.292  3.833   2.053   1.00   58.72 ? 86   LEU A CB  1 
ATOM   679  C  CG  . LEU A 1 99  ? -3.632  4.495   2.311   1.00   61.45 ? 86   LEU A CG  1 
ATOM   680  C  CD1 . LEU A 1 99  ? -3.604  5.329   3.627   1.00   59.04 ? 86   LEU A CD1 1 
ATOM   681  C  CD2 . LEU A 1 99  ? -3.966  5.282   1.120   1.00   53.96 ? 86   LEU A CD2 1 
ATOM   682  N  N   . LEU A 1 100 ? -3.334  1.018   2.580   1.00   61.77 ? 87   LEU A N   1 
ATOM   683  C  CA  . LEU A 1 100 ? -4.241  -0.117  2.778   1.00   60.22 ? 87   LEU A CA  1 
ATOM   684  C  C   . LEU A 1 100 ? -4.057  -0.979  4.004   1.00   60.17 ? 87   LEU A C   1 
ATOM   685  O  O   . LEU A 1 100 ? -5.069  -1.249  4.637   1.00   63.36 ? 87   LEU A O   1 
ATOM   686  C  CB  . LEU A 1 100 ? -4.334  -0.974  1.516   1.00   60.29 ? 87   LEU A CB  1 
ATOM   687  C  CG  . LEU A 1 100 ? -5.341  -2.120  1.606   1.00   66.08 ? 87   LEU A CG  1 
ATOM   688  C  CD1 . LEU A 1 100 ? -6.812  -1.623  1.804   1.00   62.55 ? 87   LEU A CD1 1 
ATOM   689  C  CD2 . LEU A 1 100 ? -5.168  -3.084  0.415   1.00   64.90 ? 87   LEU A CD2 1 
ATOM   690  N  N   . ALA A 1 101 ? -2.831  -1.459  4.316   1.00   59.54 ? 88   ALA A N   1 
ATOM   691  C  CA  . ALA A 1 101 ? -2.542  -2.107  5.607   1.00   59.22 ? 88   ALA A CA  1 
ATOM   692  C  C   . ALA A 1 101 ? -3.104  -1.351  6.826   1.00   60.39 ? 88   ALA A C   1 
ATOM   693  O  O   . ALA A 1 101 ? -3.843  -1.925  7.628   1.00   61.07 ? 88   ALA A O   1 
ATOM   694  C  CB  . ALA A 1 101 ? -1.055  -2.397  5.805   1.00   56.28 ? 88   ALA A CB  1 
ATOM   695  N  N   . SER A 1 102 ? -2.745  -0.083  6.961   1.00   59.79 ? 89   SER A N   1 
ATOM   696  C  CA  . SER A 1 102 ? -3.258  0.760   8.029   1.00   62.41 ? 89   SER A CA  1 
ATOM   697  C  C   . SER A 1 102 ? -4.730  1.080   8.008   1.00   63.88 ? 89   SER A C   1 
ATOM   698  O  O   . SER A 1 102 ? -5.330  1.134   9.089   1.00   67.85 ? 89   SER A O   1 
ATOM   699  C  CB  . SER A 1 102 ? -2.447  2.018   8.075   1.00   61.99 ? 89   SER A CB  1 
ATOM   700  O  OG  . SER A 1 102 ? -1.113  1.584   8.475   1.00   76.10 ? 89   SER A OG  1 
ATOM   701  N  N   . VAL A 1 103 ? -5.298  1.289   6.815   1.00   60.21 ? 90   VAL A N   1 
ATOM   702  C  CA  . VAL A 1 103 ? -6.727  1.350   6.651   1.00   60.64 ? 90   VAL A CA  1 
ATOM   703  C  C   . VAL A 1 103 ? -7.465  0.061   7.037   1.00   61.03 ? 90   VAL A C   1 
ATOM   704  O  O   . VAL A 1 103 ? -8.494  0.122   7.736   1.00   60.63 ? 90   VAL A O   1 
ATOM   705  C  CB  . VAL A 1 103 ? -7.160  1.782   5.209   1.00   60.75 ? 90   VAL A CB  1 
ATOM   706  C  CG1 . VAL A 1 103 ? -8.638  1.893   5.172   1.00   59.79 ? 90   VAL A CG1 1 
ATOM   707  C  CG2 . VAL A 1 103 ? -6.528  3.167   4.794   1.00   56.95 ? 90   VAL A CG2 1 
ATOM   708  N  N   . ILE A 1 104 ? -6.971  -1.091  6.581   1.00   59.68 ? 91   ILE A N   1 
ATOM   709  C  CA  . ILE A 1 104 ? -7.555  -2.371  7.022   1.00   61.91 ? 91   ILE A CA  1 
ATOM   710  C  C   . ILE A 1 104 ? -7.685  -2.437  8.581   1.00   62.12 ? 91   ILE A C   1 
ATOM   711  O  O   . ILE A 1 104 ? -8.788  -2.683  9.113   1.00   61.89 ? 91   ILE A O   1 
ATOM   712  C  CB  . ILE A 1 104 ? -6.788  -3.600  6.425   1.00   61.58 ? 91   ILE A CB  1 
ATOM   713  C  CG1 . ILE A 1 104 ? -7.063  -3.738  4.924   1.00   61.23 ? 91   ILE A CG1 1 
ATOM   714  C  CG2 . ILE A 1 104 ? -7.237  -4.892  7.087   1.00   69.64 ? 91   ILE A CG2 1 
ATOM   715  C  CD1 . ILE A 1 104 ? -6.371  -4.877  4.228   1.00   58.38 ? 91   ILE A CD1 1 
ATOM   716  N  N   . LYS A 1 105 ? -6.565  -2.149  9.277   1.00   62.38 ? 92   LYS A N   1 
ATOM   717  C  CA  . LYS A 1 105 ? -6.454  -2.187  10.738  1.00   61.97 ? 92   LYS A CA  1 
ATOM   718  C  C   . LYS A 1 105 ? -7.435  -1.242  11.412  1.00   61.03 ? 92   LYS A C   1 
ATOM   719  O  O   . LYS A 1 105 ? -7.969  -1.529  12.468  1.00   62.32 ? 92   LYS A O   1 
ATOM   720  C  CB  . LYS A 1 105 ? -5.025  -1.850  11.227  1.00   63.59 ? 92   LYS A CB  1 
ATOM   721  C  CG  . LYS A 1 105 ? -3.860  -2.592  10.556  1.00   66.62 ? 92   LYS A CG  1 
ATOM   722  C  CD  . LYS A 1 105 ? -2.596  -2.507  11.430  1.00   64.90 ? 92   LYS A CD  1 
ATOM   723  C  CE  . LYS A 1 105 ? -1.284  -2.458  10.582  1.00   70.17 ? 92   LYS A CE  1 
ATOM   724  N  NZ  . LYS A 1 105 ? -0.927  -1.035  10.039  1.00   77.92 ? 92   LYS A NZ  1 
ATOM   725  N  N   . LYS A 1 106 ? -7.672  -0.107  10.799  1.00   61.60 ? 93   LYS A N   1 
ATOM   726  C  CA  . LYS A 1 106 ? -8.509  0.902   11.406  1.00   61.57 ? 93   LYS A CA  1 
ATOM   727  C  C   . LYS A 1 106 ? -9.987  0.566   11.260  1.00   62.27 ? 93   LYS A C   1 
ATOM   728  O  O   . LYS A 1 106 ? -10.811 0.874   12.136  1.00   63.64 ? 93   LYS A O   1 
ATOM   729  C  CB  . LYS A 1 106 ? -8.216  2.209   10.731  1.00   62.09 ? 93   LYS A CB  1 
ATOM   730  C  CG  . LYS A 1 106 ? -7.445  3.132   11.570  1.00   65.90 ? 93   LYS A CG  1 
ATOM   731  C  CD  . LYS A 1 106 ? -6.772  4.278   10.761  1.00   66.80 ? 93   LYS A CD  1 
ATOM   732  C  CE  . LYS A 1 106 ? -6.163  5.285   11.757  1.00   64.89 ? 93   LYS A CE  1 
ATOM   733  N  NZ  . LYS A 1 106 ? -4.816  5.607   11.365  1.00   77.80 ? 93   LYS A NZ  1 
ATOM   734  N  N   . LEU A 1 107 ? -10.336 -0.088  10.166  1.00   63.14 ? 94   LEU A N   1 
ATOM   735  C  CA  . LEU A 1 107 ? -11.722 -0.434  9.916   1.00   62.72 ? 94   LEU A CA  1 
ATOM   736  C  C   . LEU A 1 107 ? -12.104 -1.638  10.750  1.00   64.69 ? 94   LEU A C   1 
ATOM   737  O  O   . LEU A 1 107 ? -13.305 -1.909  10.969  1.00   65.82 ? 94   LEU A O   1 
ATOM   738  C  CB  . LEU A 1 107 ? -11.957 -0.717  8.427   1.00   61.89 ? 94   LEU A CB  1 
ATOM   739  C  CG  . LEU A 1 107 ? -11.944 0.419   7.369   1.00   64.61 ? 94   LEU A CG  1 
ATOM   740  C  CD1 . LEU A 1 107 ? -11.644 -0.161  5.965   1.00   59.97 ? 94   LEU A CD1 1 
ATOM   741  C  CD2 . LEU A 1 107 ? -13.285 1.271   7.307   1.00   63.71 ? 94   LEU A CD2 1 
ATOM   742  N  N   . ASN A 1 108 ? -11.110 -2.375  11.240  1.00   65.32 ? 95   ASN A N   1 
ATOM   743  C  CA  . ASN A 1 108 ? -11.447 -3.484  12.132  1.00   66.14 ? 95   ASN A CA  1 
ATOM   744  C  C   . ASN A 1 108 ? -12.051 -3.122  13.440  1.00   66.42 ? 95   ASN A C   1 
ATOM   745  O  O   . ASN A 1 108 ? -12.805 -3.916  13.984  1.00   71.68 ? 95   ASN A O   1 
ATOM   746  C  CB  . ASN A 1 108 ? -10.279 -4.388  12.399  1.00   68.53 ? 95   ASN A CB  1 
ATOM   747  C  CG  . ASN A 1 108 ? -10.293 -5.572  11.526  1.00   71.30 ? 95   ASN A CG  1 
ATOM   748  O  OD1 . ASN A 1 108 ? -9.615  -5.582  10.502  1.00   87.45 ? 95   ASN A OD1 1 
ATOM   749  N  ND2 . ASN A 1 108 ? -11.104 -6.569  11.869  1.00   71.01 ? 95   ASN A ND2 1 
ATOM   750  N  N   . LYS A 1 109 ? -11.679 -1.969  13.975  1.00   65.44 ? 96   LYS A N   1 
ATOM   751  C  CA  . LYS A 1 109 ? -12.314 -1.359  15.143  1.00   64.57 ? 96   LYS A CA  1 
ATOM   752  C  C   . LYS A 1 109 ? -13.804 -1.283  14.994  1.00   64.65 ? 96   LYS A C   1 
ATOM   753  O  O   . LYS A 1 109 ? -14.535 -1.314  15.995  1.00   66.86 ? 96   LYS A O   1 
ATOM   754  C  CB  . LYS A 1 109 ? -11.815 0.080   15.294  1.00   66.56 ? 96   LYS A CB  1 
ATOM   755  C  CG  . LYS A 1 109 ? -10.326 0.222   15.707  1.00   69.54 ? 96   LYS A CG  1 
ATOM   756  C  CD  . LYS A 1 109 ? -9.822  1.613   15.300  1.00   66.24 ? 96   LYS A CD  1 
ATOM   757  C  CE  . LYS A 1 109 ? -8.192  1.420   15.831  0.0000 20.00 ? 96   LYS A CE  1 
ATOM   758  N  NZ  . LYS A 1 109 ? -7.669  2.812   15.891  0.0000 20.00 ? 96   LYS A NZ  1 
ATOM   759  N  N   . ILE A 1 110 ? -14.262 -1.149  13.746  1.00   62.15 ? 97   ILE A N   1 
ATOM   760  C  CA  . ILE A 1 110 ? -15.664 -0.987  13.470  1.00   60.34 ? 97   ILE A CA  1 
ATOM   761  C  C   . ILE A 1 110 ? -16.342 -2.339  13.227  1.00   60.50 ? 97   ILE A C   1 
ATOM   762  O  O   . ILE A 1 110 ? -17.411 -2.617  13.793  1.00   59.72 ? 97   ILE A O   1 
ATOM   763  C  CB  . ILE A 1 110 ? -15.863 0.023   12.293  1.00   60.98 ? 97   ILE A CB  1 
ATOM   764  C  CG1 . ILE A 1 110 ? -15.235 1.386   12.653  1.00   59.89 ? 97   ILE A CG1 1 
ATOM   765  C  CG2 . ILE A 1 110 ? -17.352 0.249   11.959  1.00   54.61 ? 97   ILE A CG2 1 
ATOM   766  C  CD1 . ILE A 1 110 ? -14.853 2.234   11.399  1.00   58.58 ? 97   ILE A CD1 1 
ATOM   767  N  N   . GLN A 1 111 ? -15.720 -3.175  12.393  1.00   60.52 ? 98   GLN A N   1 
ATOM   768  C  CA  . GLN A 1 111 ? -16.309 -4.455  11.939  1.00   62.24 ? 98   GLN A CA  1 
ATOM   769  C  C   . GLN A 1 111 ? -15.229 -5.306  11.273  1.00   62.32 ? 98   GLN A C   1 
ATOM   770  O  O   . GLN A 1 111 ? -14.235 -4.766  10.799  1.00   65.47 ? 98   GLN A O   1 
ATOM   771  C  CB  . GLN A 1 111 ? -17.452 -4.219  10.948  1.00   62.44 ? 98   GLN A CB  1 
ATOM   772  C  CG  . GLN A 1 111 ? -18.791 -4.444  11.502  1.00   69.05 ? 98   GLN A CG  1 
ATOM   773  C  CD  . GLN A 1 111 ? -19.784 -4.873  10.439  1.00   75.52 ? 98   GLN A CD  1 
ATOM   774  O  OE1 . GLN A 1 111 ? -20.363 -4.023  9.750   1.00   75.46 ? 98   GLN A OE1 1 
ATOM   775  N  NE2 . GLN A 1 111 ? -19.913 -6.023  10.317  0.0000 60.00 ? 98   GLN A NE2 1 
ATOM   776  N  N   . HIS A 1 112 ? -15.403 -6.622  11.236  1.00   61.32 ? 99   HIS A N   1 
ATOM   777  C  CA  . HIS A 1 112 ? -14.397 -7.482  10.615  1.00   61.06 ? 99   HIS A CA  1 
ATOM   778  C  C   . HIS A 1 112 ? -14.085 -7.065  9.157   1.00   60.03 ? 99   HIS A C   1 
ATOM   779  O  O   . HIS A 1 112 ? -14.941 -7.101  8.293   1.00   59.21 ? 99   HIS A O   1 
ATOM   780  C  CB  . HIS A 1 112 ? -14.698 -9.007  10.769  1.00   59.45 ? 99   HIS A CB  1 
ATOM   781  C  CG  . HIS A 1 112 ? -13.635 -9.888  10.173  1.00   61.72 ? 99   HIS A CG  1 
ATOM   782  N  ND1 . HIS A 1 112 ? -12.424 -10.135 10.801  1.00   70.00 ? 99   HIS A ND1 1 
ATOM   783  C  CD2 . HIS A 1 112 ? -13.563 -10.507 8.972   1.00   59.22 ? 99   HIS A CD2 1 
ATOM   784  C  CE1 . HIS A 1 112 ? -11.665 -10.887 10.025  1.00   61.57 ? 99   HIS A CE1 1 
ATOM   785  N  NE2 . HIS A 1 112 ? -12.334 -11.125 8.909   1.00   67.55 ? 99   HIS A NE2 1 
ATOM   786  N  N   . THR A 1 113 ? -12.858 -6.603  8.940   1.00   61.16 ? 100  THR A N   1 
ATOM   787  C  CA  . THR A 1 113 ? -12.316 -6.291  7.617   1.00   60.70 ? 100  THR A CA  1 
ATOM   788  C  C   . THR A 1 113 ? -11.052 -7.123  7.394   1.00   62.38 ? 100  THR A C   1 
ATOM   789  O  O   . THR A 1 113 ? -10.164 -7.140  8.245   1.00   62.14 ? 100  THR A O   1 
ATOM   790  C  CB  . THR A 1 113 ? -11.975 -4.799  7.509   1.00   57.81 ? 100  THR A CB  1 
ATOM   791  O  OG1 . THR A 1 113 ? -13.113 -4.035  7.872   1.00   63.88 ? 100  THR A OG1 1 
ATOM   792  C  CG2 . THR A 1 113 ? -11.622 -4.425  6.081   1.00   62.08 ? 100  THR A CG2 1 
ATOM   793  N  N   . ASP A 1 114 ? -10.972 -7.829  6.277   1.00   63.90 ? 101  ASP A N   1 
ATOM   794  C  CA  . ASP A 1 114 ? -9.746  -8.591  5.921   1.00   66.01 ? 101  ASP A CA  1 
ATOM   795  C  C   . ASP A 1 114 ? -9.371  -8.272  4.448   1.00   65.46 ? 101  ASP A C   1 
ATOM   796  O  O   . ASP A 1 114 ? -10.084 -7.527  3.751   1.00   65.48 ? 101  ASP A O   1 
ATOM   797  C  CB  . ASP A 1 114 ? -10.001 -10.105 6.070   1.00   67.02 ? 101  ASP A CB  1 
ATOM   798  C  CG  . ASP A 1 114 ? -11.296 -10.544 5.348   1.00   69.20 ? 101  ASP A CG  1 
ATOM   799  O  OD1 . ASP A 1 114 ? -12.326 -10.481 6.029   1.00   86.08 ? 101  ASP A OD1 1 
ATOM   800  O  OD2 . ASP A 1 114 ? -11.323 -10.874 4.119   1.00   70.98 ? 101  ASP A OD2 1 
ATOM   801  N  N   . ALA A 1 115 ? -8.278  -8.848  3.980   1.00   63.59 ? 102  ALA A N   1 
ATOM   802  C  CA  . ALA A 1 115 ? -7.680  -8.424  2.750   1.00   63.93 ? 102  ALA A CA  1 
ATOM   803  C  C   . ALA A 1 115 ? -8.541  -8.710  1.500   1.00   66.00 ? 102  ALA A C   1 
ATOM   804  O  O   . ALA A 1 115 ? -8.479  -7.969  0.512   1.00   67.37 ? 102  ALA A O   1 
ATOM   805  C  CB  . ALA A 1 115 ? -6.315  -9.016  2.642   1.00   62.03 ? 102  ALA A CB  1 
ATOM   806  N  N   . ALA A 1 116 ? -9.364  -9.758  1.553   1.00   67.28 ? 103  ALA A N   1 
ATOM   807  C  CA  . ALA A 1 116 ? -10.213 -10.180 0.431   1.00   67.54 ? 103  ALA A CA  1 
ATOM   808  C  C   . ALA A 1 116 ? -11.243 -9.121  -0.042  1.00   69.27 ? 103  ALA A C   1 
ATOM   809  O  O   . ALA A 1 116 ? -11.497 -8.995  -1.262  1.00   70.33 ? 103  ALA A O   1 
ATOM   810  C  CB  . ALA A 1 116 ? -10.937 -11.438 0.816   1.00   68.73 ? 103  ALA A CB  1 
ATOM   811  N  N   . MET A 1 117 ? -11.861 -8.419  0.933   1.00   67.37 ? 104  MET A N   1 
ATOM   812  C  CA  . MET A 1 117 ? -12.676 -7.229  0.724   1.00   64.08 ? 104  MET A CA  1 
ATOM   813  C  C   . MET A 1 117 ? -12.047 -6.227  -0.236  1.00   63.70 ? 104  MET A C   1 
ATOM   814  O  O   . MET A 1 117 ? -12.769 -5.412  -0.809  1.00   64.07 ? 104  MET A O   1 
ATOM   815  C  CB  . MET A 1 117 ? -13.007 -6.568  2.073   1.00   62.90 ? 104  MET A CB  1 
ATOM   816  C  CG  . MET A 1 117 ? -13.779 -7.504  2.940   1.00   65.04 ? 104  MET A CG  1 
ATOM   817  S  SD  . MET A 1 117 ? -14.112 -6.961  4.589   1.00   69.23 ? 104  MET A SD  1 
ATOM   818  C  CE  . MET A 1 117 ? -15.802 -6.378  4.731   1.00   65.40 ? 104  MET A CE  1 
ATOM   819  N  N   . PHE A 1 118 ? -10.719 -6.312  -0.415  1.00   63.58 ? 105  PHE A N   1 
ATOM   820  C  CA  . PHE A 1 118 ? -9.902  -5.353  -1.229  1.00   64.05 ? 105  PHE A CA  1 
ATOM   821  C  C   . PHE A 1 118 ? -9.145  -6.023  -2.378  1.00   64.70 ? 105  PHE A C   1 
ATOM   822  O  O   . PHE A 1 118 ? -8.247  -5.433  -2.986  1.00   65.00 ? 105  PHE A O   1 
ATOM   823  C  CB  . PHE A 1 118 ? -8.943  -4.523  -0.346  1.00   60.47 ? 105  PHE A CB  1 
ATOM   824  C  CG  . PHE A 1 118 ? -9.652  -3.564  0.536   1.00   59.58 ? 105  PHE A CG  1 
ATOM   825  C  CD1 . PHE A 1 118 ? -9.970  -3.910  1.847   1.00   58.50 ? 105  PHE A CD1 1 
ATOM   826  C  CD2 . PHE A 1 118 ? -10.094 -2.335  0.034   1.00   57.43 ? 105  PHE A CD2 1 
ATOM   827  C  CE1 . PHE A 1 118 ? -10.668 -3.009  2.679   1.00   64.14 ? 105  PHE A CE1 1 
ATOM   828  C  CE2 . PHE A 1 118 ? -10.809 -1.428  0.828   1.00   57.86 ? 105  PHE A CE2 1 
ATOM   829  C  CZ  . PHE A 1 118 ? -11.101 -1.745  2.139   1.00   64.44 ? 105  PHE A CZ  1 
ATOM   830  N  N   . SER A 1 119 ? -9.546  -7.251  -2.677  1.00   64.80 ? 106  SER A N   1 
ATOM   831  C  CA  . SER A 1 119 ? -8.921  -8.054  -3.712  1.00   66.28 ? 106  SER A CA  1 
ATOM   832  C  C   . SER A 1 119 ? -8.486  -7.258  -4.970  1.00   67.80 ? 106  SER A C   1 
ATOM   833  O  O   . SER A 1 119 ? -7.346  -7.364  -5.427  1.00   68.32 ? 106  SER A O   1 
ATOM   834  C  CB  . SER A 1 119 ? -9.805  -9.286  -4.018  1.00   66.08 ? 106  SER A CB  1 
ATOM   835  O  OG  . SER A 1 119 ? -10.997 -8.969  -4.740  1.00   64.95 ? 106  SER A OG  1 
ATOM   836  N  N   . GLU A 1 120 ? -9.378  -6.409  -5.475  1.00   70.35 ? 107  GLU A N   1 
ATOM   837  C  CA  . GLU A 1 120 ? -9.180  -5.651  -6.729  1.00   71.10 ? 107  GLU A CA  1 
ATOM   838  C  C   . GLU A 1 120 ? -8.122  -4.607  -6.626  1.00   71.84 ? 107  GLU A C   1 
ATOM   839  O  O   . GLU A 1 120 ? -7.401  -4.365  -7.617  1.00   72.86 ? 107  GLU A O   1 
ATOM   840  C  CB  . GLU A 1 120 ? -10.492 -5.024  -7.209  1.00   70.40 ? 107  GLU A CB  1 
ATOM   841  C  CG  . GLU A 1 120 ? -11.532 -6.056  -7.406  1.00   72.56 ? 107  GLU A CG  1 
ATOM   842  C  CD  . GLU A 1 120 ? -11.058 -7.191  -8.348  1.00   77.70 ? 107  GLU A CD  1 
ATOM   843  O  OE1 . GLU A 1 120 ? -11.383 -7.096  -9.556  1.00   83.04 ? 107  GLU A OE1 1 
ATOM   844  O  OE2 . GLU A 1 120 ? -10.391 -8.173  -7.888  1.00   70.81 ? 107  GLU A OE2 1 
ATOM   845  N  N   . VAL A 1 121 ? -8.015  -4.010  -5.429  1.00   72.10 ? 108  VAL A N   1 
ATOM   846  C  CA  . VAL A 1 121 ? -6.858  -3.165  -5.082  1.00   71.58 ? 108  VAL A CA  1 
ATOM   847  C  C   . VAL A 1 121 ? -5.518  -3.962  -5.146  1.00   70.96 ? 108  VAL A C   1 
ATOM   848  O  O   . VAL A 1 121 ? -4.553  -3.541  -5.787  1.00   72.33 ? 108  VAL A O   1 
ATOM   849  C  CB  . VAL A 1 121 ? -7.041  -2.436  -3.705  1.00   73.13 ? 108  VAL A CB  1 
ATOM   850  C  CG1 . VAL A 1 121 ? -5.802  -1.607  -3.349  1.00   70.37 ? 108  VAL A CG1 1 
ATOM   851  C  CG2 . VAL A 1 121 ? -8.321  -1.554  -3.726  1.00   70.34 ? 108  VAL A CG2 1 
ATOM   852  N  N   . ILE A 1 122 ? -5.508  -5.138  -4.534  1.00   69.31 ? 109  ILE A N   1 
ATOM   853  C  CA  . ILE A 1 122 ? -4.340  -6.018  -4.492  1.00   65.73 ? 109  ILE A CA  1 
ATOM   854  C  C   . ILE A 1 122 ? -3.945  -6.340  -5.915  1.00   65.41 ? 109  ILE A C   1 
ATOM   855  O  O   . ILE A 1 122 ? -2.751  -6.300  -6.281  1.00   64.08 ? 109  ILE A O   1 
ATOM   856  C  CB  . ILE A 1 122 ? -4.654  -7.306  -3.654  1.00   66.21 ? 109  ILE A CB  1 
ATOM   857  C  CG1 . ILE A 1 122 ? -4.810  -6.916  -2.169  1.00   58.14 ? 109  ILE A CG1 1 
ATOM   858  C  CG2 . ILE A 1 122 ? -3.627  -8.461  -3.938  1.00   61.79 ? 109  ILE A CG2 1 
ATOM   859  C  CD1 . ILE A 1 122 ? -5.636  -7.844  -1.378  1.00   62.80 ? 109  ILE A CD1 1 
ATOM   860  N  N   . ASP A 1 123 ? -4.965  -6.598  -6.726  1.00   65.29 ? 110  ASP A N   1 
ATOM   861  C  CA  . ASP A 1 123 ? -4.774  -6.913  -8.126  1.00   65.48 ? 110  ASP A CA  1 
ATOM   862  C  C   . ASP A 1 123 ? -4.036  -5.789  -8.827  1.00   65.56 ? 110  ASP A C   1 
ATOM   863  O  O   . ASP A 1 123 ? -3.198  -6.052  -9.682  1.00   66.78 ? 110  ASP A O   1 
ATOM   864  C  CB  . ASP A 1 123 ? -6.117  -7.128  -8.819  1.00   66.57 ? 110  ASP A CB  1 
ATOM   865  C  CG  . ASP A 1 123 ? -6.815  -8.362  -8.364  1.00   64.87 ? 110  ASP A CG  1 
ATOM   866  O  OD1 . ASP A 1 123 ? -6.347  -8.992  -7.404  1.00   73.72 ? 110  ASP A OD1 1 
ATOM   867  O  OD2 . ASP A 1 123 ? -7.846  -8.715  -8.980  1.00   73.79 ? 110  ASP A OD2 1 
ATOM   868  N  N   . GLY A 1 124 ? -4.394  -4.544  -8.493  1.00   65.38 ? 111  GLY A N   1 
ATOM   869  C  CA  . GLY A 1 124 ? -3.705  -3.364  -9.007  1.00   64.37 ? 111  GLY A CA  1 
ATOM   870  C  C   . GLY A 1 124 ? -2.341  -3.056  -8.403  1.00   62.76 ? 111  GLY A C   1 
ATOM   871  O  O   . GLY A 1 124 ? -1.482  -2.539  -9.098  1.00   62.58 ? 111  GLY A O   1 
ATOM   872  N  N   . ILE A 1 125 ? -2.149  -3.318  -7.112  1.00   63.76 ? 112  ILE A N   1 
ATOM   873  C  CA  . ILE A 1 125 ? -0.801  -3.214  -6.466  1.00   63.71 ? 112  ILE A CA  1 
ATOM   874  C  C   . ILE A 1 125 ? 0.175   -4.274  -6.974  1.00   64.53 ? 112  ILE A C   1 
ATOM   875  O  O   . ILE A 1 125 ? 1.354   -4.042  -6.949  1.00   65.96 ? 112  ILE A O   1 
ATOM   876  C  CB  . ILE A 1 125 ? -0.855  -3.374  -4.936  1.00   64.54 ? 112  ILE A CB  1 
ATOM   877  C  CG1 . ILE A 1 125 ? -1.503  -2.169  -4.277  1.00   62.46 ? 112  ILE A CG1 1 
ATOM   878  C  CG2 . ILE A 1 125 ? 0.555   -3.745  -4.317  1.00   55.69 ? 112  ILE A CG2 1 
ATOM   879  C  CD1 . ILE A 1 125 ? -2.350  -2.529  -2.957  1.00   68.03 ? 112  ILE A CD1 1 
ATOM   880  N  N   . VAL A 1 126 ? -0.310  -5.445  -7.398  1.00   67.83 ? 113  VAL A N   1 
ATOM   881  C  CA  . VAL A 1 126 ? 0.576   -6.542  -7.924  1.00   68.26 ? 113  VAL A CA  1 
ATOM   882  C  C   . VAL A 1 126 ? 0.710   -6.618  -9.443  1.00   69.13 ? 113  VAL A C   1 
ATOM   883  O  O   . VAL A 1 126 ? 1.475   -7.435  -9.956  1.00   69.83 ? 113  VAL A O   1 
ATOM   884  C  CB  . VAL A 1 126 ? 0.234   -7.993  -7.354  1.00   67.94 ? 113  VAL A CB  1 
ATOM   885  C  CG1 . VAL A 1 126 ? 0.305   -8.006  -5.846  1.00   63.95 ? 113  VAL A CG1 1 
ATOM   886  C  CG2 . VAL A 1 126 ? -1.080  -8.496  -7.875  1.00   61.14 ? 113  VAL A CG2 1 
ATOM   887  N  N   . ALA A 1 127 ? -0.045  -5.790  -10.168 1.00   70.36 ? 114  ALA A N   1 
ATOM   888  C  CA  . ALA A 1 127 ? 0.065   -5.767  -11.627 1.00   70.82 ? 114  ALA A CA  1 
ATOM   889  C  C   . ALA A 1 127 ? 1.481   -5.315  -11.997 1.00   71.61 ? 114  ALA A C   1 
ATOM   890  O  O   . ALA A 1 127 ? 2.073   -4.435  -11.320 1.00   72.87 ? 114  ALA A O   1 
ATOM   891  C  CB  . ALA A 1 127 ? -1.005  -4.862  -12.239 1.00   69.77 ? 114  ALA A CB  1 
ATOM   892  N  N   . GLU A 1 128 ? 2.028   -5.940  -13.039 1.00   71.93 ? 115  GLU A N   1 
ATOM   893  C  CA  . GLU A 1 128 ? 3.452   -5.802  -13.455 1.00   70.93 ? 115  GLU A CA  1 
ATOM   894  C  C   . GLU A 1 128 ? 4.395   -6.223  -12.381 1.00   69.69 ? 115  GLU A C   1 
ATOM   895  O  O   . GLU A 1 128 ? 5.195   -5.416  -11.898 1.00   71.67 ? 115  GLU A O   1 
ATOM   896  C  CB  . GLU A 1 128 ? 3.812   -4.402  -13.934 1.00   70.07 ? 115  GLU A CB  1 
ATOM   897  C  CG  . GLU A 1 128 ? 4.234   -4.414  -15.379 1.00   77.27 ? 115  GLU A CG  1 
ATOM   898  C  CD  . GLU A 1 128 ? 3.366   -3.528  -16.220 1.00   85.66 ? 115  GLU A CD  1 
ATOM   899  O  OE1 . GLU A 1 128 ? 3.024   -3.921  -17.359 1.00   92.26 ? 115  GLU A OE1 1 
ATOM   900  O  OE2 . GLU A 1 128 ? 2.989   -2.441  -15.723 1.00   89.11 ? 115  GLU A OE2 1 
ATOM   901  N  N   . GLU A 1 129 ? 4.282   -7.495  -12.030 1.00   68.36 ? 116  GLU A N   1 
ATOM   902  C  CA  . GLU A 1 129 ? 5.072   -8.158  -11.013 1.00   66.93 ? 116  GLU A CA  1 
ATOM   903  C  C   . GLU A 1 129 ? 6.560   -7.841  -10.989 1.00   66.16 ? 116  GLU A C   1 
ATOM   904  O  O   . GLU A 1 129 ? 7.060   -7.414  -9.955  1.00   65.84 ? 116  GLU A O   1 
ATOM   905  C  CB  . GLU A 1 129 ? 4.828   -9.658  -11.050 1.00   65.74 ? 116  GLU A CB  1 
ATOM   906  C  CG  . GLU A 1 129 ? 3.971   -10.032 -9.873  1.00   72.40 ? 116  GLU A CG  1 
ATOM   907  C  CD  . GLU A 1 129 ? 3.407   -11.445 -9.896  1.00   75.18 ? 116  GLU A CD  1 
ATOM   908  O  OE1 . GLU A 1 129 ? 2.164   -11.577 -10.128 1.00   75.20 ? 116  GLU A OE1 1 
ATOM   909  O  OE2 . GLU A 1 129 ? 4.186   -12.400 -9.650  1.00   67.22 ? 116  GLU A OE2 1 
ATOM   910  N  N   . GLN A 1 130 ? 7.252   -8.056  -12.115 1.00   64.70 ? 117  GLN A N   1 
ATOM   911  C  CA  . GLN A 1 130 ? 8.719   -7.944  -12.221 1.00   62.75 ? 117  GLN A CA  1 
ATOM   912  C  C   . GLN A 1 130 ? 9.227   -6.574  -11.752 1.00   64.10 ? 117  GLN A C   1 
ATOM   913  O  O   . GLN A 1 130 ? 10.233  -6.452  -11.075 1.00   63.43 ? 117  GLN A O   1 
ATOM   914  C  CB  . GLN A 1 130 ? 9.111   -8.177  -13.670 1.00   61.80 ? 117  GLN A CB  1 
ATOM   915  C  CG  . GLN A 1 130 ? 9.738   -9.519  -13.934 1.00   67.58 ? 117  GLN A CG  1 
ATOM   916  C  CD  . GLN A 1 130 ? 9.965   -9.799  -15.433 1.00   70.44 ? 117  GLN A CD  1 
ATOM   917  O  OE1 . GLN A 1 130 ? 9.018   -9.738  -16.234 1.00   68.80 ? 117  GLN A OE1 1 
ATOM   918  N  NE2 . GLN A 1 130 ? 11.219  -10.161 -15.805 1.00   66.28 ? 117  GLN A NE2 1 
ATOM   919  N  N   . GLN A 1 131 ? 8.494   -5.532  -12.115 1.00   66.63 ? 118  GLN A N   1 
ATOM   920  C  CA  . GLN A 1 131 ? 8.732   -4.192  -11.650 1.00   66.66 ? 118  GLN A CA  1 
ATOM   921  C  C   . GLN A 1 131 ? 8.546   -4.001  -10.145 1.00   66.44 ? 118  GLN A C   1 
ATOM   922  O  O   . GLN A 1 131 ? 9.360   -3.297  -9.513  1.00   69.11 ? 118  GLN A O   1 
ATOM   923  C  CB  . GLN A 1 131 ? 7.758   -3.296  -12.348 1.00   69.17 ? 118  GLN A CB  1 
ATOM   924  C  CG  . GLN A 1 131 ? 7.957   -3.157  -13.817 1.00   70.23 ? 118  GLN A CG  1 
ATOM   925  C  CD  . GLN A 1 131 ? 7.019   -2.094  -14.339 1.00   79.01 ? 118  GLN A CD  1 
ATOM   926  O  OE1 . GLN A 1 131 ? 6.530   -1.244  -13.563 1.00   82.21 ? 118  GLN A OE1 1 
ATOM   927  N  NE2 . GLN A 1 131 ? 6.720   -2.147  -15.638 1.00   75.95 ? 118  GLN A NE2 1 
ATOM   928  N  N   . VAL A 1 132 ? 7.494   -4.588  -9.570  1.00   62.56 ? 119  VAL A N   1 
ATOM   929  C  CA  . VAL A 1 132 ? 7.192   -4.357  -8.163  1.00   62.04 ? 119  VAL A CA  1 
ATOM   930  C  C   . VAL A 1 132 ? 8.225   -5.064  -7.266  1.00   62.22 ? 119  VAL A C   1 
ATOM   931  O  O   . VAL A 1 132 ? 8.818   -4.454  -6.339  1.00   61.70 ? 119  VAL A O   1 
ATOM   932  C  CB  . VAL A 1 132 ? 5.752   -4.768  -7.763  1.00   62.01 ? 119  VAL A CB  1 
ATOM   933  C  CG1 . VAL A 1 132 ? 5.536   -4.563  -6.272  1.00   64.60 ? 119  VAL A CG1 1 
ATOM   934  C  CG2 . VAL A 1 132 ? 4.683   -3.982  -8.568  1.00   60.77 ? 119  VAL A CG2 1 
ATOM   935  N  N   . ILE A 1 133 ? 8.432   -6.344  -7.541  1.00   62.75 ? 120  ILE A N   1 
ATOM   936  C  CA  . ILE A 1 133 ? 9.517   -7.122  -6.955  1.00   63.97 ? 120  ILE A CA  1 
ATOM   937  C  C   . ILE A 1 133 ? 10.890  -6.437  -7.162  1.00   65.09 ? 120  ILE A C   1 
ATOM   938  O  O   . ILE A 1 133 ? 11.700  -6.360  -6.240  1.00   66.73 ? 120  ILE A O   1 
ATOM   939  C  CB  . ILE A 1 133 ? 9.538   -8.525  -7.560  1.00   63.72 ? 120  ILE A CB  1 
ATOM   940  C  CG1 . ILE A 1 133 ? 8.264   -9.269  -7.167  1.00   61.74 ? 120  ILE A CG1 1 
ATOM   941  C  CG2 . ILE A 1 133 ? 10.787  -9.302  -7.100  1.00   61.88 ? 120  ILE A CG2 1 
ATOM   942  C  CD1 . ILE A 1 133 ? 8.159   -10.611 -7.823  1.00   49.79 ? 120  ILE A CD1 1 
ATOM   943  N  N   . GLY A 1 134 ? 11.133  -5.938  -8.370  1.00   65.58 ? 121  GLY A N   1 
ATOM   944  C  CA  . GLY A 1 134 ? 12.360  -5.235  -8.694  1.00   67.78 ? 121  GLY A CA  1 
ATOM   945  C  C   . GLY A 1 134 ? 12.633  -4.069  -7.756  1.00   69.35 ? 121  GLY A C   1 
ATOM   946  O  O   . GLY A 1 134 ? 13.772  -3.846  -7.360  1.00   69.32 ? 121  GLY A O   1 
ATOM   947  N  N   . PHE A 1 135 ? 11.576  -3.330  -7.430  1.00   70.10 ? 122  PHE A N   1 
ATOM   948  C  CA  . PHE A 1 135 ? 11.643  -2.220  -6.534  1.00   71.65 ? 122  PHE A CA  1 
ATOM   949  C  C   . PHE A 1 135 ? 11.810  -2.681  -5.103  1.00   74.77 ? 122  PHE A C   1 
ATOM   950  O  O   . PHE A 1 135 ? 12.463  -1.993  -4.313  1.00   77.56 ? 122  PHE A O   1 
ATOM   951  C  CB  . PHE A 1 135 ? 10.349  -1.431  -6.647  1.00   71.56 ? 122  PHE A CB  1 
ATOM   952  C  CG  . PHE A 1 135 ? 10.183  -0.341  -5.618  1.00   69.66 ? 122  PHE A CG  1 
ATOM   953  C  CD1 . PHE A 1 135 ? 10.725  0.928   -5.828  1.00   66.47 ? 122  PHE A CD1 1 
ATOM   954  C  CD2 . PHE A 1 135 ? 9.406   -0.554  -4.481  1.00   69.97 ? 122  PHE A CD2 1 
ATOM   955  C  CE1 . PHE A 1 135 ? 10.555  1.944   -4.896  1.00   64.65 ? 122  PHE A CE1 1 
ATOM   956  C  CE2 . PHE A 1 135 ? 9.213   0.462   -3.539  1.00   72.07 ? 122  PHE A CE2 1 
ATOM   957  C  CZ  . PHE A 1 135 ? 9.800   1.718   -3.738  1.00   66.43 ? 122  PHE A CZ  1 
ATOM   958  N  N   . ILE A 1 136 ? 11.179  -3.798  -4.740  1.00   75.94 ? 123  ILE A N   1 
ATOM   959  C  CA  . ILE A 1 136 ? 11.144  -4.251  -3.342  1.00   76.85 ? 123  ILE A CA  1 
ATOM   960  C  C   . ILE A 1 136 ? 12.549  -4.696  -2.935  1.00   77.93 ? 123  ILE A C   1 
ATOM   961  O  O   . ILE A 1 136 ? 13.042  -4.364  -1.846  1.00   77.11 ? 123  ILE A O   1 
ATOM   962  C  CB  . ILE A 1 136 ? 10.186  -5.459  -3.182  1.00   77.65 ? 123  ILE A CB  1 
ATOM   963  C  CG1 . ILE A 1 136 ? 8.718   -5.030  -3.076  1.00   76.17 ? 123  ILE A CG1 1 
ATOM   964  C  CG2 . ILE A 1 136 ? 10.596  -6.333  -2.017  1.00   78.39 ? 123  ILE A CG2 1 
ATOM   965  C  CD1 . ILE A 1 136 ? 7.773   -6.235  -3.048  1.00   72.31 ? 123  ILE A CD1 1 
ATOM   966  N  N   . GLN A 1 137 ? 13.194  -5.438  -3.835  1.00   79.72 ? 124  GLN A N   1 
ATOM   967  C  CA  . GLN A 1 137 ? 14.458  -6.071  -3.521  1.00   81.45 ? 124  GLN A CA  1 
ATOM   968  C  C   . GLN A 1 137 ? 15.506  -5.027  -3.791  1.00   82.51 ? 124  GLN A C   1 
ATOM   969  O  O   . GLN A 1 137 ? 16.190  -4.573  -2.861  1.00   84.23 ? 124  GLN A O   1 
ATOM   970  C  CB  . GLN A 1 137 ? 14.703  -7.323  -4.382  1.00   81.89 ? 124  GLN A CB  1 
ATOM   971  C  CG  . GLN A 1 137 ? 13.601  -8.434  -4.366  1.00   83.99 ? 124  GLN A CG  1 
ATOM   972  C  CD  . GLN A 1 137 ? 13.499  -9.244  -3.062  1.00   86.39 ? 124  GLN A CD  1 
ATOM   973  O  OE1 . GLN A 1 137 ? 12.599  -10.093 -2.911  1.00   88.95 ? 124  GLN A OE1 1 
ATOM   974  N  NE2 . GLN A 1 137 ? 14.423  -9.008  -2.133  1.00   87.34 ? 124  GLN A NE2 1 
ATOM   975  N  N   . LYS A 1 138 ? 15.595  -4.596  -5.050  1.00   82.40 ? 125  LYS A N   1 
ATOM   976  C  CA  . LYS A 1 138 ? 16.673  -3.703  -5.442  1.00   82.16 ? 125  LYS A CA  1 
ATOM   977  C  C   . LYS A 1 138 ? 16.569  -2.297  -4.830  1.00   81.89 ? 125  LYS A C   1 
ATOM   978  O  O   . LYS A 1 138 ? 17.539  -1.807  -4.272  1.00   81.08 ? 125  LYS A O   1 
ATOM   979  C  CB  . LYS A 1 138 ? 16.854  -3.667  -6.961  1.00   82.53 ? 125  LYS A CB  1 
ATOM   980  C  CG  . LYS A 1 138 ? 18.139  -3.108  -7.555  0.0000 75.86 ? 125  LYS A CG  1 
ATOM   981  C  CD  . LYS A 1 138 ? 17.873  -3.048  -9.049  0.0000 20.00 ? 125  LYS A CD  1 
ATOM   982  C  CE  . LYS A 1 138 ? 19.013  -2.193  -9.575  0.0000 20.00 ? 125  LYS A CE  1 
ATOM   983  N  NZ  . LYS A 1 138 ? 18.964  -0.810  -9.024  0.0000 20.00 ? 125  LYS A NZ  1 
ATOM   984  N  N   . LYS A 1 139 ? 15.382  -1.694  -4.865  1.00   82.89 ? 126  LYS A N   1 
ATOM   985  C  CA  . LYS A 1 139 ? 15.239  -0.231  -4.789  1.00   84.16 ? 126  LYS A CA  1 
ATOM   986  C  C   . LYS A 1 139 ? 14.465  0.344   -3.598  1.00   85.37 ? 126  LYS A C   1 
ATOM   987  O  O   . LYS A 1 139 ? 14.099  1.530   -3.641  1.00   86.63 ? 126  LYS A O   1 
ATOM   988  C  CB  . LYS A 1 139 ? 14.548  0.306   -6.085  1.00   83.41 ? 126  LYS A CB  1 
ATOM   989  C  CG  . LYS A 1 139 ? 15.447  0.654   -7.279  1.00   80.00 ? 126  LYS A CG  1 
ATOM   990  C  CD  . LYS A 1 139 ? 14.203  1.090   -7.979  0.0000 20.00 ? 126  LYS A CD  1 
ATOM   991  C  CE  . LYS A 1 139 ? 14.815  1.026   -9.369  0.0000 20.00 ? 126  LYS A CE  1 
ATOM   992  N  NZ  . LYS A 1 139 ? 14.051  1.848   -10.350 0.0000 20.00 ? 126  LYS A NZ  1 
ATOM   993  N  N   . CYS A 1 140 ? 14.123  -0.434  -2.581  1.00   86.94 ? 127  CYS A N   1 
ATOM   994  C  CA  . CYS A 1 140 ? 13.040  0.095   -1.707  1.00   89.88 ? 127  CYS A CA  1 
ATOM   995  C  C   . CYS A 1 140 ? 13.484  1.055   -0.595  1.00   92.68 ? 127  CYS A C   1 
ATOM   996  O  O   . CYS A 1 140 ? 12.666  1.905   -0.127  1.00   93.59 ? 127  CYS A O   1 
ATOM   997  C  CB  . CYS A 1 140 ? 12.066  -0.955  -1.128  1.00   88.83 ? 127  CYS A CB  1 
ATOM   998  S  SG  . CYS A 1 140 ? 10.834  -0.084  -0.015  1.00   86.54 ? 127  CYS A SG  1 
ATOM   999  N  N   . LYS A 1 141 ? 14.756  0.925   -0.191  1.00   93.50 ? 128  LYS A N   1 
ATOM   1000 C  CA  . LYS A 1 141 ? 15.267  1.634   0.979   1.00   93.51 ? 128  LYS A CA  1 
ATOM   1001 C  C   . LYS A 1 141 ? 16.495  2.495   0.689   1.00   94.10 ? 128  LYS A C   1 
ATOM   1002 O  O   . LYS A 1 141 ? 16.690  3.534   1.334   1.00   94.61 ? 128  LYS A O   1 
ATOM   1003 C  CB  . LYS A 1 141 ? 15.537  0.666   2.144   1.00   93.09 ? 128  LYS A CB  1 
ATOM   1004 C  CG  . LYS A 1 141 ? 15.983  -0.759  1.750   1.00   92.03 ? 128  LYS A CG  1 
ATOM   1005 C  CD  . LYS A 1 141 ? 14.797  -1.733  1.512   1.00   86.79 ? 128  LYS A CD  1 
ATOM   1006 C  CE  . LYS A 1 141 ? 13.827  -1.795  2.709   1.00   77.71 ? 128  LYS A CE  1 
ATOM   1007 N  NZ  . LYS A 1 141 ? 13.276  -3.149  2.860   1.00   71.70 ? 128  LYS A NZ  1 
ATOM   1008 N  N   . SER B 2 2   ? -16.452 14.721  -6.034  1.00   61.54 ? 68   SER B N   1 
ATOM   1009 C  CA  . SER B 2 2   ? -15.640 13.948  -5.027  1.00   62.88 ? 68   SER B CA  1 
ATOM   1010 C  C   . SER B 2 2   ? -14.504 14.764  -4.398  1.00   64.11 ? 68   SER B C   1 
ATOM   1011 O  O   . SER B 2 2   ? -14.666 15.274  -3.283  1.00   64.94 ? 68   SER B O   1 
ATOM   1012 C  CB  . SER B 2 2   ? -15.065 12.665  -5.642  1.00   62.27 ? 68   SER B CB  1 
ATOM   1013 O  OG  . SER B 2 2   ? -13.972 12.186  -4.891  1.00   56.05 ? 68   SER B OG  1 
ATOM   1014 N  N   . SER B 2 3   ? -13.366 14.850  -5.116  1.00   64.01 ? 69   SER B N   1 
ATOM   1015 C  CA  . SER B 2 3   ? -12.173 15.590  -4.698  1.00   63.71 ? 69   SER B CA  1 
ATOM   1016 C  C   . SER B 2 3   ? -11.482 14.851  -3.573  1.00   64.78 ? 69   SER B C   1 
ATOM   1017 O  O   . SER B 2 3   ? -10.291 15.076  -3.326  1.00   64.95 ? 69   SER B O   1 
ATOM   1018 C  CB  . SER B 2 3   ? -12.514 17.031  -4.274  1.00   64.23 ? 69   SER B CB  1 
ATOM   1019 O  OG  . SER B 2 3   ? -11.475 17.620  -3.496  1.00   64.80 ? 69   SER B OG  1 
ATOM   1020 N  N   . THR B 2 4   ? -12.217 13.960  -2.896  1.00   64.35 ? 70   THR B N   1 
ATOM   1021 C  CA  . THR B 2 4   ? -11.617 13.165  -1.837  1.00   64.34 ? 70   THR B CA  1 
ATOM   1022 C  C   . THR B 2 4   ? -10.628 12.164  -2.482  1.00   64.86 ? 70   THR B C   1 
ATOM   1023 O  O   . THR B 2 4   ? -9.527  11.950  -1.976  1.00   64.79 ? 70   THR B O   1 
ATOM   1024 C  CB  . THR B 2 4   ? -12.687 12.539  -0.866  1.00   62.72 ? 70   THR B CB  1 
ATOM   1025 O  OG1 . THR B 2 4   ? -12.349 11.175  -0.532  1.00   67.18 ? 70   THR B OG1 1 
ATOM   1026 C  CG2 . THR B 2 4   ? -14.059 12.560  -1.486  1.00   66.53 ? 70   THR B CG2 1 
ATOM   1027 N  N   . MET B 2 5   ? -11.024 11.585  -3.618  1.00   64.87 ? 71   MET B N   1 
ATOM   1028 C  CA  . MET B 2 5   ? -10.189 10.619  -4.282  1.00   63.96 ? 71   MET B CA  1 
ATOM   1029 C  C   . MET B 2 5   ? -9.076  11.230  -5.130  1.00   64.74 ? 71   MET B C   1 
ATOM   1030 O  O   . MET B 2 5   ? -8.034  10.635  -5.256  1.00   66.44 ? 71   MET B O   1 
ATOM   1031 C  CB  . MET B 2 5   ? -10.986 9.468   -4.933  1.00   63.08 ? 71   MET B CB  1 
ATOM   1032 C  CG  . MET B 2 5   ? -11.795 9.683   -6.191  1.00   62.42 ? 71   MET B CG  1 
ATOM   1033 S  SD  . MET B 2 5   ? -13.190 8.468   -6.326  1.00   65.26 ? 71   MET B SD  1 
ATOM   1034 C  CE  . MET B 2 5   ? -12.628 7.169   -7.444  1.00   50.37 ? 71   MET B CE  1 
ATOM   1035 N  N   . GLY B 2 6   ? -9.251  12.449  -5.626  1.00   65.80 ? 72   GLY B N   1 
ATOM   1036 C  CA  . GLY B 2 6   ? -8.142  13.199  -6.215  1.00   65.65 ? 72   GLY B CA  1 
ATOM   1037 C  C   . GLY B 2 6   ? -7.038  13.445  -5.186  1.00   66.50 ? 72   GLY B C   1 
ATOM   1038 O  O   . GLY B 2 6   ? -5.819  13.253  -5.474  1.00   66.37 ? 72   GLY B O   1 
ATOM   1039 N  N   . GLN B 2 7   ? -7.466  13.838  -3.976  1.00   65.17 ? 73   GLN B N   1 
ATOM   1040 C  CA  . GLN B 2 7   ? -6.550  14.134  -2.890  1.00   64.31 ? 73   GLN B CA  1 
ATOM   1041 C  C   . GLN B 2 7   ? -5.625  13.000  -2.559  1.00   64.74 ? 73   GLN B C   1 
ATOM   1042 O  O   . GLN B 2 7   ? -4.405  13.175  -2.665  1.00   66.71 ? 73   GLN B O   1 
ATOM   1043 C  CB  . GLN B 2 7   ? -7.276  14.623  -1.655  1.00   63.13 ? 73   GLN B CB  1 
ATOM   1044 C  CG  . GLN B 2 7   ? -7.684  16.041  -1.842  1.00   65.45 ? 73   GLN B CG  1 
ATOM   1045 C  CD  . GLN B 2 7   ? -8.056  16.713  -0.560  1.00   70.67 ? 73   GLN B CD  1 
ATOM   1046 O  OE1 . GLN B 2 7   ? -7.222  17.388  0.072   1.00   73.37 ? 73   GLN B OE1 1 
ATOM   1047 N  NE2 . GLN B 2 7   ? -9.326  16.576  -0.172  1.00   69.12 ? 73   GLN B NE2 1 
ATOM   1048 N  N   . VAL B 2 8   ? -6.215  11.852  -2.173  1.00   63.08 ? 74   VAL B N   1 
ATOM   1049 C  CA  . VAL B 2 8   ? -5.480  10.640  -1.850  1.00   61.09 ? 74   VAL B CA  1 
ATOM   1050 C  C   . VAL B 2 8   ? -4.433  10.345  -2.920  1.00   60.29 ? 74   VAL B C   1 
ATOM   1051 O  O   . VAL B 2 8   ? -3.293  9.956   -2.610  1.00   60.32 ? 74   VAL B O   1 
ATOM   1052 C  CB  . VAL B 2 8   ? -6.413  9.412   -1.720  1.00   60.57 ? 74   VAL B CB  1 
ATOM   1053 C  CG1 . VAL B 2 8   ? -5.605  8.153   -1.722  1.00   55.74 ? 74   VAL B CG1 1 
ATOM   1054 C  CG2 . VAL B 2 8   ? -7.242  9.485   -0.460  1.00   63.31 ? 74   VAL B CG2 1 
ATOM   1055 N  N   . GLY B 2 9   ? -4.865  10.497  -4.168  1.00   59.07 ? 75   GLY B N   1 
ATOM   1056 C  CA  . GLY B 2 9   ? -4.082  10.219  -5.362  1.00   59.46 ? 75   GLY B CA  1 
ATOM   1057 C  C   . GLY B 2 9   ? -2.902  11.135  -5.455  1.00   60.27 ? 75   GLY B C   1 
ATOM   1058 O  O   . GLY B 2 9   ? -1.786  10.684  -5.678  1.00   62.57 ? 75   GLY B O   1 
ATOM   1059 N  N   . ARG B 2 10  ? -3.175  12.430  -5.280  1.00   60.82 ? 76   ARG B N   1 
ATOM   1060 C  CA  . ARG B 2 10  ? -2.180  13.431  -5.092  1.00   58.87 ? 76   ARG B CA  1 
ATOM   1061 C  C   . ARG B 2 10  ? -1.168  13.037  -4.056  1.00   61.03 ? 76   ARG B C   1 
ATOM   1062 O  O   . ARG B 2 10  ? 0.014   12.943  -4.352  1.00   63.01 ? 76   ARG B O   1 
ATOM   1063 C  CB  . ARG B 2 10  ? -2.865  14.660  -4.607  1.00   61.98 ? 76   ARG B CB  1 
ATOM   1064 C  CG  . ARG B 2 10  ? -2.383  15.936  -5.301  1.00   59.73 ? 76   ARG B CG  1 
ATOM   1065 C  CD  . ARG B 2 10  ? -3.011  17.101  -4.602  1.00   68.47 ? 76   ARG B CD  1 
ATOM   1066 N  NE  . ARG B 2 10  ? -4.490  17.011  -4.637  1.00   77.68 ? 76   ARG B NE  1 
ATOM   1067 C  CZ  . ARG B 2 10  ? -5.249  17.477  -5.786  1.00   80.29 ? 76   ARG B CZ  1 
ATOM   1068 N  NH1 . ARG B 2 10  ? -4.792  17.826  -7.057  1.00   82.65 ? 76   ARG B NH1 1 
ATOM   1069 N  NH2 . ARG B 2 10  ? -6.585  17.403  -5.689  1.00   82.28 ? 76   ARG B NH2 1 
ATOM   1070 N  N   . GLN B 2 11  ? -1.639  12.783  -2.838  1.00   61.15 ? 77   GLN B N   1 
ATOM   1071 C  CA  . GLN B 2 11  ? -0.802  12.360  -1.723  1.00   59.38 ? 77   GLN B CA  1 
ATOM   1072 C  C   . GLN B 2 11  ? 0.005   11.072  -1.922  1.00   60.09 ? 77   GLN B C   1 
ATOM   1073 O  O   . GLN B 2 11  ? 1.112   10.963  -1.434  1.00   60.24 ? 77   GLN B O   1 
ATOM   1074 C  CB  . GLN B 2 11  ? -1.645  12.190  -0.480  1.00   59.16 ? 77   GLN B CB  1 
ATOM   1075 C  CG  . GLN B 2 11  ? -2.249  13.390  0.026   1.00   58.45 ? 77   GLN B CG  1 
ATOM   1076 C  CD  . GLN B 2 11  ? -1.205  14.326  0.534   1.00   67.90 ? 77   GLN B CD  1 
ATOM   1077 O  OE1 . GLN B 2 11  ? -0.092  13.918  0.881   1.00   72.46 ? 77   GLN B OE1 1 
ATOM   1078 N  NE2 . GLN B 2 11  ? -1.539  15.604  0.563   1.00   69.20 ? 77   GLN B NE2 1 
ATOM   1079 N  N   . LEU B 2 12  ? -0.580  10.055  -2.531  1.00   60.84 ? 78   LEU B N   1 
ATOM   1080 C  CA  . LEU B 2 12  ? 0.195   8.873   -2.851  1.00   62.07 ? 78   LEU B CA  1 
ATOM   1081 C  C   . LEU B 2 12  ? 1.344   9.122   -3.889  1.00   63.01 ? 78   LEU B C   1 
ATOM   1082 O  O   . LEU B 2 12  ? 2.442   8.610   -3.732  1.00   65.52 ? 78   LEU B O   1 
ATOM   1083 C  CB  . LEU B 2 12  ? -0.712  7.701   -3.234  1.00   61.86 ? 78   LEU B CB  1 
ATOM   1084 C  CG  . LEU B 2 12  ? -1.380  7.049   -2.019  1.00   63.24 ? 78   LEU B CG  1 
ATOM   1085 C  CD1 . LEU B 2 12  ? -2.513  6.238   -2.416  1.00   66.83 ? 78   LEU B CD1 1 
ATOM   1086 C  CD2 . LEU B 2 12  ? -0.437  6.202   -1.244  1.00   60.87 ? 78   LEU B CD2 1 
ATOM   1087 N  N   . ALA B 2 13  ? 1.089   9.908   -4.918  1.00   62.24 ? 79   ALA B N   1 
ATOM   1088 C  CA  . ALA B 2 13  ? 2.084   10.260  -5.914  1.00   62.10 ? 79   ALA B CA  1 
ATOM   1089 C  C   . ALA B 2 13  ? 3.262   10.993  -5.280  1.00   63.31 ? 79   ALA B C   1 
ATOM   1090 O  O   . ALA B 2 13  ? 4.427   10.778  -5.665  1.00   64.60 ? 79   ALA B O   1 
ATOM   1091 C  CB  . ALA B 2 13  ? 1.442   11.171  -6.980  1.00   60.28 ? 79   ALA B CB  1 
ATOM   1092 N  N   . ILE B 2 14  ? 2.944   11.909  -4.360  1.00   62.33 ? 80   ILE B N   1 
ATOM   1093 C  CA  . ILE B 2 14  ? 3.949   12.620  -3.594  1.00   59.48 ? 80   ILE B CA  1 
ATOM   1094 C  C   . ILE B 2 14  ? 4.890   11.632  -2.922  1.00   61.02 ? 80   ILE B C   1 
ATOM   1095 O  O   . ILE B 2 14  ? 6.097   11.700  -3.170  1.00   61.99 ? 80   ILE B O   1 
ATOM   1096 C  CB  . ILE B 2 14  ? 3.316   13.623  -2.601  1.00   58.50 ? 80   ILE B CB  1 
ATOM   1097 C  CG1 . ILE B 2 14  ? 2.832   14.845  -3.360  1.00   54.63 ? 80   ILE B CG1 1 
ATOM   1098 C  CG2 . ILE B 2 14  ? 4.295   14.092  -1.527  1.00   56.09 ? 80   ILE B CG2 1 
ATOM   1099 C  CD1 . ILE B 2 14  ? 1.817   15.588  -2.589  1.00   60.44 ? 80   ILE B CD1 1 
ATOM   1100 N  N   . ILE B 2 15  ? 4.353   10.697  -2.121  1.00   60.86 ? 81   ILE B N   1 
ATOM   1101 C  CA  . ILE B 2 15  ? 5.182   9.768   -1.353  1.00   59.80 ? 81   ILE B CA  1 
ATOM   1102 C  C   . ILE B 2 15  ? 6.063   8.987   -2.331  1.00   59.80 ? 81   ILE B C   1 
ATOM   1103 O  O   . ILE B 2 15  ? 7.287   8.974   -2.220  1.00   59.67 ? 81   ILE B O   1 
ATOM   1104 C  CB  . ILE B 2 15  ? 4.316   8.801   -0.494  1.00   62.00 ? 81   ILE B CB  1 
ATOM   1105 C  CG1 . ILE B 2 15  ? 3.687   9.537   0.699   1.00   60.14 ? 81   ILE B CG1 1 
ATOM   1106 C  CG2 . ILE B 2 15  ? 5.101   7.559   0.010   1.00   56.18 ? 81   ILE B CG2 1 
ATOM   1107 C  CD1 . ILE B 2 15  ? 2.376   8.841   1.150   1.00   60.20 ? 81   ILE B CD1 1 
ATOM   1108 N  N   . GLY B 2 16  ? 5.427   8.380   -3.315  1.00   59.29 ? 82   GLY B N   1 
ATOM   1109 C  CA  . GLY B 2 16  ? 6.121   7.623   -4.326  1.00   60.44 ? 82   GLY B CA  1 
ATOM   1110 C  C   . GLY B 2 16  ? 6.973   8.458   -5.253  1.00   60.60 ? 82   GLY B C   1 
ATOM   1111 O  O   . GLY B 2 16  ? 7.562   7.924   -6.176  1.00   61.12 ? 82   GLY B O   1 
ATOM   1112 N  N   . ASP B 2 17  ? 7.035   9.765   -5.022  1.00   60.97 ? 83   ASP B N   1 
ATOM   1113 C  CA  . ASP B 2 17  ? 7.957   10.627  -5.752  1.00   61.40 ? 83   ASP B CA  1 
ATOM   1114 C  C   . ASP B 2 17  ? 9.219   10.938  -4.933  1.00   60.92 ? 83   ASP B C   1 
ATOM   1115 O  O   . ASP B 2 17  ? 10.325  10.954  -5.472  1.00   61.40 ? 83   ASP B O   1 
ATOM   1116 C  CB  . ASP B 2 17  ? 7.261   11.898  -6.190  1.00   61.64 ? 83   ASP B CB  1 
ATOM   1117 C  CG  . ASP B 2 17  ? 7.685   12.333  -7.563  1.00   68.17 ? 83   ASP B CG  1 
ATOM   1118 O  OD1 . ASP B 2 17  ? 6.906   12.063  -8.490  1.00   75.29 ? 83   ASP B OD1 1 
ATOM   1119 O  OD2 . ASP B 2 17  ? 8.786   12.922  -7.732  1.00   69.67 ? 83   ASP B OD2 1 
ATOM   1120 N  N   . ASP B 2 18  ? 9.048   11.164  -3.631  1.00   60.77 ? 84   ASP B N   1 
ATOM   1121 C  CA  . ASP B 2 18  ? 10.160  11.178  -2.684  1.00   61.08 ? 84   ASP B CA  1 
ATOM   1122 C  C   . ASP B 2 18  ? 10.827  9.802   -2.628  1.00   60.62 ? 84   ASP B C   1 
ATOM   1123 O  O   . ASP B 2 18  ? 11.935  9.686   -2.141  1.00   61.58 ? 84   ASP B O   1 
ATOM   1124 C  CB  . ASP B 2 18  ? 9.698   11.587  -1.272  1.00   61.21 ? 84   ASP B CB  1 
ATOM   1125 C  CG  . ASP B 2 18  ? 10.838  12.187  -0.412  1.00   65.46 ? 84   ASP B CG  1 
ATOM   1126 O  OD1 . ASP B 2 18  ? 11.262  13.335  -0.707  1.00   65.99 ? 84   ASP B OD1 1 
ATOM   1127 O  OD2 . ASP B 2 18  ? 11.292  11.547  0.582   1.00   66.03 ? 84   ASP B OD2 1 
ATOM   1128 N  N   . ILE B 2 19  ? 10.157  8.767   -3.115  1.00   59.67 ? 85   ILE B N   1 
ATOM   1129 C  CA  . ILE B 2 19  ? 10.773  7.456   -3.220  1.00   61.43 ? 85   ILE B CA  1 
ATOM   1130 C  C   . ILE B 2 19  ? 11.433  7.241   -4.607  1.00   63.05 ? 85   ILE B C   1 
ATOM   1131 O  O   . ILE B 2 19  ? 12.647  7.393   -4.768  1.00   61.45 ? 85   ILE B O   1 
ATOM   1132 C  CB  . ILE B 2 19  ? 9.740   6.311   -2.941  1.00   60.86 ? 85   ILE B CB  1 
ATOM   1133 C  CG1 . ILE B 2 19  ? 9.253   6.313   -1.494  1.00   59.11 ? 85   ILE B CG1 1 
ATOM   1134 C  CG2 . ILE B 2 19  ? 10.363  4.951   -3.178  1.00   61.54 ? 85   ILE B CG2 1 
ATOM   1135 C  CD1 . ILE B 2 19  ? 8.004   5.473   -1.313  1.00   53.29 ? 85   ILE B CD1 1 
ATOM   1136 N  N   . ASN B 2 20  ? 10.587  6.853   -5.573  1.00   65.94 ? 86   ASN B N   1 
ATOM   1137 C  CA  . ASN B 2 20  ? 10.923  6.478   -6.942  1.00   66.86 ? 86   ASN B CA  1 
ATOM   1138 C  C   . ASN B 2 20  ? 11.087  7.809   -7.600  1.00   68.49 ? 86   ASN B C   1 
ATOM   1139 O  O   . ASN B 2 20  ? 10.203  8.252   -8.343  1.00   68.27 ? 86   ASN B O   1 
ATOM   1140 C  CB  . ASN B 2 20  ? 9.717   5.761   -7.587  1.00   66.58 ? 86   ASN B CB  1 
ATOM   1141 C  CG  . ASN B 2 20  ? 10.086  4.539   -8.457  1.00   68.37 ? 86   ASN B CG  1 
ATOM   1142 O  OD1 . ASN B 2 20  ? 11.260  4.259   -8.757  1.00   73.75 ? 86   ASN B OD1 1 
ATOM   1143 N  ND2 . ASN B 2 20  ? 9.056   3.802   -8.863  1.00   60.34 ? 86   ASN B ND2 1 
ATOM   1144 N  N   . ARG B 2 21  ? 12.187  8.474   -7.255  1.00   71.04 ? 87   ARG B N   1 
ATOM   1145 C  CA  . ARG B 2 21  ? 12.619  9.737   -7.869  1.00   72.99 ? 87   ARG B CA  1 
ATOM   1146 C  C   . ARG B 2 21  ? 13.676  10.418  -7.008  1.00   73.69 ? 87   ARG B C   1 
ATOM   1147 O  O   . ARG B 2 21  ? 14.670  10.939  -7.544  1.00   73.78 ? 87   ARG B O   1 
ATOM   1148 C  CB  . ARG B 2 21  ? 11.444  10.697  -8.128  1.00   73.24 ? 87   ARG B CB  1 
ATOM   1149 C  CG  . ARG B 2 21  ? 11.860  12.138  -7.798  0.0000 20.00 ? 87   ARG B CG  1 
ATOM   1150 C  CD  . ARG B 2 21  ? 10.941  12.967  -8.680  0.0000 20.00 ? 87   ARG B CD  1 
ATOM   1151 N  NE  . ARG B 2 21  ? 11.416  13.030  -10.060 0.0000 20.00 ? 87   ARG B NE  1 
ATOM   1152 C  CZ  . ARG B 2 21  ? 11.689  14.159  -10.705 0.0000 20.00 ? 87   ARG B CZ  1 
ATOM   1153 N  NH1 . ARG B 2 21  ? 11.534  15.327  -10.095 0.0000 20.00 ? 87   ARG B NH1 1 
ATOM   1154 N  NH2 . ARG B 2 21  ? 12.118  14.122  -11.959 0.0000 20.00 ? 87   ARG B NH2 1 
ATOM   1155 N  N   . ARG B 2 22  ? 13.442  10.428  -5.686  1.00   74.83 ? 88   ARG B N   1 
ATOM   1156 C  CA  . ARG B 2 22  ? 14.377  11.004  -4.719  1.00   75.44 ? 88   ARG B CA  1 
ATOM   1157 C  C   . ARG B 2 22  ? 15.647  10.160  -4.659  1.00   76.17 ? 88   ARG B C   1 
ATOM   1158 O  O   . ARG B 2 22  ? 16.710  10.550  -5.323  1.00   77.25 ? 88   ARG B O   1 
ATOM   1159 C  CB  . ARG B 2 22  ? 14.169  11.066  -3.438  0.0000 70.17 ? 88   ARG B CB  1 
ATOM   1160 C  CG  . ARG B 2 22  ? 13.541  12.430  -3.203  0.0000 20.00 ? 88   ARG B CG  1 
ATOM   1161 C  CD  . ARG B 2 22  ? 14.592  13.468  -2.847  0.0000 20.00 ? 88   ARG B CD  1 
ATOM   1162 N  NE  . ARG B 2 22  ? 13.995  14.711  -2.370  0.0000 20.00 ? 88   ARG B NE  1 
ATOM   1163 C  CZ  . ARG B 2 22  ? 14.507  15.463  -1.402  0.0000 20.00 ? 88   ARG B CZ  1 
ATOM   1164 N  NH1 . ARG B 2 22  ? 15.632  15.100  -0.802  0.0000 20.00 ? 88   ARG B NH1 1 
ATOM   1165 N  NH2 . ARG B 2 22  ? 13.894  16.579  -1.032  0.0000 20.00 ? 88   ARG B NH2 1 
ATOM   1166 N  N   . TYR B 2 23  ? 15.560  8.991   -3.976  1.00   76.53 ? 89   TYR B N   1 
ATOM   1167 C  CA  . TYR B 2 23  ? 16.732  8.108   -3.849  1.00   76.84 ? 89   TYR B CA  1 
ATOM   1168 C  C   . TYR B 2 23  ? 16.920  7.135   -5.027  1.00   76.78 ? 89   TYR B C   1 
ATOM   1169 O  O   . TYR B 2 23  ? 17.418  6.024   -4.830  1.00   77.03 ? 89   TYR B O   1 
ATOM   1170 C  CB  . TYR B 2 23  ? 16.688  7.180   -2.417  0.0000 70.00 ? 89   TYR B CB  1 
ATOM   1171 C  CG  . TYR B 2 23  ? 17.145  7.896   -1.165  0.0000 70.00 ? 89   TYR B CG  1 
ATOM   1172 C  CD1 . TYR B 2 23  ? 16.239  8.584   -0.366  0.0000 70.00 ? 89   TYR B CD1 1 
ATOM   1173 C  CD2 . TYR B 2 23  ? 18.479  7.884   -0.784  0.0000 70.00 ? 89   TYR B CD2 1 
ATOM   1174 C  CE1 . TYR B 2 23  ? 16.652  9.239   0.778   0.0000 70.00 ? 89   TYR B CE1 1 
ATOM   1175 C  CE2 . TYR B 2 23  ? 18.900  8.539   0.360   0.0000 70.00 ? 89   TYR B CE2 1 
ATOM   1176 C  CZ  . TYR B 2 23  ? 17.983  9.213   1.137   0.0000 70.00 ? 89   TYR B CZ  1 
ATOM   1177 O  OH  . TYR B 2 23  ? 18.570  10.304  2.281   1.00   51.69 ? 89   TYR B OH  1 
ATOM   1178 N  N   . ASP B 2 24  ? 16.510  7.548   -6.234  1.00   76.62 ? 90   ASP B N   1 
ATOM   1179 C  CA  . ASP B 2 24  ? 16.698  6.759   -7.473  1.00   75.86 ? 90   ASP B CA  1 
ATOM   1180 C  C   . ASP B 2 24  ? 17.731  7.453   -8.364  1.00   74.81 ? 90   ASP B C   1 
ATOM   1181 O  O   . ASP B 2 24  ? 18.922  7.450   -8.033  1.00   74.96 ? 90   ASP B O   1 
ATOM   1182 C  CB  . ASP B 2 24  ? 15.362  6.533   -8.224  1.00   76.45 ? 90   ASP B CB  1 
ATOM   1183 C  CG  . ASP B 2 24  ? 14.824  5.096   -8.075  1.00   76.47 ? 90   ASP B CG  1 
ATOM   1184 O  OD1 . ASP B 2 24  ? 13.753  4.892   -7.450  1.00   73.67 ? 90   ASP B OD1 1 
ATOM   1185 O  OD2 . ASP B 2 24  ? 14.831  4.962   -9.173  0.0000 71.91 ? 90   ASP B OD2 1 
ATOM   1186 N  N   . SER B 2 25  ? 17.288  8.037   -9.486  1.00   73.76 ? 91   SER B N   1 
ATOM   1187 C  CA  . SER B 2 25  ? 18.174  8.911   -10.276 1.00   73.29 ? 91   SER B CA  1 
ATOM   1188 C  C   . SER B 2 25  ? 17.745  10.365  -10.041 1.00   73.20 ? 91   SER B C   1 
ATOM   1189 O  O   . SER B 2 25  ? 16.549  10.637  -9.866  1.00   73.34 ? 91   SER B O   1 
ATOM   1190 C  CB  . SER B 2 25  ? 18.155  8.551   -11.772 1.00   73.16 ? 91   SER B CB  1 
ATOM   1191 O  OG  . SER B 2 25  ? 19.358  8.942   -12.413 1.00   70.41 ? 91   SER B OG  1 
ATOM   1192 N  N   . GLU B 2 26  ? 18.723  11.279  -10.018 1.00   72.29 ? 92   GLU B N   1 
ATOM   1193 C  CA  . GLU B 2 26  ? 18.520  12.686  -9.604  1.00   70.98 ? 92   GLU B CA  1 
ATOM   1194 C  C   . GLU B 2 26  ? 17.068  13.057  -9.237  1.00   70.93 ? 92   GLU B C   1 
ATOM   1195 O  O   . GLU B 2 26  ? 16.319  13.625  -10.033 1.00   71.24 ? 92   GLU B O   1 
ATOM   1196 C  CB  . GLU B 2 26  ? 19.066  13.645  -10.657 1.00   70.54 ? 92   GLU B CB  1 
ATOM   1197 C  CG  . GLU B 2 26  ? 18.511  13.421  -12.051 1.00   68.56 ? 92   GLU B CG  1 
ATOM   1198 C  CD  . GLU B 2 26  ? 19.085  14.384  -13.061 1.00   67.77 ? 92   GLU B CD  1 
ATOM   1199 O  OE1 . GLU B 2 26  ? 19.811  15.414  -12.532 1.00   67.22 ? 92   GLU B OE1 1 
ATOM   1200 O  OE2 . GLU B 2 26  ? 18.903  14.069  -14.293 1.00   65.98 ? 92   GLU B OE2 1 
ATOM   1201 O  OXT . GLU B 2 26  ? 16.600  12.787  -8.129  1.00   69.45 ? 92   GLU B OXT 1 
HETATM 1202 NA NA  . NA  C 3 .   ? -8.446  -12.396 3.265   1.00   46.58 ? 1129 NA  A NA  1 
HETATM 1203 O  O   . HOH D 4 .   ? 4.699   -15.281 -0.685  1.00   51.55 ? 2001 HOH A O   1 
HETATM 1204 O  O   . HOH D 4 .   ? 2.880   20.885  2.260   1.00   69.78 ? 2002 HOH A O   1 
HETATM 1205 O  O   . HOH D 4 .   ? 3.165   -9.097  7.897   1.00   89.97 ? 2003 HOH A O   1 
HETATM 1206 O  O   . HOH D 4 .   ? 0.509   -19.445 3.088   1.00   56.06 ? 2004 HOH A O   1 
HETATM 1207 O  O   . HOH D 4 .   ? -3.600  -4.890  8.057   1.00   65.56 ? 2005 HOH A O   1 
HETATM 1208 O  O   . HOH D 4 .   ? -4.748  -11.373 2.968   1.00   91.89 ? 2006 HOH A O   1 
HETATM 1209 O  O   . HOH D 4 .   ? 4.299   16.409  3.928   1.00   77.86 ? 2007 HOH A O   1 
HETATM 1210 O  O   . HOH D 4 .   ? 7.829   -21.554 9.478   1.00   51.90 ? 2008 HOH A O   1 
HETATM 1211 O  O   . HOH D 4 .   ? 8.006   -18.953 6.665   1.00   62.84 ? 2009 HOH A O   1 
HETATM 1212 O  O   . HOH D 4 .   ? 11.002  -17.094 12.922  1.00   74.50 ? 2010 HOH A O   1 
HETATM 1213 O  O   . HOH D 4 .   ? 19.878  -14.487 4.166   1.00   41.57 ? 2011 HOH A O   1 
HETATM 1214 O  O   . HOH D 4 .   ? 10.963  -15.311 -3.272  1.00   68.06 ? 2012 HOH A O   1 
HETATM 1215 O  O   . HOH D 4 .   ? 7.329   -15.170 0.313   1.00   61.09 ? 2013 HOH A O   1 
HETATM 1216 O  O   . HOH D 4 .   ? 7.839   -15.528 5.514   1.00   62.08 ? 2014 HOH A O   1 
HETATM 1217 O  O   . HOH D 4 .   ? 7.384   1.759   10.037  1.00   64.74 ? 2015 HOH A O   1 
HETATM 1218 O  O   . HOH D 4 .   ? 6.491   -4.628  12.205  1.00   76.73 ? 2016 HOH A O   1 
HETATM 1219 O  O   . HOH D 4 .   ? -18.603 -9.211  11.687  1.00   48.06 ? 2017 HOH A O   1 
HETATM 1220 O  O   . HOH D 4 .   ? 12.966  5.257   8.535   1.00   81.62 ? 2018 HOH A O   1 
HETATM 1221 O  O   . HOH D 4 .   ? 8.298   13.416  3.676   1.00   66.63 ? 2019 HOH A O   1 
HETATM 1222 O  O   . HOH D 4 .   ? 1.304   15.759  8.650   1.00   70.95 ? 2020 HOH A O   1 
HETATM 1223 O  O   . HOH D 4 .   ? 1.768   15.693  5.057   1.00   66.30 ? 2021 HOH A O   1 
HETATM 1224 O  O   . HOH D 4 .   ? -6.509  18.461  10.236  1.00   76.83 ? 2022 HOH A O   1 
HETATM 1225 O  O   . HOH D 4 .   ? -18.289 13.302  6.174   1.00   93.81 ? 2023 HOH A O   1 
HETATM 1226 O  O   . HOH D 4 .   ? -13.203 10.456  3.661   1.00   53.61 ? 2024 HOH A O   1 
HETATM 1227 O  O   . HOH D 4 .   ? -16.522 6.058   -5.001  1.00   48.69 ? 2025 HOH A O   1 
HETATM 1228 O  O   . HOH D 4 .   ? -14.189 -1.700  -6.077  1.00   67.31 ? 2026 HOH A O   1 
HETATM 1229 O  O   . HOH D 4 .   ? -5.577  0.687   -11.425 1.00   90.92 ? 2027 HOH A O   1 
HETATM 1230 O  O   . HOH D 4 .   ? 0.293   -1.187  -13.392 1.00   59.62 ? 2028 HOH A O   1 
HETATM 1231 O  O   . HOH D 4 .   ? -0.803  4.637   7.740   1.00   95.94 ? 2029 HOH A O   1 
HETATM 1232 O  O   . HOH D 4 .   ? -7.868  -2.674  14.699  1.00   69.83 ? 2030 HOH A O   1 
HETATM 1233 O  O   . HOH D 4 .   ? -5.523  1.217   14.229  1.00   60.38 ? 2031 HOH A O   1 
HETATM 1234 O  O   . HOH D 4 .   ? -17.278 -7.690  13.305  1.00   49.80 ? 2032 HOH A O   1 
HETATM 1235 O  O   . HOH D 4 .   ? -11.227 -13.799 2.505   1.00   97.15 ? 2033 HOH A O   1 
HETATM 1236 O  O   . HOH D 4 .   ? -13.033 -7.359  -4.095  1.00   77.61 ? 2034 HOH A O   1 
HETATM 1237 O  O   . HOH D 4 .   ? -11.772 -4.790  -4.280  1.00   68.53 ? 2035 HOH A O   1 
HETATM 1238 O  O   . HOH D 4 .   ? -1.637  -1.069  -11.667 1.00   64.51 ? 2036 HOH A O   1 
HETATM 1239 O  O   . HOH D 4 .   ? 5.436   -13.767 -7.807  1.00   55.96 ? 2037 HOH A O   1 
HETATM 1240 O  O   . HOH D 4 .   ? -0.849  -12.116 -10.021 1.00   73.84 ? 2038 HOH A O   1 
HETATM 1241 O  O   . HOH D 4 .   ? 4.465   -0.130  -12.117 1.00   60.43 ? 2039 HOH A O   1 
HETATM 1242 O  O   . HOH D 4 .   ? 11.330  -1.262  -10.455 1.00   73.70 ? 2040 HOH A O   1 
HETATM 1243 O  O   . HOH D 4 .   ? 16.868  -3.584  -0.361  1.00   61.29 ? 2041 HOH A O   1 
HETATM 1244 O  O   . HOH D 4 .   ? 11.143  1.174   -9.540  1.00   51.27 ? 2042 HOH A O   1 
HETATM 1245 O  O   . HOH D 4 .   ? 17.222  3.114   -13.606 1.00   60.52 ? 2043 HOH A O   1 
HETATM 1246 O  O   . HOH E 4 .   ? 20.600  25.658  -5.162  1.00   32.09 ? 2001 HOH B O   1 
HETATM 1247 O  O   . HOH E 4 .   ? 21.987  26.466  -7.697  1.00   63.99 ? 2002 HOH B O   1 
HETATM 1248 O  O   . HOH E 4 .   ? 15.069  23.833  -10.714 1.00   53.49 ? 2003 HOH B O   1 
HETATM 1249 O  O   . HOH E 4 .   ? 20.284  22.084  -6.463  1.00   52.47 ? 2004 HOH B O   1 
HETATM 1250 O  O   . HOH E 4 .   ? 16.077  22.353  -9.451  1.00   76.16 ? 2005 HOH B O   1 
HETATM 1251 O  O   . HOH E 4 .   ? 19.871  19.990  -10.062 1.00   67.20 ? 2006 HOH B O   1 
HETATM 1252 O  O   . HOH E 4 .   ? -6.039  17.581  3.975   1.00   71.25 ? 2007 HOH B O   1 
HETATM 1253 O  O   . HOH E 4 .   ? -4.099  16.936  -2.094  1.00   49.21 ? 2008 HOH B O   1 
HETATM 1254 O  O   . HOH E 4 .   ? -8.508  16.730  -7.395  1.00   73.17 ? 2009 HOH B O   1 
HETATM 1255 O  O   . HOH E 4 .   ? 0.102   18.658  -4.329  1.00   65.38 ? 2010 HOH B O   1 
HETATM 1256 O  O   . HOH E 4 .   ? 8.067   14.463  -9.788  1.00   70.89 ? 2011 HOH B O   1 
HETATM 1257 O  O   . HOH E 4 .   ? 6.560   16.177  -6.794  1.00   53.74 ? 2012 HOH B O   1 
HETATM 1258 O  O   . HOH E 4 .   ? 11.405  12.538  2.947   1.00   65.76 ? 2013 HOH B O   1 
HETATM 1259 O  O   . HOH E 4 .   ? 19.119  10.167  -4.554  1.00   67.01 ? 2014 HOH B O   1 
HETATM 1260 O  O   . HOH E 4 .   ? 20.655  18.660  -11.374 1.00   61.53 ? 2015 HOH B O   1 
# 
